data_9FYG
#
_entry.id   9FYG
#
_cell.length_a   1.00
_cell.length_b   1.00
_cell.length_c   1.00
_cell.angle_alpha   90.00
_cell.angle_beta   90.00
_cell.angle_gamma   90.00
#
_symmetry.space_group_name_H-M   'P 1'
#
loop_
_entity.id
_entity.type
_entity.pdbx_description
1 polymer 'Glycoprotein G2'
2 polymer 'Glycoprotein G1'
3 branched 2-acetamido-2-deoxy-beta-D-glucopyranose-(1-4)-2-acetamido-2-deoxy-beta-D-glucopyranose
4 branched alpha-D-mannopyranose-(1-3)-[alpha-D-mannopyranose-(1-6)]beta-D-mannopyranose-(1-4)-2-acetamido-2-deoxy-beta-D-glucopyranose-(1-4)-2-acetamido-2-deoxy-beta-D-glucopyranose
5 branched beta-D-mannopyranose-(1-4)-2-acetamido-2-deoxy-beta-D-glucopyranose-(1-4)-2-acetamido-2-deoxy-beta-D-glucopyranose
6 non-polymer 2-acetamido-2-deoxy-beta-D-glucopyranose
7 non-polymer 'ZINC ION'
8 water water
#
loop_
_entity_poly.entity_id
_entity_poly.type
_entity_poly.pdbx_seq_one_letter_code
_entity_poly.pdbx_strand_id
1 'polypeptide(L)'
;GIFSWTITDAVGNDMPGGYCLERWMLVTSDLKCFGNTALAKCNLDHDSEFCDMLKLFEFNKKAIETLNDNTKNKVNLLTH
SINALISDNLLMKNRLKELLNTPYCNYTKFWYVNHTASGEHSLPRCWLVRNNSYLNESEFRNDWIIESDHLLSEMLNKEY
IDRQGKTPLTLVDICFWSTLFFTTTLFLHLVGFPTHRHIRGEPCPLPHRLNSRGGCRCGKYPELKKPITWHKNHGGGSDY
KDDDDK
;
a,c,b
2 'polypeptide(L)'
;FRIGRSTELQNITFDMLKVFEDHPTSCMVNHSTYYVHENKNATWCLEVSVTDVTLLMAEHDRQVLNNLSNCVHPAVEHRS
RMVGLLEWIFRALKYDFNMDPTPLCQKQTSTVNETRVQINITEGFGSHGFEDTILQRLGVLFGSRIAFSNIQDLGKKRFL
LIRNSTWKNQCEMNHVNSMHLMLANAGRSSGSRRPL
;
A,C,B
#
loop_
_chem_comp.id
_chem_comp.type
_chem_comp.name
_chem_comp.formula
BMA D-saccharide, beta linking beta-D-mannopyranose 'C6 H12 O6'
MAN D-saccharide, alpha linking alpha-D-mannopyranose 'C6 H12 O6'
NAG D-saccharide, beta linking 2-acetamido-2-deoxy-beta-D-glucopyranose 'C8 H15 N O6'
ZN non-polymer 'ZINC ION' 'Zn 2'
#
# COMPACT_ATOMS: atom_id res chain seq x y z
N GLY A 18 -17.87 20.85 -16.59
CA GLY A 18 -17.12 19.91 -15.76
C GLY A 18 -17.90 19.44 -14.54
N TYR A 19 -17.24 18.68 -13.68
CA TYR A 19 -17.88 18.17 -12.48
C TYR A 19 -18.04 19.27 -11.45
N CYS A 20 -19.21 19.31 -10.81
CA CYS A 20 -19.45 20.30 -9.77
C CYS A 20 -19.99 19.73 -8.48
N LEU A 21 -19.84 20.55 -7.45
CA LEU A 21 -20.04 20.16 -6.07
C LEU A 21 -21.40 20.65 -5.57
N GLU A 22 -22.10 19.79 -4.86
CA GLU A 22 -23.41 20.15 -4.33
C GLU A 22 -23.26 21.17 -3.21
N ARG A 23 -24.41 21.76 -2.84
CA ARG A 23 -24.40 22.81 -1.81
C ARG A 23 -23.87 22.27 -0.48
N TRP A 24 -24.22 21.02 -0.15
CA TRP A 24 -23.77 20.45 1.11
C TRP A 24 -22.27 20.12 1.11
N MET A 25 -21.66 20.00 -0.07
CA MET A 25 -20.24 19.68 -0.12
C MET A 25 -19.39 20.84 0.38
N LEU A 26 -19.77 22.07 0.04
CA LEU A 26 -19.00 23.27 0.38
C LEU A 26 -19.72 24.05 1.47
N VAL A 27 -19.11 25.18 1.85
CA VAL A 27 -19.65 26.06 2.88
C VAL A 27 -19.93 27.46 2.37
N THR A 28 -19.71 27.73 1.08
CA THR A 28 -19.90 29.06 0.51
C THR A 28 -21.32 29.31 0.02
N SER A 29 -22.19 28.30 0.06
CA SER A 29 -23.58 28.43 -0.41
C SER A 29 -23.63 28.89 -1.85
N ASP A 30 -22.73 28.38 -2.69
CA ASP A 30 -22.68 28.72 -4.10
C ASP A 30 -22.35 27.47 -4.90
N LEU A 31 -22.74 27.49 -6.18
CA LEU A 31 -22.44 26.39 -7.09
C LEU A 31 -21.04 26.55 -7.65
N LYS A 32 -20.27 25.46 -7.62
CA LYS A 32 -18.89 25.46 -8.10
C LYS A 32 -18.68 24.25 -9.01
N CYS A 33 -18.59 24.52 -10.31
CA CYS A 33 -18.23 23.51 -11.32
C CYS A 33 -16.80 23.72 -11.76
N PHE A 34 -16.00 22.67 -11.63
CA PHE A 34 -14.63 22.63 -12.13
C PHE A 34 -14.61 21.88 -13.45
N GLY A 35 -13.96 22.46 -14.45
CA GLY A 35 -13.93 21.86 -15.76
C GLY A 35 -13.10 20.60 -15.79
N ASN A 36 -13.40 19.74 -16.78
CA ASN A 36 -12.66 18.50 -16.94
C ASN A 36 -11.20 18.72 -17.30
N THR A 37 -10.87 19.87 -17.92
CA THR A 37 -9.48 20.15 -18.26
C THR A 37 -8.60 20.23 -17.02
N ALA A 38 -9.08 20.90 -15.97
CA ALA A 38 -8.31 20.98 -14.73
C ALA A 38 -8.36 19.67 -13.96
N LEU A 39 -9.53 19.01 -13.94
CA LEU A 39 -9.69 17.77 -13.18
C LEU A 39 -9.00 16.58 -13.84
N ALA A 40 -8.54 16.72 -15.09
CA ALA A 40 -7.83 15.63 -15.75
C ALA A 40 -6.46 15.39 -15.14
N LYS A 41 -5.92 16.35 -14.38
CA LYS A 41 -4.62 16.19 -13.74
C LYS A 41 -4.69 15.36 -12.47
N CYS A 42 -5.89 14.97 -12.02
CA CYS A 42 -6.02 14.22 -10.78
C CYS A 42 -5.41 12.83 -10.89
N ASN A 43 -5.61 12.17 -12.03
CA ASN A 43 -5.13 10.79 -12.18
C ASN A 43 -3.61 10.71 -12.16
N LEU A 44 -2.93 11.67 -12.79
CA LEU A 44 -1.47 11.65 -12.83
C LEU A 44 -0.86 12.05 -11.48
N ASP A 45 -1.47 13.02 -10.80
CA ASP A 45 -0.91 13.54 -9.57
C ASP A 45 -1.21 12.62 -8.40
N HIS A 46 -0.24 12.49 -7.50
CA HIS A 46 -0.41 11.71 -6.27
C HIS A 46 -0.15 12.54 -5.02
N ASP A 47 0.09 13.84 -5.17
CA ASP A 47 0.29 14.74 -4.04
C ASP A 47 -0.82 15.78 -3.94
N SER A 48 -1.94 15.55 -4.60
CA SER A 48 -3.07 16.48 -4.61
C SER A 48 -4.10 16.00 -3.60
N GLU A 49 -4.23 16.74 -2.50
CA GLU A 49 -5.25 16.42 -1.50
C GLU A 49 -6.64 16.74 -2.01
N PHE A 50 -6.74 17.72 -2.92
CA PHE A 50 -8.04 18.09 -3.49
C PHE A 50 -8.66 16.95 -4.26
N CYS A 51 -7.85 16.20 -5.02
CA CYS A 51 -8.37 15.06 -5.76
C CYS A 51 -8.85 13.96 -4.82
N ASP A 52 -8.14 13.75 -3.71
CA ASP A 52 -8.59 12.80 -2.70
C ASP A 52 -9.93 13.22 -2.11
N MET A 53 -10.08 14.52 -1.81
CA MET A 53 -11.35 14.99 -1.30
C MET A 53 -12.47 14.82 -2.32
N LEU A 54 -12.17 15.07 -3.60
CA LEU A 54 -13.16 14.87 -4.65
C LEU A 54 -13.58 13.41 -4.74
N LYS A 55 -12.62 12.49 -4.62
CA LYS A 55 -12.96 11.07 -4.65
C LYS A 55 -13.83 10.69 -3.46
N LEU A 56 -13.50 11.18 -2.26
CA LEU A 56 -14.36 10.92 -1.10
C LEU A 56 -15.76 11.45 -1.32
N PHE A 57 -15.88 12.68 -1.81
CA PHE A 57 -17.21 13.27 -1.98
C PHE A 57 -18.01 12.54 -3.04
N GLU A 58 -17.36 12.12 -4.14
CA GLU A 58 -18.07 11.36 -5.15
C GLU A 58 -18.54 10.01 -4.62
N PHE A 59 -17.69 9.33 -3.85
CA PHE A 59 -18.09 8.06 -3.25
C PHE A 59 -19.27 8.25 -2.30
N ASN A 60 -19.20 9.29 -1.47
CA ASN A 60 -20.30 9.57 -0.54
C ASN A 60 -21.59 9.89 -1.29
N LYS A 61 -21.50 10.71 -2.34
CA LYS A 61 -22.69 11.07 -3.09
C LYS A 61 -23.33 9.85 -3.73
N LYS A 62 -22.52 9.03 -4.42
CA LYS A 62 -23.09 7.85 -5.06
C LYS A 62 -23.56 6.81 -4.05
N ALA A 63 -23.06 6.85 -2.81
CA ALA A 63 -23.60 5.99 -1.77
C ALA A 63 -24.92 6.52 -1.21
N ILE A 64 -25.07 7.84 -1.14
CA ILE A 64 -26.28 8.42 -0.57
C ILE A 64 -27.48 8.19 -1.48
N GLU A 65 -27.31 8.43 -2.78
CA GLU A 65 -28.40 8.27 -3.73
C GLU A 65 -28.69 6.79 -4.00
N LYS A 74 -29.34 -0.71 4.49
CA LYS A 74 -28.31 0.13 3.90
C LYS A 74 -26.95 -0.14 4.55
N VAL A 75 -25.97 -0.49 3.73
CA VAL A 75 -24.63 -0.84 4.17
C VAL A 75 -23.67 0.24 3.71
N ASN A 76 -22.88 0.77 4.65
CA ASN A 76 -21.83 1.73 4.33
C ASN A 76 -20.55 0.98 3.97
N LEU A 77 -19.98 1.33 2.82
CA LEU A 77 -18.78 0.68 2.32
C LEU A 77 -17.56 1.60 2.35
N LEU A 78 -17.61 2.67 3.15
CA LEU A 78 -16.52 3.65 3.16
C LEU A 78 -15.22 3.06 3.68
N THR A 79 -15.29 2.15 4.66
CA THR A 79 -14.07 1.54 5.18
C THR A 79 -13.42 0.59 4.20
N HIS A 80 -14.18 0.05 3.24
CA HIS A 80 -13.60 -0.83 2.24
C HIS A 80 -12.83 -0.08 1.17
N SER A 81 -13.21 1.18 0.92
CA SER A 81 -12.61 1.96 -0.17
C SER A 81 -11.86 3.19 0.32
N ILE A 82 -11.71 3.36 1.64
CA ILE A 82 -11.01 4.54 2.16
C ILE A 82 -9.56 4.55 1.69
N ASN A 83 -8.94 3.37 1.55
CA ASN A 83 -7.59 3.31 0.99
C ASN A 83 -7.57 3.74 -0.47
N ALA A 84 -8.59 3.33 -1.23
CA ALA A 84 -8.63 3.69 -2.65
C ALA A 84 -8.92 5.17 -2.86
N LEU A 85 -9.63 5.80 -1.93
CA LEU A 85 -9.96 7.21 -2.07
C LEU A 85 -8.95 8.14 -1.44
N ILE A 86 -8.38 7.75 -0.29
CA ILE A 86 -7.44 8.57 0.45
C ILE A 86 -6.06 7.92 0.39
N SER A 87 -5.07 8.70 -0.03
CA SER A 87 -3.69 8.23 -0.03
C SER A 87 -3.16 8.29 1.40
N ASP A 88 -2.79 7.12 1.95
CA ASP A 88 -2.22 7.10 3.29
C ASP A 88 -0.87 7.81 3.34
N ASN A 89 -0.10 7.76 2.26
CA ASN A 89 1.21 8.40 2.25
C ASN A 89 1.09 9.92 2.29
N LEU A 90 0.17 10.48 1.51
CA LEU A 90 -0.03 11.93 1.51
C LEU A 90 -0.55 12.41 2.86
N LEU A 91 -1.50 11.67 3.45
CA LEU A 91 -2.00 12.02 4.77
C LEU A 91 -0.91 11.94 5.82
N MET A 92 -0.08 10.90 5.75
CA MET A 92 1.03 10.74 6.69
C MET A 92 2.03 11.88 6.53
N LYS A 93 2.33 12.27 5.29
CA LYS A 93 3.26 13.38 5.06
C LYS A 93 2.72 14.68 5.62
N ASN A 94 1.43 14.95 5.42
CA ASN A 94 0.85 16.17 5.95
C ASN A 94 0.82 16.16 7.47
N ARG A 95 0.51 15.01 8.07
CA ARG A 95 0.52 14.90 9.53
C ARG A 95 1.92 15.12 10.08
N LEU A 96 2.93 14.56 9.42
CA LEU A 96 4.31 14.74 9.88
C LEU A 96 4.76 16.18 9.75
N LYS A 97 4.33 16.86 8.67
CA LYS A 97 4.60 18.28 8.55
C LYS A 97 3.93 19.07 9.67
N GLU A 98 2.70 18.69 10.02
CA GLU A 98 2.00 19.35 11.13
C GLU A 98 2.75 19.15 12.45
N LEU A 99 3.26 17.94 12.69
CA LEU A 99 3.94 17.65 13.94
C LEU A 99 5.27 18.38 14.07
N LEU A 100 5.86 18.83 12.97
CA LEU A 100 7.15 19.51 12.98
C LEU A 100 7.01 21.03 12.87
N ASN A 101 5.80 21.56 13.00
CA ASN A 101 5.54 23.01 12.94
C ASN A 101 5.99 23.62 11.62
N THR A 102 5.77 22.87 10.53
CA THR A 102 5.95 23.08 9.10
C THR A 102 4.60 23.30 8.44
N PRO A 103 4.49 24.15 7.42
CA PRO A 103 3.21 24.30 6.72
C PRO A 103 2.73 22.96 6.17
N TYR A 104 1.43 22.72 6.30
CA TYR A 104 0.86 21.42 5.99
C TYR A 104 -0.57 21.60 5.51
N CYS A 105 -1.08 20.56 4.85
CA CYS A 105 -2.46 20.53 4.39
C CYS A 105 -3.33 19.85 5.44
N ASN A 106 -4.38 20.54 5.88
CA ASN A 106 -5.35 19.96 6.79
C ASN A 106 -6.68 19.67 6.10
N TYR A 107 -6.66 19.59 4.76
CA TYR A 107 -7.72 19.00 3.94
C TYR A 107 -9.04 19.75 4.05
N THR A 108 -8.99 21.05 4.28
CA THR A 108 -10.18 21.86 4.46
C THR A 108 -10.36 22.91 3.37
N LYS A 109 -9.37 23.75 3.15
CA LYS A 109 -9.46 24.85 2.20
C LYS A 109 -8.47 24.64 1.06
N PHE A 110 -8.92 24.90 -0.16
CA PHE A 110 -8.11 24.70 -1.36
C PHE A 110 -8.22 25.94 -2.24
N TRP A 111 -7.08 26.42 -2.72
CA TRP A 111 -7.02 27.61 -3.55
C TRP A 111 -6.72 27.24 -5.00
N TYR A 112 -7.28 28.01 -5.93
CA TYR A 112 -7.04 27.81 -7.34
C TYR A 112 -6.99 29.15 -8.04
N VAL A 113 -6.36 29.15 -9.22
CA VAL A 113 -6.23 30.33 -10.05
C VAL A 113 -7.29 30.28 -11.13
N ASN A 114 -8.10 31.33 -11.22
CA ASN A 114 -9.21 31.40 -12.16
C ASN A 114 -9.00 32.54 -13.15
N HIS A 115 -9.07 32.22 -14.43
CA HIS A 115 -9.06 33.23 -15.49
C HIS A 115 -10.50 33.70 -15.67
N THR A 116 -10.82 34.85 -15.08
CA THR A 116 -12.23 35.27 -14.95
C THR A 116 -12.87 35.48 -16.31
N ALA A 117 -12.15 36.09 -17.25
CA ALA A 117 -12.73 36.40 -18.55
C ALA A 117 -13.14 35.13 -19.30
N SER A 118 -12.29 34.10 -19.28
CA SER A 118 -12.57 32.89 -20.02
C SER A 118 -13.22 31.80 -19.16
N GLY A 119 -13.03 31.83 -17.85
CA GLY A 119 -13.55 30.81 -16.98
C GLY A 119 -12.63 29.63 -16.75
N GLU A 120 -11.53 29.53 -17.49
CA GLU A 120 -10.57 28.46 -17.28
C GLU A 120 -9.85 28.67 -15.95
N HIS A 121 -9.50 27.55 -15.32
CA HIS A 121 -8.92 27.60 -13.98
C HIS A 121 -7.95 26.44 -13.81
N SER A 122 -7.04 26.61 -12.85
CA SER A 122 -6.10 25.57 -12.51
C SER A 122 -6.73 24.57 -11.54
N LEU A 123 -6.06 23.43 -11.38
CA LEU A 123 -6.49 22.46 -10.38
C LEU A 123 -6.29 23.06 -8.99
N PRO A 124 -7.31 23.03 -8.13
CA PRO A 124 -7.16 23.62 -6.79
C PRO A 124 -6.05 22.94 -5.99
N ARG A 125 -5.31 23.74 -5.25
CA ARG A 125 -4.21 23.28 -4.42
C ARG A 125 -4.50 23.66 -2.97
N CYS A 126 -3.93 22.88 -2.06
CA CYS A 126 -4.26 23.05 -0.64
C CYS A 126 -3.73 24.36 -0.09
N TRP A 127 -4.57 25.04 0.69
CA TRP A 127 -4.16 26.24 1.42
C TRP A 127 -3.48 25.79 2.72
N LEU A 128 -2.18 26.04 2.84
CA LEU A 128 -1.42 25.49 3.96
C LEU A 128 -1.77 26.19 5.26
N VAL A 129 -1.35 25.57 6.37
CA VAL A 129 -1.68 26.02 7.72
C VAL A 129 -0.41 26.01 8.57
N ARG A 130 -0.22 27.08 9.36
CA ARG A 130 0.80 27.12 10.40
C ARG A 130 0.19 27.70 11.67
N ASN A 131 0.61 27.15 12.82
CA ASN A 131 0.19 27.65 14.13
C ASN A 131 -1.33 27.73 14.25
N ASN A 132 -2.02 26.72 13.70
CA ASN A 132 -3.49 26.69 13.66
C ASN A 132 -4.06 27.93 12.96
N SER A 133 -3.33 28.43 11.97
CA SER A 133 -3.74 29.61 11.23
C SER A 133 -3.45 29.39 9.75
N TYR A 134 -4.38 29.83 8.89
CA TYR A 134 -4.19 29.67 7.46
C TYR A 134 -3.02 30.52 6.98
N LEU A 135 -2.23 29.96 6.07
CA LEU A 135 -1.08 30.65 5.52
C LEU A 135 -1.54 31.88 4.72
N ASN A 136 -0.83 32.99 4.92
CA ASN A 136 -1.23 34.23 4.26
C ASN A 136 -0.83 34.19 2.79
N GLU A 137 -1.51 35.01 1.98
CA GLU A 137 -1.34 34.96 0.53
C GLU A 137 0.10 35.24 0.12
N SER A 138 0.75 36.22 0.77
CA SER A 138 2.13 36.53 0.42
C SER A 138 3.06 35.38 0.78
N GLU A 139 2.77 34.69 1.88
CA GLU A 139 3.67 33.64 2.36
C GLU A 139 3.80 32.49 1.38
N PHE A 140 2.90 32.37 0.41
CA PHE A 140 3.06 31.42 -0.69
C PHE A 140 2.79 32.11 -2.02
N ARG A 141 3.22 33.37 -2.14
CA ARG A 141 2.99 34.15 -3.36
C ARG A 141 3.58 33.44 -4.58
N ASN A 142 4.83 32.99 -4.48
CA ASN A 142 5.46 32.30 -5.59
C ASN A 142 4.67 31.08 -6.03
N ASP A 143 3.88 30.49 -5.15
CA ASP A 143 3.08 29.33 -5.53
C ASP A 143 1.97 29.72 -6.51
N TRP A 144 1.36 30.90 -6.34
CA TRP A 144 0.23 31.26 -7.19
C TRP A 144 0.56 32.31 -8.24
N ILE A 145 1.70 33.00 -8.14
CA ILE A 145 2.20 33.77 -9.28
C ILE A 145 2.49 32.84 -10.44
N ILE A 146 3.46 31.95 -10.26
CA ILE A 146 3.90 31.07 -11.35
C ILE A 146 2.76 30.19 -11.82
N GLU A 147 1.98 29.65 -10.89
CA GLU A 147 0.80 28.87 -11.25
C GLU A 147 -0.08 29.65 -12.22
N SER A 148 -0.37 30.91 -11.89
CA SER A 148 -1.17 31.74 -12.77
C SER A 148 -0.56 31.81 -14.16
N ASP A 149 0.76 32.04 -14.21
CA ASP A 149 1.47 32.04 -15.49
C ASP A 149 1.19 30.75 -16.25
N HIS A 150 1.33 29.60 -15.58
CA HIS A 150 1.08 28.33 -16.25
C HIS A 150 -0.29 28.32 -16.89
N LEU A 151 -1.30 28.79 -16.15
CA LEU A 151 -2.66 28.81 -16.69
C LEU A 151 -2.69 29.53 -18.02
N LEU A 152 -2.14 30.74 -18.05
CA LEU A 152 -2.11 31.50 -19.30
C LEU A 152 -1.36 30.71 -20.38
N SER A 153 -0.19 30.17 -20.02
CA SER A 153 0.56 29.37 -20.97
C SER A 153 -0.26 28.18 -21.44
N GLU A 154 -0.98 27.53 -20.51
CA GLU A 154 -1.84 26.43 -20.90
C GLU A 154 -2.90 26.90 -21.87
N MET A 155 -3.50 28.06 -21.61
CA MET A 155 -4.51 28.59 -22.52
C MET A 155 -3.91 28.97 -23.87
N LEU A 156 -2.59 29.16 -23.93
CA LEU A 156 -1.91 29.42 -25.19
C LEU A 156 -1.28 28.16 -25.77
N ASN A 157 -1.34 27.04 -25.07
CA ASN A 157 -0.81 25.78 -25.58
C ASN A 157 -1.89 24.81 -26.03
N LYS A 158 -3.09 24.90 -25.45
CA LYS A 158 -4.20 24.06 -25.90
C LYS A 158 -4.67 24.46 -27.29
N GLU A 159 -4.58 25.76 -27.63
CA GLU A 159 -5.01 26.21 -28.94
C GLU A 159 -4.17 25.58 -30.05
N TYR A 160 -2.86 25.49 -29.86
CA TYR A 160 -2.00 24.86 -30.85
C TYR A 160 -2.34 23.37 -30.99
N ILE A 161 -2.56 22.68 -29.86
CA ILE A 161 -2.85 21.26 -29.91
C ILE A 161 -4.22 21.02 -30.53
N ASP A 162 -5.20 21.88 -30.23
CA ASP A 162 -6.53 21.73 -30.81
C ASP A 162 -6.50 21.84 -32.32
N ARG A 163 -5.78 22.84 -32.85
CA ARG A 163 -5.62 22.96 -34.29
C ARG A 163 -4.85 21.79 -34.87
N GLN A 164 -3.78 21.36 -34.19
CA GLN A 164 -2.99 20.24 -34.67
C GLN A 164 -3.80 18.94 -34.65
N GLY A 165 -4.77 18.82 -33.74
CA GLY A 165 -5.60 17.63 -33.70
C GLY A 165 -6.49 17.50 -34.93
N LYS A 166 -6.98 18.63 -35.44
CA LYS A 166 -7.90 18.62 -36.57
C LYS A 166 -7.18 18.58 -37.91
N THR A 167 -6.14 19.41 -38.07
CA THR A 167 -5.44 19.51 -39.36
C THR A 167 -4.23 18.60 -39.37
N PRO A 168 -4.10 17.74 -40.36
CA PRO A 168 -2.93 16.85 -40.44
C PRO A 168 -1.69 17.61 -40.89
N LEU A 169 -0.53 16.96 -40.70
CA LEU A 169 0.73 17.56 -41.10
C LEU A 169 0.86 17.67 -42.61
N THR A 170 0.18 16.80 -43.36
CA THR A 170 0.28 16.83 -44.82
C THR A 170 -0.27 18.13 -45.38
N LEU A 171 -1.36 18.64 -44.80
CA LEU A 171 -1.94 19.90 -45.27
C LEU A 171 -0.96 21.05 -45.07
N VAL A 172 -0.22 21.07 -43.96
CA VAL A 172 0.75 22.12 -43.72
C VAL A 172 1.89 22.03 -44.73
N ASP A 173 2.29 20.80 -45.09
CA ASP A 173 3.37 20.62 -46.07
C ASP A 173 2.98 21.18 -47.43
N ILE A 174 1.71 20.99 -47.83
CA ILE A 174 1.26 21.49 -49.11
C ILE A 174 1.32 23.02 -49.15
N CYS A 175 0.96 23.67 -48.04
CA CYS A 175 1.02 25.12 -47.98
C CYS A 175 2.44 25.64 -48.13
N PHE A 176 3.42 24.89 -47.63
CA PHE A 176 4.82 25.31 -47.78
C PHE A 176 5.23 25.36 -49.25
N TRP A 177 4.82 24.37 -50.03
CA TRP A 177 5.16 24.33 -51.45
C TRP A 177 4.10 25.03 -52.29
N PHE B 1 -9.16 38.07 -4.29
CA PHE B 1 -7.74 38.34 -4.50
C PHE B 1 -7.43 38.41 -6.00
N ARG B 2 -6.84 39.52 -6.43
CA ARG B 2 -6.57 39.78 -7.84
C ARG B 2 -5.08 39.58 -8.10
N ILE B 3 -4.74 38.52 -8.83
CA ILE B 3 -3.36 38.26 -9.19
C ILE B 3 -2.89 39.26 -10.24
N GLY B 4 -3.68 39.43 -11.29
CA GLY B 4 -3.34 40.34 -12.38
C GLY B 4 -4.59 40.93 -13.01
N ARG B 5 -4.42 41.65 -14.12
CA ARG B 5 -5.54 42.30 -14.76
C ARG B 5 -6.55 41.32 -15.35
N SER B 6 -6.19 40.04 -15.48
CA SER B 6 -7.10 39.05 -16.04
C SER B 6 -7.04 37.72 -15.28
N THR B 7 -6.72 37.77 -13.99
CA THR B 7 -6.56 36.56 -13.20
C THR B 7 -6.93 36.84 -11.75
N GLU B 8 -7.64 35.90 -11.14
CA GLU B 8 -8.14 36.04 -9.78
C GLU B 8 -7.78 34.80 -8.97
N LEU B 9 -7.38 35.00 -7.71
CA LEU B 9 -7.10 33.91 -6.79
C LEU B 9 -8.35 33.59 -6.00
N GLN B 10 -8.87 32.37 -6.16
CA GLN B 10 -10.09 31.96 -5.51
C GLN B 10 -9.86 30.67 -4.74
N ASN B 11 -10.75 30.41 -3.79
CA ASN B 11 -10.61 29.28 -2.88
C ASN B 11 -11.98 28.66 -2.62
N ILE B 12 -11.96 27.41 -2.17
CA ILE B 12 -13.15 26.70 -1.74
C ILE B 12 -12.84 26.00 -0.42
N THR B 13 -13.82 25.98 0.48
CA THR B 13 -13.71 25.28 1.75
C THR B 13 -14.69 24.12 1.77
N PHE B 14 -14.18 22.94 2.13
CA PHE B 14 -15.01 21.74 2.12
C PHE B 14 -15.80 21.62 3.41
N ASP B 15 -16.89 20.86 3.33
CA ASP B 15 -17.71 20.51 4.49
C ASP B 15 -17.80 19.00 4.56
N MET B 16 -17.04 18.40 5.48
CA MET B 16 -16.89 16.95 5.56
C MET B 16 -17.81 16.34 6.62
N LEU B 17 -18.91 17.01 6.95
CA LEU B 17 -19.80 16.49 7.98
C LEU B 17 -20.50 15.22 7.53
N LYS B 18 -21.28 15.31 6.44
CA LYS B 18 -22.07 14.16 5.98
C LYS B 18 -21.20 12.96 5.64
N VAL B 19 -19.93 13.18 5.31
CA VAL B 19 -19.02 12.07 5.04
C VAL B 19 -18.72 11.31 6.32
N PHE B 20 -18.59 12.02 7.45
CA PHE B 20 -18.08 11.43 8.68
C PHE B 20 -19.06 11.51 9.84
N GLU B 21 -20.34 11.77 9.58
CA GLU B 21 -21.33 11.80 10.66
C GLU B 21 -21.45 10.44 11.36
N ASP B 22 -21.48 9.37 10.58
CA ASP B 22 -21.81 8.05 11.11
C ASP B 22 -20.59 7.19 11.41
N HIS B 23 -19.40 7.75 11.34
CA HIS B 23 -18.18 6.98 11.54
C HIS B 23 -17.45 7.44 12.79
N PRO B 24 -16.60 6.59 13.37
CA PRO B 24 -15.81 7.02 14.53
C PRO B 24 -14.94 8.22 14.20
N THR B 25 -14.87 9.14 15.15
CA THR B 25 -14.03 10.33 15.02
C THR B 25 -13.25 10.53 16.31
N SER B 26 -12.33 11.50 16.29
CA SER B 26 -11.55 11.80 17.48
C SER B 26 -11.17 13.27 17.46
N CYS B 27 -10.80 13.78 18.63
CA CYS B 27 -10.33 15.15 18.74
C CYS B 27 -9.43 15.29 19.95
N MET B 28 -8.67 16.38 19.97
CA MET B 28 -7.71 16.68 21.01
C MET B 28 -8.24 17.78 21.92
N VAL B 29 -8.23 17.51 23.23
CA VAL B 29 -8.45 18.59 24.20
C VAL B 29 -7.13 19.31 24.47
N ASN B 30 -6.10 18.56 24.86
CA ASN B 30 -4.73 19.06 24.92
C ASN B 30 -3.81 17.91 24.54
N HIS B 31 -2.50 18.14 24.63
CA HIS B 31 -1.55 17.18 24.09
C HIS B 31 -1.51 15.87 24.87
N SER B 32 -2.17 15.81 26.03
CA SER B 32 -2.26 14.57 26.79
C SER B 32 -3.64 13.94 26.75
N THR B 33 -4.68 14.68 26.37
CA THR B 33 -6.06 14.21 26.47
C THR B 33 -6.71 14.21 25.09
N TYR B 34 -7.28 13.07 24.71
CA TYR B 34 -7.88 12.86 23.41
C TYR B 34 -9.22 12.17 23.63
N TYR B 35 -10.16 12.38 22.71
CA TYR B 35 -11.48 11.78 22.82
C TYR B 35 -11.83 11.09 21.52
N VAL B 36 -12.36 9.86 21.61
CA VAL B 36 -12.82 9.07 20.49
C VAL B 36 -14.32 8.86 20.65
N HIS B 37 -15.06 9.14 19.58
CA HIS B 37 -16.51 9.22 19.61
C HIS B 37 -17.05 8.31 18.50
N GLU B 38 -17.97 7.41 18.85
CA GLU B 38 -18.44 6.42 17.88
C GLU B 38 -19.09 7.08 16.68
N ASN B 39 -20.02 7.99 16.94
CA ASN B 39 -20.67 8.77 15.89
C ASN B 39 -21.21 10.02 16.55
N LYS B 40 -21.83 10.89 15.73
CA LYS B 40 -22.15 12.23 16.20
C LYS B 40 -23.17 12.21 17.33
N ASN B 41 -24.10 11.26 17.31
CA ASN B 41 -25.20 11.23 18.26
C ASN B 41 -24.94 10.36 19.48
N ALA B 42 -23.77 9.74 19.59
CA ALA B 42 -23.47 8.90 20.73
C ALA B 42 -23.37 9.73 22.01
N THR B 43 -24.01 9.26 23.07
CA THR B 43 -24.00 9.97 24.34
C THR B 43 -22.80 9.63 25.21
N TRP B 44 -21.96 8.70 24.76
CA TRP B 44 -20.75 8.29 25.46
C TRP B 44 -19.55 8.48 24.54
N CYS B 45 -18.37 8.29 25.12
CA CYS B 45 -17.11 8.41 24.38
C CYS B 45 -16.02 7.69 25.17
N LEU B 46 -14.86 7.58 24.55
CA LEU B 46 -13.68 7.01 25.20
C LEU B 46 -12.56 8.04 25.16
N GLU B 47 -12.07 8.46 26.33
CA GLU B 47 -10.92 9.35 26.33
C GLU B 47 -9.63 8.56 26.51
N VAL B 48 -8.61 9.00 25.80
CA VAL B 48 -7.27 8.43 25.83
C VAL B 48 -6.35 9.49 26.40
N SER B 49 -5.62 9.13 27.46
CA SER B 49 -4.80 10.10 28.17
C SER B 49 -3.45 9.49 28.49
N VAL B 50 -2.40 10.31 28.36
CA VAL B 50 -1.07 9.95 28.82
C VAL B 50 -0.94 10.47 30.25
N THR B 51 -0.78 9.55 31.19
CA THR B 51 -0.78 9.88 32.61
C THR B 51 0.51 9.44 33.27
N ASP B 52 0.83 10.09 34.39
CA ASP B 52 1.93 9.69 35.24
C ASP B 52 1.45 9.03 36.52
N VAL B 53 0.16 8.71 36.61
CA VAL B 53 -0.44 8.16 37.81
C VAL B 53 -0.82 6.72 37.55
N THR B 54 -0.33 5.82 38.41
CA THR B 54 -0.72 4.41 38.34
C THR B 54 -2.15 4.28 38.83
N LEU B 55 -3.06 3.90 37.93
CA LEU B 55 -4.46 3.77 38.27
C LEU B 55 -4.89 2.32 38.44
N LEU B 56 -4.23 1.40 37.75
CA LEU B 56 -4.48 -0.04 37.89
C LEU B 56 -3.18 -0.74 38.24
N MET B 57 -3.31 -1.83 39.00
CA MET B 57 -2.17 -2.61 39.43
C MET B 57 -2.33 -4.06 39.00
N ALA B 58 -1.19 -4.70 38.69
CA ALA B 58 -1.22 -6.10 38.30
C ALA B 58 -1.68 -7.00 39.44
N GLU B 59 -1.53 -6.56 40.68
CA GLU B 59 -1.93 -7.37 41.83
C GLU B 59 -3.43 -7.30 42.11
N HIS B 60 -4.14 -6.31 41.55
CA HIS B 60 -5.54 -6.11 41.85
C HIS B 60 -6.45 -6.12 40.62
N ASP B 61 -5.93 -5.89 39.42
CA ASP B 61 -6.75 -5.71 38.24
C ASP B 61 -6.48 -6.81 37.23
N ARG B 62 -7.32 -6.85 36.20
CA ARG B 62 -7.33 -7.96 35.25
C ARG B 62 -6.38 -7.70 34.08
N GLN B 63 -5.65 -8.73 33.69
CA GLN B 63 -4.82 -8.68 32.49
C GLN B 63 -5.69 -8.88 31.26
N VAL B 64 -5.48 -8.06 30.23
CA VAL B 64 -6.20 -8.21 28.98
C VAL B 64 -5.45 -9.25 28.15
N LEU B 65 -5.98 -10.47 28.11
CA LEU B 65 -5.39 -11.59 27.36
C LEU B 65 -6.50 -12.21 26.52
N ASN B 66 -6.71 -11.65 25.32
CA ASN B 66 -7.73 -12.10 24.39
C ASN B 66 -9.14 -12.00 24.95
N ASN B 67 -9.36 -11.16 25.96
CA ASN B 67 -10.67 -11.00 26.57
C ASN B 67 -10.96 -9.53 26.87
N LEU B 68 -10.66 -8.64 25.93
CA LEU B 68 -10.92 -7.22 26.13
C LEU B 68 -12.40 -6.95 26.34
N SER B 69 -13.27 -7.76 25.72
CA SER B 69 -14.71 -7.56 25.86
C SER B 69 -15.16 -7.65 27.31
N ASN B 70 -14.45 -8.41 28.13
CA ASN B 70 -14.82 -8.55 29.54
C ASN B 70 -14.61 -7.27 30.32
N CYS B 71 -13.82 -6.32 29.79
CA CYS B 71 -13.52 -5.12 30.55
C CYS B 71 -14.70 -4.16 30.62
N VAL B 72 -15.71 -4.34 29.79
CA VAL B 72 -16.94 -3.55 29.84
C VAL B 72 -18.01 -4.35 30.58
N HIS B 73 -18.74 -3.69 31.46
CA HIS B 73 -19.75 -4.36 32.26
C HIS B 73 -20.86 -4.91 31.35
N PRO B 74 -21.39 -6.10 31.65
CA PRO B 74 -22.47 -6.65 30.81
C PRO B 74 -23.74 -5.82 30.81
N ALA B 75 -23.98 -5.00 31.83
CA ALA B 75 -25.22 -4.24 31.92
C ALA B 75 -25.20 -2.96 31.09
N VAL B 76 -24.04 -2.56 30.57
CA VAL B 76 -23.98 -1.36 29.74
C VAL B 76 -24.77 -1.59 28.46
N GLU B 77 -25.64 -0.64 28.13
CA GLU B 77 -26.50 -0.81 26.95
C GLU B 77 -25.70 -0.74 25.66
N HIS B 78 -24.71 0.13 25.61
CA HIS B 78 -23.81 0.26 24.46
C HIS B 78 -22.55 -0.58 24.62
N ARG B 79 -22.64 -1.70 25.33
CA ARG B 79 -21.45 -2.51 25.62
C ARG B 79 -20.79 -3.00 24.35
N SER B 80 -21.58 -3.50 23.39
CA SER B 80 -21.00 -4.01 22.15
C SER B 80 -20.31 -2.90 21.37
N ARG B 81 -20.93 -1.73 21.28
CA ARG B 81 -20.32 -0.60 20.60
C ARG B 81 -19.08 -0.10 21.33
N MET B 82 -19.11 -0.14 22.67
CA MET B 82 -17.94 0.26 23.45
C MET B 82 -16.76 -0.66 23.19
N VAL B 83 -17.00 -1.98 23.20
CA VAL B 83 -15.94 -2.94 22.92
C VAL B 83 -15.43 -2.76 21.50
N GLY B 84 -16.35 -2.54 20.55
CA GLY B 84 -15.93 -2.27 19.19
C GLY B 84 -15.02 -1.07 19.11
N LEU B 85 -15.41 0.06 19.71
CA LEU B 85 -14.62 1.27 19.64
C LEU B 85 -13.27 1.09 20.33
N LEU B 86 -13.22 0.31 21.40
CA LEU B 86 -11.93 -0.04 22.00
C LEU B 86 -11.05 -0.78 21.01
N GLU B 87 -11.62 -1.71 20.25
CA GLU B 87 -10.84 -2.43 19.24
C GLU B 87 -10.38 -1.50 18.11
N TRP B 88 -11.26 -0.57 17.71
CA TRP B 88 -10.89 0.45 16.72
C TRP B 88 -9.70 1.27 17.20
N ILE B 89 -9.70 1.64 18.48
CA ILE B 89 -8.58 2.39 19.04
C ILE B 89 -7.31 1.54 19.07
N PHE B 90 -7.43 0.27 19.48
CA PHE B 90 -6.25 -0.59 19.54
C PHE B 90 -5.66 -0.84 18.17
N ARG B 91 -6.50 -0.96 17.14
CA ARG B 91 -5.99 -1.06 15.77
C ARG B 91 -5.36 0.25 15.33
N ALA B 92 -5.94 1.38 15.72
CA ALA B 92 -5.38 2.68 15.36
C ALA B 92 -4.00 2.87 15.96
N LEU B 93 -3.72 2.24 17.09
CA LEU B 93 -2.42 2.34 17.73
C LEU B 93 -1.40 1.37 17.15
N LYS B 94 -1.81 0.53 16.19
CA LYS B 94 -0.97 -0.53 15.64
C LYS B 94 -0.49 -1.46 16.75
N TYR B 95 -1.35 -1.71 17.73
CA TYR B 95 -0.97 -2.51 18.89
C TYR B 95 -0.85 -3.97 18.51
N ASP B 96 0.22 -4.61 18.97
CA ASP B 96 0.46 -6.03 18.73
C ASP B 96 0.38 -6.74 20.09
N PHE B 97 -0.75 -7.42 20.33
CA PHE B 97 -0.94 -8.07 21.62
C PHE B 97 0.02 -9.23 21.84
N ASN B 98 0.69 -9.70 20.79
CA ASN B 98 1.64 -10.79 20.95
C ASN B 98 2.96 -10.32 21.55
N MET B 99 3.45 -9.14 21.15
CA MET B 99 4.74 -8.66 21.60
C MET B 99 4.68 -7.39 22.43
N ASP B 100 3.63 -6.58 22.33
CA ASP B 100 3.52 -5.39 23.16
C ASP B 100 3.11 -5.76 24.58
N PRO B 101 3.39 -4.89 25.56
CA PRO B 101 3.05 -5.20 26.95
C PRO B 101 1.56 -5.46 27.13
N THR B 102 1.26 -6.39 28.03
CA THR B 102 -0.12 -6.77 28.28
C THR B 102 -0.88 -5.63 28.94
N PRO B 103 -2.00 -5.18 28.38
CA PRO B 103 -2.78 -4.13 29.03
C PRO B 103 -3.50 -4.64 30.27
N LEU B 104 -3.78 -3.72 31.18
CA LEU B 104 -4.58 -3.99 32.35
C LEU B 104 -5.92 -3.28 32.24
N CYS B 105 -6.97 -3.92 32.75
CA CYS B 105 -8.25 -3.27 32.90
C CYS B 105 -8.81 -3.56 34.29
N GLN B 106 -9.77 -2.73 34.70
CA GLN B 106 -10.19 -2.68 36.08
C GLN B 106 -10.75 -4.02 36.55
N LYS B 107 -10.68 -4.23 37.86
CA LYS B 107 -11.19 -5.46 38.46
C LYS B 107 -12.70 -5.57 38.27
N GLN B 108 -13.20 -6.81 38.32
CA GLN B 108 -14.60 -7.05 38.05
C GLN B 108 -15.50 -6.44 39.12
N THR B 109 -15.02 -6.32 40.35
CA THR B 109 -15.79 -5.76 41.46
C THR B 109 -15.39 -4.32 41.75
N SER B 110 -14.99 -3.57 40.74
CA SER B 110 -14.56 -2.19 40.95
C SER B 110 -15.74 -1.30 41.33
N THR B 111 -15.52 -0.43 42.31
CA THR B 111 -16.55 0.49 42.76
C THR B 111 -16.75 1.65 41.79
N VAL B 112 -15.67 2.10 41.14
CA VAL B 112 -15.77 3.19 40.18
C VAL B 112 -16.58 2.73 38.97
N ASN B 113 -17.38 3.65 38.41
CA ASN B 113 -18.33 3.33 37.35
C ASN B 113 -17.79 3.62 35.96
N GLU B 114 -16.51 3.37 35.73
CA GLU B 114 -15.94 3.56 34.40
C GLU B 114 -15.01 2.41 34.06
N THR B 115 -14.92 2.10 32.77
CA THR B 115 -14.01 1.07 32.28
C THR B 115 -12.63 1.69 32.06
N ARG B 116 -11.63 1.16 32.76
CA ARG B 116 -10.25 1.58 32.59
C ARG B 116 -9.50 0.53 31.77
N VAL B 117 -8.69 0.99 30.82
CA VAL B 117 -7.74 0.14 30.12
C VAL B 117 -6.38 0.83 30.21
N GLN B 118 -5.42 0.20 30.86
CA GLN B 118 -4.14 0.82 31.14
C GLN B 118 -3.02 0.06 30.44
N ILE B 119 -2.22 0.78 29.67
CA ILE B 119 -1.02 0.25 29.03
C ILE B 119 0.18 0.94 29.67
N ASN B 120 1.12 0.13 30.16
CA ASN B 120 2.31 0.66 30.81
C ASN B 120 3.33 1.05 29.74
N ILE B 121 3.60 2.35 29.64
CA ILE B 121 4.58 2.87 28.70
C ILE B 121 5.79 3.45 29.42
N THR B 122 6.03 3.03 30.66
CA THR B 122 7.24 3.43 31.37
C THR B 122 8.45 2.80 30.72
N GLU B 123 9.55 3.55 30.66
CA GLU B 123 10.77 3.06 30.03
C GLU B 123 11.26 1.81 30.72
N GLY B 124 11.56 0.78 29.94
CA GLY B 124 12.04 -0.49 30.44
C GLY B 124 10.98 -1.54 30.64
N PHE B 125 9.71 -1.14 30.73
CA PHE B 125 8.65 -2.14 30.86
C PHE B 125 8.46 -2.92 29.57
N GLY B 126 8.40 -2.21 28.44
CA GLY B 126 8.43 -2.82 27.13
C GLY B 126 9.82 -2.83 26.55
N SER B 127 9.89 -3.09 25.25
CA SER B 127 11.16 -3.03 24.56
C SER B 127 11.62 -1.57 24.43
N HIS B 128 12.90 -1.40 24.08
CA HIS B 128 13.42 -0.07 23.84
C HIS B 128 12.65 0.60 22.71
N GLY B 129 12.22 1.84 22.95
CA GLY B 129 11.50 2.60 21.96
C GLY B 129 10.00 2.33 21.88
N PHE B 130 9.47 1.44 22.72
CA PHE B 130 8.04 1.16 22.69
C PHE B 130 7.23 2.39 23.10
N GLU B 131 7.68 3.09 24.15
CA GLU B 131 6.98 4.30 24.58
C GLU B 131 7.06 5.40 23.52
N ASP B 132 8.20 5.53 22.85
CA ASP B 132 8.32 6.49 21.76
C ASP B 132 7.42 6.11 20.60
N THR B 133 7.31 4.80 20.32
CA THR B 133 6.38 4.33 19.30
C THR B 133 4.95 4.74 19.64
N ILE B 134 4.55 4.52 20.89
CA ILE B 134 3.18 4.85 21.30
C ILE B 134 2.92 6.35 21.21
N LEU B 135 3.86 7.16 21.68
CA LEU B 135 3.67 8.61 21.66
C LEU B 135 3.64 9.15 20.23
N GLN B 136 4.51 8.64 19.37
CA GLN B 136 4.49 9.06 17.97
C GLN B 136 3.23 8.59 17.26
N ARG B 137 2.71 7.42 17.63
CA ARG B 137 1.43 6.97 17.08
C ARG B 137 0.29 7.89 17.54
N LEU B 138 0.34 8.34 18.80
CA LEU B 138 -0.62 9.32 19.27
C LEU B 138 -0.53 10.62 18.48
N GLY B 139 0.70 11.05 18.17
CA GLY B 139 0.87 12.22 17.34
C GLY B 139 0.30 12.05 15.94
N VAL B 140 0.49 10.87 15.36
CA VAL B 140 -0.08 10.60 14.04
C VAL B 140 -1.62 10.60 14.11
N LEU B 141 -2.18 9.98 15.15
CA LEU B 141 -3.62 9.78 15.22
C LEU B 141 -4.36 11.08 15.55
N PHE B 142 -3.85 11.86 16.50
CA PHE B 142 -4.56 13.03 16.99
C PHE B 142 -3.83 14.34 16.73
N GLY B 143 -2.64 14.31 16.15
CA GLY B 143 -1.87 15.52 16.00
C GLY B 143 -1.15 15.97 17.26
N SER B 144 -0.76 15.03 18.11
CA SER B 144 -0.15 15.36 19.39
C SER B 144 1.36 15.55 19.25
N ARG B 145 1.87 16.57 19.94
CA ARG B 145 3.31 16.83 20.01
C ARG B 145 3.93 16.29 21.27
N ILE B 146 3.23 15.41 22.00
CA ILE B 146 3.73 14.88 23.26
C ILE B 146 4.99 14.07 23.06
N ALA B 147 5.15 13.41 21.90
CA ALA B 147 6.37 12.67 21.61
C ALA B 147 7.56 13.61 21.46
N PHE B 148 7.32 14.86 21.06
CA PHE B 148 8.38 15.85 20.88
C PHE B 148 8.56 16.69 22.13
N SER B 149 8.79 16.02 23.26
CA SER B 149 8.92 16.70 24.54
C SER B 149 9.91 15.93 25.41
N ASN B 150 10.36 16.58 26.48
CA ASN B 150 11.30 15.96 27.41
C ASN B 150 10.69 14.76 28.10
N GLY B 155 12.97 9.29 33.47
CA GLY B 155 12.36 8.00 33.21
C GLY B 155 11.34 7.60 34.26
N LYS B 156 10.35 8.46 34.50
CA LYS B 156 9.31 8.19 35.47
C LYS B 156 8.24 7.28 34.86
N LYS B 157 7.21 6.99 35.64
CA LYS B 157 6.14 6.11 35.21
C LYS B 157 5.15 6.86 34.33
N ARG B 158 4.82 6.27 33.18
CA ARG B 158 3.79 6.78 32.30
C ARG B 158 2.88 5.64 31.87
N PHE B 159 1.64 6.00 31.55
CA PHE B 159 0.63 5.04 31.13
C PHE B 159 -0.24 5.67 30.05
N LEU B 160 -0.65 4.85 29.09
CA LEU B 160 -1.70 5.19 28.16
C LEU B 160 -3.00 4.61 28.71
N LEU B 161 -3.92 5.47 29.10
CA LEU B 161 -5.17 5.06 29.74
C LEU B 161 -6.35 5.42 28.85
N ILE B 162 -7.18 4.42 28.56
CA ILE B 162 -8.44 4.63 27.86
C ILE B 162 -9.56 4.39 28.86
N ARG B 163 -10.34 5.43 29.13
CA ARG B 163 -11.50 5.27 30.01
C ARG B 163 -12.74 5.77 29.30
N ASN B 164 -13.88 5.17 29.63
CA ASN B 164 -15.12 5.65 29.05
C ASN B 164 -15.65 6.84 29.85
N SER B 165 -16.42 7.68 29.17
CA SER B 165 -17.01 8.86 29.78
C SER B 165 -18.26 9.23 29.00
N THR B 166 -19.00 10.21 29.52
CA THR B 166 -20.16 10.74 28.83
C THR B 166 -19.73 11.87 27.91
N TRP B 167 -20.31 11.89 26.71
CA TRP B 167 -19.98 12.92 25.73
C TRP B 167 -20.57 14.26 26.20
N LYS B 168 -19.70 15.23 26.42
CA LYS B 168 -20.10 16.58 26.82
C LYS B 168 -19.57 17.63 25.85
N ASN B 169 -19.39 17.25 24.59
CA ASN B 169 -18.80 18.13 23.58
C ASN B 169 -17.46 18.68 24.06
N GLN B 170 -16.64 17.78 24.60
CA GLN B 170 -15.34 18.18 25.15
C GLN B 170 -14.46 18.80 24.08
N CYS B 171 -14.55 18.31 22.85
CA CYS B 171 -13.76 18.81 21.74
C CYS B 171 -14.50 18.60 20.44
N GLU B 172 -14.18 19.44 19.45
CA GLU B 172 -14.84 19.40 18.16
C GLU B 172 -14.21 18.33 17.27
N MET B 173 -15.06 17.56 16.60
CA MET B 173 -14.56 16.44 15.82
C MET B 173 -13.69 16.94 14.67
N ASN B 174 -12.66 16.15 14.35
CA ASN B 174 -11.68 16.49 13.34
C ASN B 174 -11.72 15.40 12.27
N HIS B 175 -12.03 15.79 11.03
CA HIS B 175 -12.19 14.82 9.97
C HIS B 175 -10.86 14.27 9.47
N VAL B 176 -9.77 15.01 9.65
CA VAL B 176 -8.44 14.43 9.41
C VAL B 176 -8.17 13.29 10.40
N ASN B 177 -8.51 13.52 11.68
CA ASN B 177 -8.41 12.46 12.67
C ASN B 177 -9.32 11.29 12.30
N SER B 178 -10.49 11.59 11.74
CA SER B 178 -11.39 10.54 11.27
C SER B 178 -10.74 9.71 10.15
N MET B 179 -10.08 10.37 9.20
CA MET B 179 -9.42 9.63 8.12
C MET B 179 -8.30 8.76 8.66
N HIS B 180 -7.52 9.28 9.62
CA HIS B 180 -6.48 8.44 10.22
C HIS B 180 -7.07 7.23 10.92
N LEU B 181 -8.15 7.46 11.69
CA LEU B 181 -8.81 6.37 12.41
C LEU B 181 -9.37 5.32 11.47
N MET B 182 -10.00 5.75 10.38
CA MET B 182 -10.58 4.80 9.44
C MET B 182 -9.52 4.09 8.60
N LEU B 183 -8.44 4.78 8.26
CA LEU B 183 -7.36 4.13 7.50
C LEU B 183 -6.72 3.04 8.34
N ALA B 184 -6.54 3.28 9.64
CA ALA B 184 -6.01 2.23 10.51
C ALA B 184 -7.00 1.09 10.71
N ASN B 185 -8.25 1.25 10.30
CA ASN B 185 -9.31 0.27 10.52
C ASN B 185 -9.99 -0.10 9.21
N ALA B 186 -9.22 -0.27 8.15
CA ALA B 186 -9.78 -0.57 6.84
C ALA B 186 -10.42 -1.95 6.84
N GLY B 187 -11.65 -2.03 6.32
CA GLY B 187 -12.39 -3.27 6.25
C GLY B 187 -13.33 -3.53 7.40
N ARG B 188 -13.18 -2.80 8.51
CA ARG B 188 -14.06 -2.97 9.66
CA ARG B 188 -14.06 -2.97 9.66
C ARG B 188 -15.33 -2.16 9.44
N SER B 189 -16.47 -2.82 9.55
CA SER B 189 -17.75 -2.17 9.24
C SER B 189 -18.04 -1.01 10.18
N SER B 190 -18.56 0.07 9.60
CA SER B 190 -18.99 1.24 10.37
C SER B 190 -20.04 1.97 9.56
N GLY B 191 -20.71 2.92 10.22
CA GLY B 191 -21.70 3.75 9.54
C GLY B 191 -23.11 3.22 9.63
N SER B 192 -23.98 3.95 10.31
CA SER B 192 -25.37 3.54 10.47
C SER B 192 -26.32 4.67 10.07
N PHE C 1 32.52 8.58 -20.15
CA PHE C 1 32.01 7.87 -21.32
C PHE C 1 31.40 8.84 -22.33
N ARG C 2 31.66 8.58 -23.60
CA ARG C 2 31.16 9.41 -24.69
C ARG C 2 30.18 8.62 -25.54
N ILE C 3 29.00 9.20 -25.78
CA ILE C 3 27.97 8.56 -26.59
C ILE C 3 28.10 9.05 -28.03
N GLY C 4 27.94 10.36 -28.21
CA GLY C 4 28.08 10.97 -29.52
C GLY C 4 29.02 12.15 -29.48
N ARG C 5 29.05 12.92 -30.57
CA ARG C 5 29.93 14.09 -30.63
C ARG C 5 29.47 15.23 -29.74
N SER C 6 28.26 15.17 -29.21
CA SER C 6 27.74 16.27 -28.39
C SER C 6 27.06 15.79 -27.11
N THR C 7 27.30 14.55 -26.69
CA THR C 7 26.66 14.01 -25.50
C THR C 7 27.59 13.02 -24.82
N GLU C 8 27.37 12.82 -23.53
CA GLU C 8 28.23 11.96 -22.72
C GLU C 8 27.39 11.16 -21.73
N LEU C 9 27.88 9.97 -21.40
CA LEU C 9 27.26 9.12 -20.39
C LEU C 9 28.07 9.23 -19.10
N GLN C 10 27.42 9.62 -18.01
CA GLN C 10 28.09 9.79 -16.74
C GLN C 10 27.15 9.36 -15.62
N ASN C 11 27.72 9.17 -14.43
CA ASN C 11 27.04 8.49 -13.34
C ASN C 11 27.29 9.20 -12.02
N ILE C 12 26.46 8.89 -11.04
CA ILE C 12 26.65 9.32 -9.66
C ILE C 12 26.45 8.11 -8.75
N THR C 13 27.27 8.02 -7.70
CA THR C 13 27.15 6.98 -6.71
C THR C 13 26.75 7.60 -5.37
N PHE C 14 25.68 7.07 -4.78
CA PHE C 14 25.17 7.62 -3.53
C PHE C 14 25.94 7.10 -2.34
N ASP C 15 25.95 7.90 -1.27
CA ASP C 15 26.53 7.52 0.01
C ASP C 15 25.38 7.47 1.02
N MET C 16 24.99 6.27 1.43
CA MET C 16 23.80 6.05 2.23
C MET C 16 24.11 5.88 3.72
N LEU C 17 25.31 6.28 4.16
CA LEU C 17 25.70 6.05 5.54
C LEU C 17 24.88 6.90 6.50
N LYS C 18 24.94 8.23 6.35
CA LYS C 18 24.32 9.13 7.31
C LYS C 18 22.81 8.90 7.40
N VAL C 19 22.20 8.39 6.34
CA VAL C 19 20.77 8.09 6.38
C VAL C 19 20.50 6.90 7.29
N PHE C 20 21.39 5.91 7.30
CA PHE C 20 21.13 4.65 8.00
C PHE C 20 22.13 4.37 9.12
N GLU C 21 22.86 5.38 9.60
CA GLU C 21 23.78 5.16 10.72
C GLU C 21 23.04 4.73 11.98
N ASP C 22 21.93 5.37 12.29
CA ASP C 22 21.28 5.20 13.59
C ASP C 22 20.14 4.19 13.57
N HIS C 23 19.92 3.51 12.46
CA HIS C 23 18.81 2.58 12.33
C HIS C 23 19.32 1.14 12.23
N PRO C 24 18.48 0.16 12.57
CA PRO C 24 18.89 -1.23 12.43
C PRO C 24 19.25 -1.56 11.00
N THR C 25 20.30 -2.36 10.83
CA THR C 25 20.77 -2.81 9.53
C THR C 25 21.01 -4.31 9.60
N SER C 26 21.34 -4.90 8.46
CA SER C 26 21.61 -6.33 8.41
C SER C 26 22.60 -6.63 7.30
N CYS C 27 23.21 -7.81 7.40
CA CYS C 27 24.28 -8.20 6.51
C CYS C 27 24.24 -9.71 6.30
N MET C 28 24.80 -10.16 5.18
CA MET C 28 24.85 -11.56 4.81
C MET C 28 26.31 -12.01 4.83
N VAL C 29 26.62 -12.99 5.67
CA VAL C 29 27.93 -13.64 5.61
C VAL C 29 27.96 -14.66 4.49
N ASN C 30 27.08 -15.66 4.56
CA ASN C 30 26.82 -16.57 3.46
C ASN C 30 25.31 -16.79 3.41
N HIS C 31 24.87 -17.75 2.59
CA HIS C 31 23.44 -17.93 2.36
C HIS C 31 22.71 -18.49 3.57
N SER C 32 23.43 -18.93 4.60
CA SER C 32 22.81 -19.45 5.81
C SER C 32 23.05 -18.62 7.06
N THR C 33 23.90 -17.59 7.01
CA THR C 33 24.32 -16.87 8.20
C THR C 33 24.18 -15.37 7.98
N TYR C 34 23.45 -14.71 8.87
CA TYR C 34 23.00 -13.34 8.73
C TYR C 34 23.21 -12.61 10.03
N TYR C 35 23.42 -11.29 9.96
CA TYR C 35 23.61 -10.51 11.17
C TYR C 35 22.75 -9.27 11.12
N VAL C 36 22.05 -9.00 12.22
CA VAL C 36 21.24 -7.80 12.38
C VAL C 36 21.90 -6.94 13.45
N HIS C 37 22.17 -5.68 13.11
CA HIS C 37 22.90 -4.75 13.95
C HIS C 37 21.95 -3.63 14.35
N GLU C 38 21.85 -3.38 15.66
CA GLU C 38 20.87 -2.42 16.16
C GLU C 38 21.22 -1.00 15.72
N ASN C 39 22.50 -0.66 15.71
CA ASN C 39 22.98 0.55 15.05
C ASN C 39 24.48 0.39 14.83
N LYS C 40 25.10 1.43 14.28
CA LYS C 40 26.49 1.32 13.84
C LYS C 40 27.45 1.12 15.00
N ASN C 41 27.21 1.78 16.13
CA ASN C 41 28.13 1.76 17.25
C ASN C 41 27.84 0.66 18.27
N ALA C 42 26.81 -0.15 18.05
CA ALA C 42 26.48 -1.20 19.01
C ALA C 42 27.57 -2.27 19.03
N THR C 43 27.91 -2.72 20.23
CA THR C 43 28.93 -3.75 20.41
C THR C 43 28.36 -5.16 20.37
N TRP C 44 27.05 -5.30 20.25
CA TRP C 44 26.38 -6.58 20.15
C TRP C 44 25.63 -6.64 18.82
N CYS C 45 25.13 -7.83 18.50
CA CYS C 45 24.38 -8.06 17.27
C CYS C 45 23.57 -9.33 17.44
N LEU C 46 22.66 -9.57 16.50
CA LEU C 46 21.83 -10.77 16.49
C LEU C 46 22.12 -11.57 15.23
N GLU C 47 22.69 -12.75 15.41
CA GLU C 47 22.94 -13.66 14.30
C GLU C 47 21.70 -14.50 14.01
N VAL C 48 21.33 -14.58 12.74
CA VAL C 48 20.21 -15.38 12.27
C VAL C 48 20.75 -16.42 11.31
N SER C 49 20.52 -17.70 11.61
CA SER C 49 21.10 -18.77 10.83
C SER C 49 20.07 -19.84 10.53
N VAL C 50 20.26 -20.51 9.40
CA VAL C 50 19.49 -21.69 9.04
C VAL C 50 20.37 -22.90 9.36
N THR C 51 19.94 -23.69 10.33
CA THR C 51 20.74 -24.80 10.84
C THR C 51 20.00 -26.11 10.68
N ASP C 52 20.76 -27.20 10.64
CA ASP C 52 20.20 -28.54 10.67
C ASP C 52 20.41 -29.22 12.02
N VAL C 53 20.91 -28.49 13.01
CA VAL C 53 21.23 -29.02 14.33
C VAL C 53 20.17 -28.56 15.31
N THR C 54 19.56 -29.51 16.01
CA THR C 54 18.61 -29.17 17.08
C THR C 54 19.38 -28.64 18.27
N LEU C 55 19.17 -27.37 18.59
CA LEU C 55 19.87 -26.71 19.68
C LEU C 55 19.01 -26.57 20.94
N LEU C 56 17.71 -26.40 20.77
CA LEU C 56 16.77 -26.32 21.88
C LEU C 56 15.72 -27.41 21.73
N MET C 57 15.22 -27.90 22.86
CA MET C 57 14.23 -28.97 22.89
C MET C 57 13.01 -28.51 23.66
N ALA C 58 11.85 -28.99 23.23
CA ALA C 58 10.60 -28.65 23.94
C ALA C 58 10.59 -29.21 25.34
N GLU C 59 11.32 -30.31 25.59
CA GLU C 59 11.35 -30.92 26.91
C GLU C 59 12.23 -30.17 27.89
N HIS C 60 13.16 -29.34 27.41
CA HIS C 60 14.13 -28.68 28.27
C HIS C 60 14.08 -27.16 28.22
N ASP C 61 13.54 -26.56 27.16
CA ASP C 61 13.63 -25.14 26.95
C ASP C 61 12.24 -24.50 26.92
N ARG C 62 12.23 -23.17 27.08
CA ARG C 62 10.98 -22.44 27.17
C ARG C 62 10.44 -22.11 25.78
N GLN C 63 9.13 -22.17 25.64
CA GLN C 63 8.48 -21.76 24.40
C GLN C 63 7.94 -20.35 24.51
N VAL C 64 8.08 -19.59 23.43
CA VAL C 64 7.71 -18.17 23.43
C VAL C 64 6.20 -18.08 23.31
N LEU C 65 5.54 -17.61 24.37
CA LEU C 65 4.09 -17.42 24.41
C LEU C 65 3.84 -16.04 25.02
N ASN C 66 3.87 -15.01 24.18
CA ASN C 66 3.69 -13.62 24.58
C ASN C 66 4.72 -13.17 25.64
N ASN C 67 5.85 -13.85 25.72
CA ASN C 67 6.88 -13.51 26.72
C ASN C 67 8.27 -13.60 26.09
N LEU C 68 8.42 -13.05 24.89
CA LEU C 68 9.72 -13.06 24.22
C LEU C 68 10.78 -12.34 25.03
N SER C 69 10.41 -11.26 25.71
CA SER C 69 11.37 -10.48 26.48
C SER C 69 12.01 -11.29 27.60
N ASN C 70 11.37 -12.38 28.04
CA ASN C 70 11.96 -13.22 29.08
C ASN C 70 13.17 -14.00 28.57
N CYS C 71 13.34 -14.10 27.26
CA CYS C 71 14.45 -14.87 26.72
C CYS C 71 15.79 -14.17 26.85
N VAL C 72 15.80 -12.88 27.18
CA VAL C 72 17.03 -12.13 27.44
C VAL C 72 17.20 -12.03 28.94
N HIS C 73 18.42 -12.29 29.42
CA HIS C 73 18.70 -12.25 30.84
C HIS C 73 18.49 -10.84 31.39
N PRO C 74 17.92 -10.70 32.59
CA PRO C 74 17.71 -9.35 33.15
C PRO C 74 18.99 -8.56 33.39
N ALA C 75 20.13 -9.24 33.54
CA ALA C 75 21.38 -8.55 33.84
C ALA C 75 22.04 -7.92 32.61
N VAL C 76 21.59 -8.27 31.41
CA VAL C 76 22.18 -7.69 30.20
C VAL C 76 21.87 -6.20 30.16
N GLU C 77 22.91 -5.40 29.92
CA GLU C 77 22.75 -3.94 29.95
C GLU C 77 21.93 -3.46 28.77
N HIS C 78 22.10 -4.07 27.60
CA HIS C 78 21.33 -3.75 26.41
C HIS C 78 20.11 -4.65 26.26
N ARG C 79 19.55 -5.13 27.37
CA ARG C 79 18.45 -6.09 27.33
C ARG C 79 17.25 -5.53 26.58
N SER C 80 16.86 -4.28 26.90
CA SER C 80 15.70 -3.69 26.25
C SER C 80 15.94 -3.53 24.75
N ARG C 81 17.13 -3.07 24.37
CA ARG C 81 17.46 -2.94 22.96
C ARG C 81 17.52 -4.30 22.26
N MET C 82 18.01 -5.33 22.96
CA MET C 82 18.05 -6.66 22.36
C MET C 82 16.65 -7.22 22.13
N VAL C 83 15.76 -7.05 23.12
CA VAL C 83 14.38 -7.49 22.95
C VAL C 83 13.71 -6.72 21.81
N GLY C 84 13.97 -5.42 21.74
CA GLY C 84 13.45 -4.64 20.64
C GLY C 84 13.92 -5.15 19.29
N LEU C 85 15.23 -5.39 19.15
CA LEU C 85 15.77 -5.85 17.87
C LEU C 85 15.24 -7.23 17.51
N LEU C 86 15.03 -8.09 18.51
CA LEU C 86 14.37 -9.36 18.26
C LEU C 86 12.97 -9.15 17.71
N GLU C 87 12.23 -8.19 18.26
CA GLU C 87 10.89 -7.89 17.74
C GLU C 87 10.96 -7.35 16.31
N TRP C 88 11.95 -6.50 16.04
CA TRP C 88 12.18 -6.01 14.69
C TRP C 88 12.42 -7.17 13.72
N ILE C 89 13.16 -8.18 14.16
CA ILE C 89 13.43 -9.34 13.31
C ILE C 89 12.16 -10.16 13.09
N PHE C 90 11.43 -10.47 14.16
CA PHE C 90 10.18 -11.24 14.02
C PHE C 90 9.16 -10.51 13.16
N ARG C 91 9.12 -9.18 13.25
CA ARG C 91 8.21 -8.39 12.45
C ARG C 91 8.67 -8.33 10.99
N ALA C 92 9.98 -8.37 10.76
CA ALA C 92 10.48 -8.41 9.39
C ALA C 92 10.28 -9.76 8.74
N LEU C 93 10.12 -10.82 9.51
CA LEU C 93 9.84 -12.15 8.98
C LEU C 93 8.38 -12.35 8.65
N LYS C 94 7.53 -11.36 8.92
CA LYS C 94 6.08 -11.48 8.81
C LYS C 94 5.55 -12.62 9.67
N TYR C 95 6.18 -12.83 10.82
CA TYR C 95 5.81 -13.94 11.69
C TYR C 95 4.46 -13.68 12.33
N ASP C 96 3.61 -14.70 12.34
CA ASP C 96 2.31 -14.64 12.97
C ASP C 96 2.32 -15.61 14.15
N PHE C 97 2.42 -15.07 15.36
CA PHE C 97 2.50 -15.92 16.55
C PHE C 97 1.21 -16.69 16.81
N ASN C 98 0.13 -16.37 16.13
CA ASN C 98 -1.13 -17.07 16.34
C ASN C 98 -1.18 -18.38 15.55
N MET C 99 -0.68 -18.38 14.30
CA MET C 99 -0.77 -19.55 13.45
C MET C 99 0.57 -20.20 13.11
N ASP C 100 1.67 -19.47 13.22
CA ASP C 100 2.98 -20.05 12.97
C ASP C 100 3.44 -20.89 14.15
N PRO C 101 4.37 -21.83 13.94
CA PRO C 101 4.83 -22.67 15.03
C PRO C 101 5.43 -21.87 16.18
N THR C 102 5.21 -22.35 17.40
CA THR C 102 5.68 -21.66 18.58
C THR C 102 7.21 -21.71 18.64
N PRO C 103 7.88 -20.57 18.77
CA PRO C 103 9.34 -20.58 18.91
C PRO C 103 9.77 -21.07 20.28
N LEU C 104 10.98 -21.60 20.33
CA LEU C 104 11.61 -22.01 21.57
C LEU C 104 12.76 -21.06 21.89
N CYS C 105 12.96 -20.78 23.18
CA CYS C 105 14.16 -20.09 23.60
C CYS C 105 14.74 -20.77 24.83
N GLN C 106 16.00 -20.47 25.11
CA GLN C 106 16.79 -21.27 26.05
C GLN C 106 16.21 -21.21 27.46
N LYS C 107 16.52 -22.25 28.24
CA LYS C 107 16.06 -22.34 29.61
C LYS C 107 16.69 -21.24 30.46
N GLN C 108 16.03 -20.95 31.59
CA GLN C 108 16.51 -19.89 32.47
C GLN C 108 17.88 -20.21 33.05
N THR C 109 18.11 -21.48 33.40
CA THR C 109 19.36 -21.92 34.01
C THR C 109 20.38 -22.41 33.00
N SER C 110 20.32 -21.90 31.77
CA SER C 110 21.26 -22.33 30.73
C SER C 110 22.68 -21.88 31.06
N THR C 111 23.63 -22.78 30.84
CA THR C 111 25.03 -22.47 31.11
C THR C 111 25.63 -21.58 30.03
N VAL C 112 25.21 -21.74 28.77
CA VAL C 112 25.74 -20.95 27.68
C VAL C 112 25.28 -19.51 27.82
N ASN C 113 26.20 -18.57 27.57
CA ASN C 113 25.89 -17.14 27.67
C ASN C 113 25.31 -16.61 26.36
N GLU C 114 24.24 -17.26 25.91
CA GLU C 114 23.58 -16.86 24.67
C GLU C 114 22.08 -16.84 24.86
N THR C 115 21.44 -15.81 24.29
CA THR C 115 20.00 -15.82 24.07
C THR C 115 19.76 -16.50 22.73
N ARG C 116 19.09 -17.66 22.76
CA ARG C 116 18.86 -18.45 21.57
C ARG C 116 17.36 -18.60 21.37
N VAL C 117 16.88 -18.22 20.18
CA VAL C 117 15.48 -18.38 19.80
C VAL C 117 15.45 -19.31 18.61
N GLN C 118 14.71 -20.41 18.73
CA GLN C 118 14.68 -21.45 17.72
C GLN C 118 13.28 -21.59 17.16
N ILE C 119 13.16 -21.51 15.83
CA ILE C 119 11.92 -21.78 15.11
C ILE C 119 12.11 -23.04 14.29
N ASN C 120 11.23 -24.01 14.48
CA ASN C 120 11.30 -25.28 13.77
C ASN C 120 10.71 -25.10 12.38
N ILE C 121 11.55 -25.22 11.36
CA ILE C 121 11.10 -25.09 9.97
C ILE C 121 11.27 -26.43 9.26
N THR C 122 11.27 -27.52 10.02
CA THR C 122 11.26 -28.85 9.41
C THR C 122 9.92 -29.11 8.76
N GLU C 123 9.95 -29.75 7.59
CA GLU C 123 8.72 -30.01 6.84
C GLU C 123 7.77 -30.89 7.65
N GLY C 124 6.52 -30.46 7.74
CA GLY C 124 5.51 -31.16 8.48
C GLY C 124 5.26 -30.62 9.88
N PHE C 125 6.21 -29.87 10.44
CA PHE C 125 6.00 -29.30 11.75
C PHE C 125 4.98 -28.17 11.71
N GLY C 126 5.10 -27.28 10.72
CA GLY C 126 4.10 -26.27 10.46
C GLY C 126 3.16 -26.70 9.35
N SER C 127 2.40 -25.73 8.85
CA SER C 127 1.56 -25.98 7.70
C SER C 127 2.41 -26.15 6.45
N HIS C 128 1.80 -26.68 5.40
CA HIS C 128 2.51 -26.85 4.14
C HIS C 128 2.99 -25.51 3.62
N GLY C 129 4.25 -25.46 3.21
CA GLY C 129 4.85 -24.26 2.67
C GLY C 129 5.36 -23.25 3.69
N PHE C 130 5.27 -23.55 4.98
CA PHE C 130 5.75 -22.61 5.99
C PHE C 130 7.27 -22.44 5.91
N GLU C 131 8.00 -23.54 5.73
CA GLU C 131 9.45 -23.45 5.60
C GLU C 131 9.85 -22.70 4.34
N ASP C 132 9.14 -22.93 3.23
CA ASP C 132 9.41 -22.17 2.01
C ASP C 132 9.11 -20.69 2.22
N THR C 133 8.04 -20.39 2.95
CA THR C 133 7.73 -19.00 3.28
C THR C 133 8.88 -18.36 4.05
N ILE C 134 9.41 -19.06 5.06
CA ILE C 134 10.49 -18.51 5.88
C ILE C 134 11.75 -18.31 5.05
N LEU C 135 12.09 -19.29 4.21
CA LEU C 135 13.31 -19.18 3.42
C LEU C 135 13.21 -18.08 2.37
N GLN C 136 12.04 -17.94 1.74
CA GLN C 136 11.84 -16.86 0.78
C GLN C 136 11.82 -15.50 1.47
N ARG C 137 11.30 -15.43 2.69
CA ARG C 137 11.39 -14.21 3.47
C ARG C 137 12.84 -13.86 3.79
N LEU C 138 13.64 -14.86 4.10
CA LEU C 138 15.08 -14.64 4.30
C LEU C 138 15.72 -14.12 3.03
N GLY C 139 15.33 -14.66 1.88
CA GLY C 139 15.83 -14.15 0.61
C GLY C 139 15.45 -12.70 0.38
N VAL C 140 14.21 -12.34 0.71
CA VAL C 140 13.76 -10.96 0.54
C VAL C 140 14.50 -10.02 1.49
N LEU C 141 14.70 -10.46 2.73
CA LEU C 141 15.28 -9.58 3.75
C LEU C 141 16.78 -9.40 3.56
N PHE C 142 17.49 -10.49 3.27
CA PHE C 142 18.95 -10.46 3.26
C PHE C 142 19.57 -10.77 1.90
N GLY C 143 18.77 -11.05 0.87
CA GLY C 143 19.34 -11.47 -0.40
C GLY C 143 19.74 -12.92 -0.44
N SER C 144 19.02 -13.78 0.26
CA SER C 144 19.40 -15.18 0.35
C SER C 144 18.87 -15.99 -0.83
N ARG C 145 19.73 -16.86 -1.37
CA ARG C 145 19.31 -17.84 -2.35
C ARG C 145 19.12 -19.22 -1.72
N ILE C 146 18.94 -19.28 -0.41
CA ILE C 146 18.77 -20.56 0.27
C ILE C 146 17.46 -21.22 -0.11
N ALA C 147 16.40 -20.43 -0.37
CA ALA C 147 15.13 -21.00 -0.79
C ALA C 147 15.24 -21.64 -2.17
N PHE C 148 16.17 -21.18 -2.99
CA PHE C 148 16.37 -21.70 -4.34
C PHE C 148 17.42 -22.81 -4.36
N SER C 149 17.22 -23.81 -3.52
CA SER C 149 18.17 -24.91 -3.38
C SER C 149 17.40 -26.18 -3.01
N ASN C 150 18.10 -27.30 -3.12
CA ASN C 150 17.51 -28.60 -2.80
C ASN C 150 17.14 -28.69 -1.32
N GLY C 155 13.84 -34.36 3.40
CA GLY C 155 13.10 -33.65 4.42
C GLY C 155 13.67 -33.86 5.81
N LYS C 156 14.88 -33.34 6.04
CA LYS C 156 15.52 -33.45 7.33
C LYS C 156 15.13 -32.28 8.23
N LYS C 157 15.71 -32.24 9.42
CA LYS C 157 15.39 -31.21 10.39
C LYS C 157 16.09 -29.90 10.05
N ARG C 158 15.33 -28.82 10.01
CA ARG C 158 15.88 -27.48 9.84
C ARG C 158 15.28 -26.55 10.88
N PHE C 159 16.07 -25.53 11.25
CA PHE C 159 15.65 -24.54 12.22
C PHE C 159 16.17 -23.18 11.79
N LEU C 160 15.38 -22.15 12.10
CA LEU C 160 15.83 -20.77 12.06
C LEU C 160 16.22 -20.37 13.47
N LEU C 161 17.50 -20.08 13.67
CA LEU C 161 18.04 -19.77 14.99
C LEU C 161 18.48 -18.31 15.03
N ILE C 162 17.99 -17.57 16.01
CA ILE C 162 18.44 -16.22 16.29
C ILE C 162 19.17 -16.25 17.63
N ARG C 163 20.48 -16.02 17.59
CA ARG C 163 21.28 -15.93 18.80
C ARG C 163 21.88 -14.54 18.90
N ASN C 164 22.33 -14.18 20.09
CA ASN C 164 23.04 -12.92 20.25
C ASN C 164 24.54 -13.17 20.24
N SER C 165 25.29 -12.17 19.77
CA SER C 165 26.74 -12.28 19.69
C SER C 165 27.34 -10.89 19.81
N THR C 166 28.67 -10.85 19.94
CA THR C 166 29.37 -9.58 19.95
C THR C 166 29.64 -9.14 18.52
N TRP C 167 29.46 -7.85 18.25
CA TRP C 167 29.74 -7.31 16.94
C TRP C 167 31.24 -7.37 16.68
N LYS C 168 31.64 -8.01 15.58
CA LYS C 168 33.04 -8.17 15.22
C LYS C 168 33.26 -7.77 13.77
N ASN C 169 32.43 -6.86 13.26
CA ASN C 169 32.47 -6.45 11.85
C ASN C 169 32.38 -7.67 10.94
N GLN C 170 31.40 -8.53 11.22
CA GLN C 170 31.27 -9.78 10.49
C GLN C 170 30.95 -9.55 9.02
N CYS C 171 30.33 -8.42 8.69
CA CYS C 171 30.05 -8.08 7.31
C CYS C 171 30.27 -6.58 7.13
N GLU C 172 29.79 -6.07 6.01
CA GLU C 172 29.61 -4.65 5.79
C GLU C 172 28.11 -4.39 5.68
N MET C 173 27.65 -3.30 6.29
CA MET C 173 26.22 -3.05 6.32
C MET C 173 25.68 -2.80 4.93
N ASN C 174 24.41 -3.16 4.73
CA ASN C 174 23.74 -3.06 3.44
C ASN C 174 22.50 -2.20 3.60
N HIS C 175 22.44 -1.09 2.88
CA HIS C 175 21.33 -0.17 3.04
C HIS C 175 20.07 -0.64 2.31
N VAL C 176 20.20 -1.54 1.32
CA VAL C 176 19.03 -2.20 0.78
C VAL C 176 18.42 -3.13 1.83
N ASN C 177 19.26 -3.87 2.54
CA ASN C 177 18.80 -4.69 3.65
C ASN C 177 18.16 -3.82 4.73
N SER C 178 18.77 -2.66 5.01
CA SER C 178 18.19 -1.72 5.96
C SER C 178 16.82 -1.25 5.50
N MET C 179 16.68 -0.97 4.20
CA MET C 179 15.40 -0.51 3.68
C MET C 179 14.32 -1.58 3.83
N HIS C 180 14.67 -2.84 3.54
CA HIS C 180 13.71 -3.93 3.73
C HIS C 180 13.33 -4.05 5.21
N LEU C 181 14.32 -3.99 6.10
CA LEU C 181 14.08 -4.12 7.52
C LEU C 181 13.18 -3.00 8.04
N MET C 182 13.42 -1.76 7.59
CA MET C 182 12.62 -0.63 8.01
C MET C 182 11.21 -0.68 7.42
N LEU C 183 11.08 -1.11 6.17
CA LEU C 183 9.76 -1.18 5.56
C LEU C 183 8.89 -2.20 6.27
N ALA C 184 9.48 -3.31 6.72
CA ALA C 184 8.72 -4.28 7.49
C ALA C 184 8.40 -3.81 8.91
N ASN C 185 9.00 -2.71 9.36
CA ASN C 185 8.84 -2.19 10.72
C ASN C 185 8.38 -0.74 10.71
N ALA C 186 7.46 -0.39 9.80
CA ALA C 186 7.01 0.97 9.68
C ALA C 186 6.25 1.42 10.92
N GLY C 187 6.60 2.59 11.44
CA GLY C 187 5.97 3.15 12.61
C GLY C 187 6.68 2.85 13.91
N ARG C 188 7.60 1.89 13.94
CA ARG C 188 8.33 1.58 15.15
CA ARG C 188 8.34 1.58 15.15
C ARG C 188 9.51 2.55 15.29
N SER C 189 9.61 3.18 16.46
CA SER C 189 10.61 4.21 16.67
C SER C 189 12.02 3.66 16.57
N SER C 190 12.90 4.44 15.93
CA SER C 190 14.32 4.11 15.81
C SER C 190 15.09 5.40 15.58
N GLY C 191 16.41 5.31 15.74
CA GLY C 191 17.27 6.44 15.48
C GLY C 191 17.58 7.27 16.71
N SER C 192 18.85 7.29 17.11
CA SER C 192 19.27 8.06 18.27
C SER C 192 20.46 8.95 17.93
N PHE D 1 -17.14 -5.21 -35.09
CA PHE D 1 -17.83 -3.94 -34.88
C PHE D 1 -17.12 -2.82 -35.64
N ARG D 2 -17.90 -1.99 -36.34
CA ARG D 2 -17.36 -0.91 -37.17
C ARG D 2 -17.82 0.41 -36.59
N ILE D 3 -16.88 1.12 -35.95
CA ILE D 3 -17.21 2.43 -35.39
C ILE D 3 -17.45 3.45 -36.49
N GLY D 4 -16.56 3.50 -37.47
CA GLY D 4 -16.67 4.44 -38.57
C GLY D 4 -16.08 3.90 -39.85
N ARG D 5 -15.96 4.76 -40.87
CA ARG D 5 -15.45 4.31 -42.17
C ARG D 5 -13.98 3.91 -42.13
N SER D 6 -13.25 4.26 -41.06
CA SER D 6 -11.83 3.93 -41.00
C SER D 6 -11.40 3.42 -39.64
N THR D 7 -12.33 2.90 -38.83
CA THR D 7 -11.98 2.41 -37.50
C THR D 7 -12.94 1.30 -37.12
N GLU D 8 -12.51 0.46 -36.16
CA GLU D 8 -13.27 -0.69 -35.74
C GLU D 8 -13.12 -0.90 -34.24
N LEU D 9 -14.13 -1.52 -33.64
CA LEU D 9 -14.11 -1.89 -32.23
C LEU D 9 -13.71 -3.35 -32.10
N GLN D 10 -12.60 -3.62 -31.43
CA GLN D 10 -12.06 -4.96 -31.30
C GLN D 10 -11.81 -5.27 -29.83
N ASN D 11 -11.83 -6.56 -29.52
CA ASN D 11 -11.73 -7.02 -28.14
C ASN D 11 -10.81 -8.22 -28.06
N ILE D 12 -10.29 -8.46 -26.86
CA ILE D 12 -9.50 -9.65 -26.55
C ILE D 12 -9.99 -10.21 -25.22
N THR D 13 -10.07 -11.53 -25.14
CA THR D 13 -10.44 -12.23 -23.92
C THR D 13 -9.24 -12.99 -23.39
N PHE D 14 -8.93 -12.80 -22.12
CA PHE D 14 -7.76 -13.41 -21.51
C PHE D 14 -8.07 -14.83 -21.04
N ASP D 15 -7.04 -15.65 -20.98
CA ASP D 15 -7.10 -17.00 -20.43
C ASP D 15 -6.13 -17.05 -19.25
N MET D 16 -6.67 -16.97 -18.03
CA MET D 16 -5.87 -16.88 -16.83
C MET D 16 -5.65 -18.24 -16.17
N LEU D 17 -5.87 -19.34 -16.90
CA LEU D 17 -5.77 -20.66 -16.31
C LEU D 17 -4.34 -20.96 -15.86
N LYS D 18 -3.38 -20.88 -16.78
CA LYS D 18 -2.00 -21.24 -16.46
C LYS D 18 -1.39 -20.33 -15.40
N VAL D 19 -1.94 -19.13 -15.21
CA VAL D 19 -1.46 -18.24 -14.16
C VAL D 19 -1.84 -18.80 -12.79
N PHE D 20 -3.04 -19.37 -12.66
CA PHE D 20 -3.57 -19.74 -11.36
C PHE D 20 -3.80 -21.24 -11.20
N GLU D 21 -3.24 -22.08 -12.07
CA GLU D 21 -3.42 -23.53 -11.94
C GLU D 21 -2.91 -24.04 -10.60
N ASP D 22 -1.77 -23.54 -10.15
CA ASP D 22 -1.07 -24.10 -9.00
C ASP D 22 -1.31 -23.33 -7.71
N HIS D 23 -2.23 -22.38 -7.70
CA HIS D 23 -2.47 -21.52 -6.56
C HIS D 23 -3.87 -21.74 -6.01
N PRO D 24 -4.09 -21.41 -4.73
CA PRO D 24 -5.44 -21.52 -4.17
C PRO D 24 -6.44 -20.67 -4.93
N THR D 25 -7.63 -21.20 -5.12
CA THR D 25 -8.72 -20.50 -5.77
C THR D 25 -9.99 -20.70 -4.97
N SER D 26 -11.04 -19.99 -5.34
CA SER D 26 -12.30 -20.09 -4.62
C SER D 26 -13.45 -19.89 -5.58
N CYS D 27 -14.62 -20.32 -5.14
CA CYS D 27 -15.82 -20.34 -5.96
C CYS D 27 -17.02 -20.04 -5.07
N MET D 28 -18.07 -19.54 -5.70
CA MET D 28 -19.36 -19.31 -5.06
C MET D 28 -20.39 -20.25 -5.66
N VAL D 29 -20.98 -21.11 -4.83
CA VAL D 29 -22.14 -21.89 -5.25
C VAL D 29 -23.40 -21.03 -5.21
N ASN D 30 -23.71 -20.49 -4.03
CA ASN D 30 -24.72 -19.45 -3.87
C ASN D 30 -24.18 -18.45 -2.88
N HIS D 31 -25.03 -17.51 -2.46
CA HIS D 31 -24.57 -16.42 -1.60
C HIS D 31 -24.20 -16.88 -0.20
N SER D 32 -24.51 -18.12 0.16
CA SER D 32 -24.14 -18.66 1.46
C SER D 32 -23.06 -19.73 1.41
N THR D 33 -22.77 -20.29 0.24
CA THR D 33 -21.88 -21.44 0.12
C THR D 33 -20.73 -21.11 -0.83
N TYR D 34 -19.50 -21.32 -0.36
CA TYR D 34 -18.29 -21.02 -1.11
C TYR D 34 -17.34 -22.21 -0.97
N TYR D 35 -16.45 -22.37 -1.93
CA TYR D 35 -15.47 -23.46 -1.87
C TYR D 35 -14.08 -22.92 -2.16
N VAL D 36 -13.12 -23.29 -1.33
CA VAL D 36 -11.71 -22.94 -1.51
C VAL D 36 -10.97 -24.22 -1.87
N HIS D 37 -10.18 -24.14 -2.94
CA HIS D 37 -9.53 -25.29 -3.55
C HIS D 37 -8.04 -25.00 -3.62
N GLU D 38 -7.20 -25.94 -3.14
CA GLU D 38 -5.77 -25.68 -3.05
C GLU D 38 -5.16 -25.44 -4.42
N ASN D 39 -5.44 -26.35 -5.36
CA ASN D 39 -4.99 -26.21 -6.74
C ASN D 39 -5.92 -27.07 -7.59
N LYS D 40 -5.66 -27.09 -8.89
CA LYS D 40 -6.61 -27.67 -9.83
C LYS D 40 -6.79 -29.17 -9.61
N ASN D 41 -5.71 -29.87 -9.27
CA ASN D 41 -5.73 -31.32 -9.18
C ASN D 41 -6.02 -31.85 -7.79
N ALA D 42 -6.22 -30.99 -6.81
CA ALA D 42 -6.50 -31.45 -5.44
C ALA D 42 -7.86 -32.14 -5.40
N THR D 43 -7.90 -33.30 -4.75
CA THR D 43 -9.13 -34.09 -4.64
C THR D 43 -9.99 -33.68 -3.46
N TRP D 44 -9.52 -32.76 -2.62
CA TRP D 44 -10.26 -32.24 -1.49
C TRP D 44 -10.46 -30.74 -1.65
N CYS D 45 -11.26 -30.17 -0.76
CA CYS D 45 -11.54 -28.75 -0.75
C CYS D 45 -12.09 -28.37 0.62
N LEU D 46 -12.25 -27.08 0.84
CA LEU D 46 -12.86 -26.57 2.07
C LEU D 46 -14.04 -25.68 1.71
N GLU D 47 -15.24 -26.04 2.15
CA GLU D 47 -16.36 -25.15 1.92
C GLU D 47 -16.57 -24.23 3.12
N VAL D 48 -16.93 -22.99 2.81
CA VAL D 48 -17.24 -21.95 3.78
C VAL D 48 -18.71 -21.60 3.61
N SER D 49 -19.46 -21.68 4.69
CA SER D 49 -20.91 -21.51 4.62
C SER D 49 -21.38 -20.63 5.77
N VAL D 50 -22.31 -19.73 5.45
CA VAL D 50 -23.02 -18.96 6.48
C VAL D 50 -24.25 -19.78 6.85
N THR D 51 -24.26 -20.28 8.08
CA THR D 51 -25.29 -21.19 8.55
C THR D 51 -26.08 -20.55 9.68
N ASP D 52 -27.27 -21.10 9.93
CA ASP D 52 -28.15 -20.61 10.99
C ASP D 52 -28.32 -21.60 12.12
N VAL D 53 -27.72 -22.78 12.03
CA VAL D 53 -27.82 -23.81 13.07
C VAL D 53 -26.42 -24.10 13.60
N THR D 54 -26.32 -24.21 14.93
CA THR D 54 -25.03 -24.50 15.56
C THR D 54 -24.67 -25.97 15.36
N LEU D 55 -23.43 -26.21 14.94
CA LEU D 55 -22.89 -27.55 14.83
C LEU D 55 -21.95 -27.90 15.96
N LEU D 56 -21.18 -26.93 16.46
CA LEU D 56 -20.24 -27.13 17.54
C LEU D 56 -20.66 -26.32 18.74
N MET D 57 -20.37 -26.84 19.93
CA MET D 57 -20.71 -26.19 21.19
C MET D 57 -19.47 -26.01 22.04
N ALA D 58 -19.45 -24.92 22.81
CA ALA D 58 -18.33 -24.68 23.70
C ALA D 58 -18.22 -25.76 24.77
N GLU D 59 -19.33 -26.40 25.12
CA GLU D 59 -19.32 -27.44 26.14
C GLU D 59 -18.74 -28.75 25.63
N HIS D 60 -18.81 -29.00 24.32
CA HIS D 60 -18.43 -30.28 23.76
C HIS D 60 -17.26 -30.24 22.81
N ASP D 61 -16.90 -29.08 22.27
CA ASP D 61 -15.89 -29.00 21.21
C ASP D 61 -14.70 -28.17 21.68
N ARG D 62 -13.70 -28.07 20.81
CA ARG D 62 -12.40 -27.51 21.15
C ARG D 62 -12.32 -26.05 20.72
N GLN D 63 -11.83 -25.20 21.61
CA GLN D 63 -11.52 -23.82 21.27
C GLN D 63 -10.23 -23.76 20.47
N VAL D 64 -10.22 -22.92 19.44
CA VAL D 64 -9.02 -22.72 18.63
C VAL D 64 -8.21 -21.62 19.32
N LEU D 65 -7.14 -22.03 19.99
CA LEU D 65 -6.26 -21.12 20.74
C LEU D 65 -4.82 -21.47 20.36
N ASN D 66 -4.32 -20.86 19.29
CA ASN D 66 -2.97 -21.08 18.78
C ASN D 66 -2.72 -22.53 18.37
N ASN D 67 -3.77 -23.32 18.15
CA ASN D 67 -3.63 -24.73 17.83
C ASN D 67 -4.63 -25.15 16.75
N LEU D 68 -4.74 -24.32 15.70
CA LEU D 68 -5.65 -24.63 14.61
C LEU D 68 -5.27 -25.94 13.91
N SER D 69 -3.97 -26.22 13.82
CA SER D 69 -3.51 -27.43 13.15
C SER D 69 -4.01 -28.70 13.84
N ASN D 70 -4.38 -28.62 15.12
CA ASN D 70 -4.92 -29.79 15.81
C ASN D 70 -6.30 -30.17 15.32
N CYS D 71 -6.99 -29.26 14.62
CA CYS D 71 -8.36 -29.54 14.19
C CYS D 71 -8.43 -30.51 13.02
N VAL D 72 -7.31 -30.81 12.36
CA VAL D 72 -7.25 -31.81 11.31
C VAL D 72 -6.66 -33.09 11.88
N HIS D 73 -7.27 -34.22 11.56
CA HIS D 73 -6.82 -35.49 12.09
C HIS D 73 -5.40 -35.80 11.62
N PRO D 74 -4.56 -36.39 12.47
CA PRO D 74 -3.18 -36.71 12.04
C PRO D 74 -3.10 -37.71 10.92
N ALA D 75 -4.13 -38.54 10.71
CA ALA D 75 -4.08 -39.57 9.68
C ALA D 75 -4.38 -39.05 8.28
N VAL D 76 -4.89 -37.82 8.16
CA VAL D 76 -5.18 -37.27 6.84
C VAL D 76 -3.88 -37.09 6.07
N GLU D 77 -3.87 -37.55 4.82
CA GLU D 77 -2.65 -37.49 4.02
C GLU D 77 -2.33 -36.06 3.60
N HIS D 78 -3.34 -35.27 3.30
CA HIS D 78 -3.17 -33.86 2.98
C HIS D 78 -3.33 -32.96 4.21
N ARG D 79 -2.97 -33.46 5.39
CA ARG D 79 -3.18 -32.71 6.62
C ARG D 79 -2.45 -31.38 6.58
N SER D 80 -1.18 -31.39 6.18
CA SER D 80 -0.39 -30.15 6.18
C SER D 80 -0.97 -29.14 5.18
N ARG D 81 -1.36 -29.62 4.00
CA ARG D 81 -1.97 -28.74 3.02
C ARG D 81 -3.33 -28.23 3.48
N MET D 82 -4.10 -29.06 4.18
CA MET D 82 -5.39 -28.63 4.71
C MET D 82 -5.22 -27.54 5.76
N VAL D 83 -4.26 -27.73 6.69
CA VAL D 83 -4.01 -26.70 7.70
C VAL D 83 -3.53 -25.42 7.04
N GLY D 84 -2.66 -25.55 6.03
CA GLY D 84 -2.24 -24.37 5.29
C GLY D 84 -3.40 -23.63 4.66
N LEU D 85 -4.29 -24.35 3.98
CA LEU D 85 -5.42 -23.70 3.31
C LEU D 85 -6.35 -23.07 4.32
N LEU D 86 -6.49 -23.67 5.50
CA LEU D 86 -7.25 -23.04 6.57
C LEU D 86 -6.63 -21.71 6.98
N GLU D 87 -5.30 -21.68 7.08
CA GLU D 87 -4.61 -20.42 7.40
C GLU D 87 -4.78 -19.39 6.29
N TRP D 88 -4.74 -19.84 5.03
CA TRP D 88 -4.98 -18.96 3.89
C TRP D 88 -6.38 -18.34 3.98
N ILE D 89 -7.38 -19.15 4.34
CA ILE D 89 -8.74 -18.64 4.49
C ILE D 89 -8.82 -17.63 5.64
N PHE D 90 -8.19 -17.96 6.78
CA PHE D 90 -8.25 -17.07 7.94
C PHE D 90 -7.55 -15.74 7.66
N ARG D 91 -6.46 -15.76 6.91
CA ARG D 91 -5.81 -14.51 6.50
C ARG D 91 -6.68 -13.76 5.50
N ALA D 92 -7.36 -14.47 4.60
CA ALA D 92 -8.24 -13.81 3.64
C ALA D 92 -9.39 -13.10 4.33
N LEU D 93 -9.85 -13.62 5.46
CA LEU D 93 -10.93 -12.99 6.22
C LEU D 93 -10.44 -11.83 7.07
N LYS D 94 -9.13 -11.58 7.10
CA LYS D 94 -8.52 -10.56 7.96
C LYS D 94 -8.85 -10.83 9.43
N TYR D 95 -8.90 -12.11 9.79
CA TYR D 95 -9.24 -12.49 11.15
C TYR D 95 -8.11 -12.12 12.11
N ASP D 96 -8.48 -11.56 13.25
CA ASP D 96 -7.55 -11.21 14.32
C ASP D 96 -7.87 -12.11 15.51
N PHE D 97 -7.02 -13.11 15.73
CA PHE D 97 -7.27 -14.07 16.80
C PHE D 97 -7.15 -13.47 18.19
N ASN D 98 -6.62 -12.25 18.31
CA ASN D 98 -6.50 -11.60 19.61
C ASN D 98 -7.81 -10.93 20.03
N MET D 99 -8.51 -10.30 19.09
CA MET D 99 -9.71 -9.53 19.40
C MET D 99 -11.00 -10.11 18.84
N ASP D 100 -10.93 -10.94 17.81
CA ASP D 100 -12.13 -11.55 17.27
C ASP D 100 -12.54 -12.75 18.13
N PRO D 101 -13.80 -13.16 18.04
CA PRO D 101 -14.27 -14.30 18.85
C PRO D 101 -13.49 -15.57 18.56
N THR D 102 -13.28 -16.36 19.61
CA THR D 102 -12.52 -17.59 19.49
C THR D 102 -13.29 -18.60 18.65
N PRO D 103 -12.68 -19.16 17.60
CA PRO D 103 -13.37 -20.19 16.82
C PRO D 103 -13.42 -21.52 17.56
N LEU D 104 -14.38 -22.33 17.18
CA LEU D 104 -14.51 -23.70 17.69
C LEU D 104 -14.23 -24.68 16.57
N CYS D 105 -13.60 -25.80 16.91
CA CYS D 105 -13.48 -26.91 15.98
C CYS D 105 -13.85 -28.21 16.70
N GLN D 106 -14.17 -29.22 15.91
CA GLN D 106 -14.81 -30.43 16.41
C GLN D 106 -13.94 -31.13 17.44
N LYS D 107 -14.59 -31.92 18.29
CA LYS D 107 -13.89 -32.68 19.31
C LYS D 107 -13.02 -33.76 18.68
N GLN D 108 -12.03 -34.21 19.46
CA GLN D 108 -11.10 -35.22 18.96
C GLN D 108 -11.80 -36.53 18.65
N THR D 109 -12.75 -36.93 19.50
CA THR D 109 -13.47 -38.19 19.34
C THR D 109 -14.73 -38.04 18.51
N SER D 110 -14.78 -37.08 17.60
CA SER D 110 -15.97 -36.87 16.79
C SER D 110 -16.18 -38.04 15.83
N THR D 111 -17.45 -38.48 15.73
CA THR D 111 -17.77 -39.60 14.87
C THR D 111 -17.80 -39.18 13.40
N VAL D 112 -18.24 -37.94 13.13
CA VAL D 112 -18.28 -37.44 11.76
C VAL D 112 -16.86 -37.32 11.21
N ASN D 113 -16.71 -37.55 9.91
CA ASN D 113 -15.41 -37.52 9.25
C ASN D 113 -15.14 -36.17 8.60
N GLU D 114 -15.54 -35.09 9.26
CA GLU D 114 -15.31 -33.74 8.76
C GLU D 114 -14.51 -32.94 9.78
N THR D 115 -13.66 -32.06 9.27
CA THR D 115 -13.01 -31.03 10.09
C THR D 115 -13.89 -29.79 10.04
N ARG D 116 -14.55 -29.49 11.15
CA ARG D 116 -15.43 -28.33 11.25
C ARG D 116 -14.71 -27.23 12.01
N VAL D 117 -14.78 -26.00 11.50
CA VAL D 117 -14.31 -24.81 12.20
C VAL D 117 -15.45 -23.82 12.20
N GLN D 118 -15.94 -23.47 13.39
CA GLN D 118 -17.13 -22.65 13.55
C GLN D 118 -16.77 -21.32 14.20
N ILE D 119 -17.15 -20.22 13.55
CA ILE D 119 -17.02 -18.89 14.10
C ILE D 119 -18.42 -18.36 14.37
N ASN D 120 -18.66 -17.91 15.60
CA ASN D 120 -19.96 -17.39 15.98
C ASN D 120 -20.06 -15.93 15.52
N ILE D 121 -20.95 -15.68 14.57
CA ILE D 121 -21.20 -14.32 14.08
C ILE D 121 -22.60 -13.85 14.44
N THR D 122 -23.19 -14.42 15.49
CA THR D 122 -24.46 -13.93 16.00
C THR D 122 -24.25 -12.56 16.63
N GLU D 123 -25.22 -11.67 16.43
CA GLU D 123 -25.12 -10.32 16.96
C GLU D 123 -25.01 -10.34 18.48
N GLY D 124 -24.03 -9.62 19.01
CA GLY D 124 -23.78 -9.55 20.42
C GLY D 124 -22.71 -10.48 20.93
N PHE D 125 -22.39 -11.55 20.18
CA PHE D 125 -21.32 -12.45 20.60
C PHE D 125 -19.96 -11.76 20.48
N GLY D 126 -19.71 -11.11 19.34
CA GLY D 126 -18.55 -10.26 19.18
C GLY D 126 -18.87 -8.81 19.45
N SER D 127 -17.92 -7.95 19.09
CA SER D 127 -18.16 -6.52 19.19
C SER D 127 -19.16 -6.08 18.12
N HIS D 128 -19.70 -4.88 18.30
CA HIS D 128 -20.66 -4.35 17.34
C HIS D 128 -20.04 -4.25 15.95
N GLY D 129 -20.76 -4.75 14.94
CA GLY D 129 -20.30 -4.71 13.58
C GLY D 129 -19.39 -5.84 13.16
N PHE D 130 -19.08 -6.78 14.06
CA PHE D 130 -18.19 -7.89 13.69
C PHE D 130 -18.82 -8.79 12.64
N GLU D 131 -20.11 -9.10 12.80
CA GLU D 131 -20.80 -9.93 11.83
C GLU D 131 -20.89 -9.24 10.47
N ASP D 132 -21.17 -7.94 10.46
CA ASP D 132 -21.18 -7.18 9.21
C ASP D 132 -19.80 -7.15 8.58
N THR D 133 -18.76 -7.03 9.40
CA THR D 133 -17.39 -7.09 8.89
C THR D 133 -17.13 -8.42 8.20
N ILE D 134 -17.54 -9.52 8.84
CA ILE D 134 -17.30 -10.85 8.26
C ILE D 134 -18.10 -11.03 6.96
N LEU D 135 -19.36 -10.61 6.94
CA LEU D 135 -20.18 -10.79 5.74
C LEU D 135 -19.67 -9.92 4.59
N GLN D 136 -19.24 -8.70 4.88
CA GLN D 136 -18.68 -7.85 3.85
C GLN D 136 -17.34 -8.38 3.35
N ARG D 137 -16.54 -8.99 4.23
CA ARG D 137 -15.32 -9.64 3.80
C ARG D 137 -15.63 -10.82 2.90
N LEU D 138 -16.68 -11.57 3.21
CA LEU D 138 -17.12 -12.65 2.33
C LEU D 138 -17.52 -12.11 0.96
N GLY D 139 -18.22 -10.98 0.95
CA GLY D 139 -18.57 -10.35 -0.32
C GLY D 139 -17.35 -9.92 -1.11
N VAL D 140 -16.34 -9.39 -0.43
CA VAL D 140 -15.11 -9.00 -1.12
C VAL D 140 -14.38 -10.22 -1.66
N LEU D 141 -14.37 -11.32 -0.90
CA LEU D 141 -13.57 -12.48 -1.27
C LEU D 141 -14.22 -13.31 -2.37
N PHE D 142 -15.53 -13.56 -2.26
CA PHE D 142 -16.21 -14.46 -3.18
C PHE D 142 -17.25 -13.76 -4.06
N GLY D 143 -17.49 -12.47 -3.86
CA GLY D 143 -18.55 -11.80 -4.59
C GLY D 143 -19.93 -12.01 -4.02
N SER D 144 -20.04 -12.29 -2.73
CA SER D 144 -21.33 -12.57 -2.12
C SER D 144 -22.07 -11.30 -1.76
N ARG D 145 -23.38 -11.30 -1.97
CA ARG D 145 -24.24 -10.20 -1.57
C ARG D 145 -24.99 -10.49 -0.28
N ILE D 146 -24.50 -11.43 0.52
CA ILE D 146 -25.17 -11.82 1.76
C ILE D 146 -25.18 -10.68 2.77
N ALA D 147 -24.16 -9.82 2.75
CA ALA D 147 -24.14 -8.67 3.64
C ALA D 147 -25.23 -7.67 3.29
N PHE D 148 -25.65 -7.64 2.03
CA PHE D 148 -26.68 -6.72 1.55
C PHE D 148 -28.06 -7.37 1.61
N SER D 149 -28.41 -7.89 2.79
CA SER D 149 -29.68 -8.60 2.97
C SER D 149 -30.16 -8.35 4.39
N ASN D 150 -31.44 -8.67 4.63
CA ASN D 150 -32.04 -8.52 5.94
C ASN D 150 -31.37 -9.43 6.97
N GLY D 155 -32.15 -10.87 14.73
CA GLY D 155 -30.87 -11.19 15.33
C GLY D 155 -30.80 -12.61 15.86
N LYS D 156 -31.01 -13.58 14.97
CA LYS D 156 -30.95 -15.00 15.34
C LYS D 156 -29.51 -15.49 15.30
N LYS D 157 -29.33 -16.76 15.64
CA LYS D 157 -27.99 -17.35 15.66
C LYS D 157 -27.46 -17.54 14.25
N ARG D 158 -26.21 -17.15 14.04
CA ARG D 158 -25.58 -17.28 12.73
C ARG D 158 -24.12 -17.64 12.94
N PHE D 159 -23.59 -18.46 12.03
CA PHE D 159 -22.23 -18.93 12.13
C PHE D 159 -21.56 -18.94 10.77
N LEU D 160 -20.24 -18.75 10.77
CA LEU D 160 -19.40 -18.98 9.61
C LEU D 160 -18.69 -20.31 9.84
N LEU D 161 -18.99 -21.30 9.01
CA LEU D 161 -18.47 -22.64 9.18
C LEU D 161 -17.57 -23.00 7.99
N ILE D 162 -16.35 -23.44 8.30
CA ILE D 162 -15.44 -23.99 7.31
C ILE D 162 -15.34 -25.48 7.57
N ARG D 163 -15.82 -26.29 6.65
CA ARG D 163 -15.63 -27.73 6.75
C ARG D 163 -14.86 -28.22 5.54
N ASN D 164 -14.34 -29.44 5.64
CA ASN D 164 -13.63 -30.05 4.53
C ASN D 164 -14.55 -31.01 3.79
N SER D 165 -14.29 -31.19 2.50
CA SER D 165 -15.10 -32.05 1.65
C SER D 165 -14.24 -32.52 0.49
N THR D 166 -14.81 -33.44 -0.29
CA THR D 166 -14.16 -33.91 -1.50
C THR D 166 -14.55 -33.00 -2.67
N TRP D 167 -13.56 -32.67 -3.50
CA TRP D 167 -13.82 -31.83 -4.66
C TRP D 167 -14.65 -32.60 -5.68
N LYS D 168 -15.84 -32.09 -5.97
CA LYS D 168 -16.76 -32.68 -6.93
C LYS D 168 -17.06 -31.72 -8.08
N ASN D 169 -16.11 -30.82 -8.37
CA ASN D 169 -16.32 -29.75 -9.35
C ASN D 169 -17.58 -28.96 -9.02
N GLN D 170 -17.66 -28.53 -7.76
CA GLN D 170 -18.85 -27.84 -7.27
C GLN D 170 -19.06 -26.51 -8.00
N CYS D 171 -18.00 -25.92 -8.54
CA CYS D 171 -18.10 -24.62 -9.19
C CYS D 171 -17.21 -24.62 -10.41
N GLU D 172 -16.99 -23.43 -10.96
CA GLU D 172 -15.93 -23.18 -11.92
C GLU D 172 -14.91 -22.24 -11.31
N MET D 173 -13.65 -22.42 -11.71
CA MET D 173 -12.55 -21.61 -11.18
C MET D 173 -12.77 -20.14 -11.50
N ASN D 174 -12.54 -19.28 -10.51
CA ASN D 174 -12.68 -17.84 -10.68
C ASN D 174 -11.36 -17.18 -10.33
N HIS D 175 -10.74 -16.52 -11.31
CA HIS D 175 -9.41 -15.95 -11.10
C HIS D 175 -9.43 -14.59 -10.42
N VAL D 176 -10.56 -13.88 -10.45
CA VAL D 176 -10.72 -12.70 -9.60
C VAL D 176 -10.72 -13.10 -8.13
N ASN D 177 -11.44 -14.17 -7.80
CA ASN D 177 -11.42 -14.69 -6.44
C ASN D 177 -10.03 -15.15 -6.06
N SER D 178 -9.31 -15.78 -6.99
CA SER D 178 -7.92 -16.16 -6.75
C SER D 178 -7.05 -14.95 -6.48
N MET D 179 -7.27 -13.86 -7.22
CA MET D 179 -6.47 -12.65 -7.01
C MET D 179 -6.74 -12.07 -5.63
N HIS D 180 -8.00 -12.04 -5.20
CA HIS D 180 -8.30 -11.57 -3.85
C HIS D 180 -7.65 -12.46 -2.80
N LEU D 181 -7.75 -13.77 -2.99
CA LEU D 181 -7.19 -14.73 -2.04
C LEU D 181 -5.67 -14.58 -1.92
N MET D 182 -4.98 -14.40 -3.06
CA MET D 182 -3.54 -14.24 -3.02
C MET D 182 -3.13 -12.87 -2.48
N LEU D 183 -3.90 -11.82 -2.78
CA LEU D 183 -3.57 -10.50 -2.26
C LEU D 183 -3.66 -10.48 -0.74
N ALA D 184 -4.64 -11.19 -0.17
CA ALA D 184 -4.71 -11.28 1.28
C ALA D 184 -3.62 -12.16 1.87
N ASN D 185 -2.88 -12.90 1.06
CA ASN D 185 -1.87 -13.85 1.52
C ASN D 185 -0.51 -13.58 0.87
N ALA D 186 -0.15 -12.31 0.77
CA ALA D 186 1.10 -11.93 0.12
C ALA D 186 2.30 -12.42 0.93
N GLY D 187 3.24 -13.07 0.24
CA GLY D 187 4.44 -13.60 0.87
C GLY D 187 4.35 -15.06 1.26
N ARG D 188 3.15 -15.62 1.36
CA ARG D 188 3.00 -17.03 1.71
CA ARG D 188 3.00 -17.03 1.71
C ARG D 188 3.25 -17.89 0.48
N SER D 189 4.13 -18.88 0.62
CA SER D 189 4.52 -19.69 -0.52
C SER D 189 3.36 -20.49 -1.08
N SER D 190 3.30 -20.58 -2.40
CA SER D 190 2.31 -21.37 -3.11
C SER D 190 2.85 -21.71 -4.49
N GLY D 191 2.19 -22.65 -5.16
CA GLY D 191 2.55 -23.02 -6.51
C GLY D 191 3.51 -24.18 -6.59
N SER D 192 3.05 -25.30 -7.15
CA SER D 192 3.88 -26.49 -7.30
C SER D 192 3.84 -27.00 -8.74
N GLY E 18 18.30 23.67 -10.43
CA GLY E 18 17.51 22.59 -9.88
C GLY E 18 17.92 22.21 -8.47
N TYR E 19 17.83 20.91 -8.16
CA TYR E 19 18.19 20.40 -6.85
C TYR E 19 19.65 20.01 -6.84
N CYS E 20 20.39 20.51 -5.86
CA CYS E 20 21.83 20.24 -5.74
C CYS E 20 22.07 19.25 -4.62
N LEU E 21 22.78 18.16 -4.94
CA LEU E 21 23.10 17.15 -3.94
C LEU E 21 24.24 17.63 -3.06
N GLU E 22 24.11 17.40 -1.76
CA GLU E 22 25.17 17.76 -0.84
C GLU E 22 26.38 16.85 -1.03
N ARG E 23 27.53 17.33 -0.53
CA ARG E 23 28.77 16.58 -0.70
C ARG E 23 28.70 15.22 0.01
N TRP E 24 28.08 15.20 1.20
CA TRP E 24 27.98 13.94 1.94
C TRP E 24 27.03 12.95 1.29
N MET E 25 26.16 13.39 0.39
CA MET E 25 25.23 12.47 -0.27
C MET E 25 25.96 11.56 -1.25
N LEU E 26 26.97 12.09 -1.94
CA LEU E 26 27.67 11.36 -2.98
C LEU E 26 29.07 10.97 -2.50
N VAL E 27 29.79 10.24 -3.35
CA VAL E 27 31.14 9.77 -3.06
C VAL E 27 32.17 10.34 -4.01
N THR E 28 31.78 11.20 -4.94
CA THR E 28 32.70 11.74 -5.93
C THR E 28 33.40 13.02 -5.47
N SER E 29 33.03 13.55 -4.29
CA SER E 29 33.62 14.78 -3.76
C SER E 29 33.48 15.94 -4.74
N ASP E 30 32.31 16.04 -5.37
CA ASP E 30 32.03 17.10 -6.33
C ASP E 30 30.58 17.54 -6.19
N LEU E 31 30.30 18.74 -6.68
CA LEU E 31 28.96 19.30 -6.63
C LEU E 31 28.17 18.85 -7.85
N LYS E 32 27.01 18.24 -7.61
CA LYS E 32 26.15 17.74 -8.68
C LYS E 32 24.76 18.32 -8.51
N CYS E 33 24.33 19.15 -9.46
CA CYS E 33 23.02 19.76 -9.46
C CYS E 33 22.23 19.24 -10.65
N PHE E 34 21.03 18.75 -10.40
CA PHE E 34 20.15 18.24 -11.44
C PHE E 34 19.03 19.25 -11.69
N GLY E 35 18.82 19.60 -12.96
CA GLY E 35 17.83 20.61 -13.28
C GLY E 35 16.42 20.14 -13.01
N ASN E 36 15.53 21.13 -12.83
CA ASN E 36 14.14 20.82 -12.55
C ASN E 36 13.45 20.16 -13.74
N THR E 37 13.96 20.40 -14.96
CA THR E 37 13.36 19.78 -16.14
C THR E 37 13.48 18.26 -16.08
N ALA E 38 14.64 17.75 -15.68
CA ALA E 38 14.82 16.31 -15.56
C ALA E 38 14.12 15.76 -14.31
N LEU E 39 14.16 16.50 -13.21
CA LEU E 39 13.58 16.03 -11.96
C LEU E 39 12.05 16.12 -11.95
N ALA E 40 11.45 16.80 -12.94
CA ALA E 40 10.00 16.87 -13.00
C ALA E 40 9.37 15.52 -13.35
N LYS E 41 10.15 14.59 -13.91
CA LYS E 41 9.63 13.28 -14.27
C LYS E 41 9.48 12.35 -13.08
N CYS E 42 9.94 12.75 -11.89
CA CYS E 42 9.88 11.88 -10.72
C CYS E 42 8.45 11.64 -10.28
N ASN E 43 7.60 12.68 -10.32
CA ASN E 43 6.24 12.53 -9.82
C ASN E 43 5.43 11.55 -10.65
N LEU E 44 5.60 11.58 -11.97
CA LEU E 44 4.83 10.67 -12.82
C LEU E 44 5.38 9.24 -12.75
N ASP E 45 6.69 9.09 -12.66
CA ASP E 45 7.32 7.78 -12.68
C ASP E 45 7.18 7.08 -11.34
N HIS E 46 6.94 5.77 -11.39
CA HIS E 46 6.89 4.94 -10.20
C HIS E 46 7.91 3.81 -10.23
N ASP E 47 8.72 3.72 -11.28
CA ASP E 47 9.77 2.71 -11.39
C ASP E 47 11.16 3.31 -11.33
N SER E 48 11.29 4.54 -10.82
CA SER E 48 12.56 5.24 -10.74
C SER E 48 13.10 5.11 -9.32
N GLU E 49 14.16 4.31 -9.17
CA GLU E 49 14.81 4.19 -7.88
C GLU E 49 15.58 5.45 -7.51
N PHE E 50 16.02 6.20 -8.52
CA PHE E 50 16.74 7.46 -8.27
C PHE E 50 15.84 8.47 -7.58
N CYS E 51 14.57 8.56 -7.99
CA CYS E 51 13.66 9.50 -7.35
C CYS E 51 13.36 9.09 -5.91
N ASP E 52 13.27 7.79 -5.65
CA ASP E 52 13.13 7.32 -4.28
C ASP E 52 14.34 7.69 -3.43
N MET E 53 15.55 7.53 -4.00
CA MET E 53 16.75 7.92 -3.28
C MET E 53 16.78 9.42 -3.02
N LEU E 54 16.34 10.22 -4.00
CA LEU E 54 16.28 11.67 -3.81
C LEU E 54 15.30 12.04 -2.71
N LYS E 55 14.14 11.39 -2.68
CA LYS E 55 13.17 11.66 -1.61
C LYS E 55 13.74 11.30 -0.25
N LEU E 56 14.41 10.16 -0.16
CA LEU E 56 15.03 9.75 1.10
C LEU E 56 16.09 10.77 1.54
N PHE E 57 16.94 11.20 0.61
CA PHE E 57 17.99 12.15 0.95
C PHE E 57 17.42 13.49 1.36
N GLU E 58 16.37 13.95 0.67
CA GLU E 58 15.75 15.22 1.04
C GLU E 58 15.12 15.14 2.43
N PHE E 59 14.42 14.04 2.73
CA PHE E 59 13.84 13.88 4.06
C PHE E 59 14.92 13.88 5.13
N ASN E 60 16.01 13.13 4.90
CA ASN E 60 17.09 13.07 5.89
C ASN E 60 17.76 14.42 6.05
N LYS E 61 17.96 15.15 4.96
CA LYS E 61 18.58 16.47 5.03
C LYS E 61 17.72 17.43 5.84
N LYS E 62 16.42 17.49 5.54
CA LYS E 62 15.55 18.39 6.29
C LYS E 62 15.36 17.93 7.72
N ALA E 63 15.60 16.65 8.02
CA ALA E 63 15.59 16.22 9.41
C ALA E 63 16.87 16.62 10.14
N ILE E 64 18.01 16.62 9.44
CA ILE E 64 19.28 16.94 10.08
C ILE E 64 19.32 18.41 10.48
N GLU E 65 18.94 19.30 9.57
CA GLU E 65 18.98 20.73 9.83
C GLU E 65 17.86 21.15 10.79
N LYS E 74 15.61 15.17 20.24
CA LYS E 74 15.48 15.00 18.80
C LYS E 74 14.85 13.64 18.48
N VAL E 75 13.80 13.66 17.66
CA VAL E 75 13.04 12.46 17.30
C VAL E 75 13.24 12.19 15.83
N ASN E 76 13.62 10.95 15.50
CA ASN E 76 13.75 10.52 14.11
C ASN E 76 12.41 9.98 13.64
N LEU E 77 11.94 10.51 12.51
CA LEU E 77 10.64 10.13 11.96
C LEU E 77 10.76 9.31 10.68
N LEU E 78 11.93 8.71 10.45
CA LEU E 78 12.16 7.99 9.19
C LEU E 78 11.26 6.78 9.05
N THR E 79 10.94 6.10 10.15
CA THR E 79 10.07 4.93 10.08
C THR E 79 8.63 5.31 9.76
N HIS E 80 8.22 6.54 10.07
CA HIS E 80 6.86 6.97 9.75
C HIS E 80 6.70 7.31 8.27
N SER E 81 7.78 7.72 7.61
CA SER E 81 7.72 8.18 6.23
C SER E 81 8.44 7.27 5.25
N ILE E 82 9.01 6.15 5.72
CA ILE E 82 9.76 5.28 4.81
C ILE E 82 8.86 4.69 3.73
N ASN E 83 7.59 4.44 4.03
CA ASN E 83 6.66 4.02 3.01
C ASN E 83 6.45 5.11 1.96
N ALA E 84 6.33 6.36 2.40
CA ALA E 84 6.08 7.45 1.47
C ALA E 84 7.31 7.82 0.66
N LEU E 85 8.51 7.50 1.13
CA LEU E 85 9.74 7.83 0.42
C LEU E 85 10.25 6.69 -0.46
N ILE E 86 10.16 5.45 0.02
CA ILE E 86 10.66 4.29 -0.69
C ILE E 86 9.47 3.44 -1.11
N SER E 87 9.38 3.15 -2.41
CA SER E 87 8.33 2.29 -2.92
C SER E 87 8.65 0.84 -2.58
N ASP E 88 7.77 0.21 -1.79
CA ASP E 88 7.98 -1.18 -1.42
C ASP E 88 7.88 -2.10 -2.62
N ASN E 89 7.02 -1.78 -3.59
CA ASN E 89 6.87 -2.63 -4.76
C ASN E 89 8.10 -2.62 -5.64
N LEU E 90 8.70 -1.44 -5.85
CA LEU E 90 9.92 -1.35 -6.64
C LEU E 90 11.08 -2.08 -5.96
N LEU E 91 11.20 -1.91 -4.63
CA LEU E 91 12.23 -2.61 -3.88
C LEU E 91 12.03 -4.12 -3.95
N MET E 92 10.78 -4.58 -3.83
CA MET E 92 10.48 -6.00 -3.95
C MET E 92 10.83 -6.53 -5.33
N LYS E 93 10.50 -5.77 -6.38
CA LYS E 93 10.83 -6.19 -7.73
C LYS E 93 12.34 -6.31 -7.93
N ASN E 94 13.09 -5.34 -7.42
CA ASN E 94 14.55 -5.40 -7.56
C ASN E 94 15.14 -6.56 -6.76
N ARG E 95 14.61 -6.80 -5.56
CA ARG E 95 15.09 -7.94 -4.77
C ARG E 95 14.79 -9.26 -5.46
N LEU E 96 13.59 -9.38 -6.05
CA LEU E 96 13.23 -10.61 -6.74
C LEU E 96 14.09 -10.82 -7.99
N LYS E 97 14.43 -9.75 -8.70
CA LYS E 97 15.36 -9.86 -9.80
C LYS E 97 16.74 -10.30 -9.32
N GLU E 98 17.17 -9.78 -8.17
CA GLU E 98 18.45 -10.20 -7.60
C GLU E 98 18.45 -11.68 -7.24
N LEU E 99 17.34 -12.18 -6.69
CA LEU E 99 17.28 -13.58 -6.28
C LEU E 99 17.29 -14.52 -7.47
N LEU E 100 16.84 -14.06 -8.63
CA LEU E 100 16.75 -14.88 -9.84
C LEU E 100 17.97 -14.74 -10.74
N ASN E 101 19.01 -14.04 -10.30
CA ASN E 101 20.27 -13.88 -11.05
C ASN E 101 20.05 -13.14 -12.36
N THR E 102 19.12 -12.19 -12.39
CA THR E 102 18.64 -11.21 -13.33
C THR E 102 19.23 -9.84 -13.02
N PRO E 103 19.52 -8.99 -14.02
CA PRO E 103 19.97 -7.63 -13.71
C PRO E 103 18.97 -6.90 -12.84
N TYR E 104 19.48 -6.17 -11.85
CA TYR E 104 18.64 -5.53 -10.86
C TYR E 104 19.30 -4.27 -10.35
N CYS E 105 18.48 -3.41 -9.73
CA CYS E 105 18.97 -2.19 -9.12
C CYS E 105 19.27 -2.44 -7.64
N ASN E 106 20.47 -2.06 -7.21
CA ASN E 106 20.81 -2.14 -5.80
C ASN E 106 20.99 -0.75 -5.18
N TYR E 107 20.40 0.27 -5.82
CA TYR E 107 20.14 1.59 -5.23
C TYR E 107 21.42 2.33 -4.86
N THR E 108 22.49 2.10 -5.59
CA THR E 108 23.78 2.69 -5.28
C THR E 108 24.30 3.62 -6.38
N LYS E 109 24.36 3.13 -7.61
CA LYS E 109 24.91 3.88 -8.73
C LYS E 109 23.83 4.13 -9.77
N PHE E 110 23.79 5.35 -10.29
CA PHE E 110 22.79 5.75 -11.28
C PHE E 110 23.47 6.46 -12.44
N TRP E 111 23.07 6.11 -13.66
CA TRP E 111 23.64 6.68 -14.87
C TRP E 111 22.64 7.63 -15.53
N TYR E 112 23.16 8.65 -16.20
CA TYR E 112 22.34 9.59 -16.92
C TYR E 112 23.13 10.14 -18.10
N VAL E 113 22.40 10.66 -19.08
CA VAL E 113 22.97 11.22 -20.30
C VAL E 113 23.01 12.74 -20.16
N ASN E 114 24.18 13.33 -20.35
CA ASN E 114 24.39 14.76 -20.19
C ASN E 114 24.80 15.36 -21.52
N HIS E 115 24.08 16.40 -21.95
CA HIS E 115 24.47 17.20 -23.10
C HIS E 115 25.49 18.23 -22.64
N THR E 116 26.77 17.94 -22.88
CA THR E 116 27.85 18.71 -22.25
C THR E 116 27.81 20.17 -22.69
N ALA E 117 27.57 20.43 -23.97
CA ALA E 117 27.60 21.80 -24.47
C ALA E 117 26.52 22.67 -23.81
N SER E 118 25.31 22.13 -23.67
CA SER E 118 24.20 22.90 -23.12
C SER E 118 23.99 22.68 -21.63
N GLY E 119 24.43 21.55 -21.08
CA GLY E 119 24.21 21.23 -19.69
C GLY E 119 22.91 20.50 -19.40
N GLU E 120 22.03 20.37 -20.38
CA GLU E 120 20.80 19.60 -20.19
C GLU E 120 21.13 18.11 -20.06
N HIS E 121 20.35 17.43 -19.24
CA HIS E 121 20.64 16.04 -18.92
C HIS E 121 19.33 15.28 -18.72
N SER E 122 19.43 13.97 -18.84
CA SER E 122 18.29 13.10 -18.59
C SER E 122 18.14 12.81 -17.10
N LEU E 123 16.99 12.27 -16.74
CA LEU E 123 16.79 11.81 -15.37
C LEU E 123 17.67 10.58 -15.13
N PRO E 124 18.46 10.56 -14.06
CA PRO E 124 19.35 9.42 -13.84
C PRO E 124 18.59 8.11 -13.68
N ARG E 125 19.19 7.04 -14.22
CA ARG E 125 18.62 5.71 -14.19
C ARG E 125 19.61 4.77 -13.53
N CYS E 126 19.08 3.72 -12.91
CA CYS E 126 19.92 2.83 -12.12
C CYS E 126 20.89 2.04 -12.99
N TRP E 127 22.13 1.93 -12.50
CA TRP E 127 23.13 1.08 -13.12
C TRP E 127 22.96 -0.34 -12.58
N LEU E 128 22.52 -1.26 -13.43
CA LEU E 128 22.14 -2.59 -12.99
C LEU E 128 23.38 -3.40 -12.58
N VAL E 129 23.12 -4.48 -11.85
CA VAL E 129 24.16 -5.32 -11.28
C VAL E 129 23.85 -6.79 -11.57
N ARG E 130 24.86 -7.54 -11.98
CA ARG E 130 24.80 -8.99 -12.08
C ARG E 130 26.06 -9.59 -11.46
N ASN E 131 25.87 -10.71 -10.75
CA ASN E 131 26.99 -11.45 -10.13
C ASN E 131 27.85 -10.54 -9.28
N ASN E 132 27.20 -9.64 -8.53
CA ASN E 132 27.89 -8.67 -7.69
C ASN E 132 28.85 -7.80 -8.50
N SER E 133 28.46 -7.49 -9.74
CA SER E 133 29.26 -6.67 -10.63
C SER E 133 28.36 -5.71 -11.39
N TYR E 134 28.80 -4.47 -11.53
CA TYR E 134 28.04 -3.48 -12.27
C TYR E 134 27.95 -3.85 -13.75
N LEU E 135 26.78 -3.63 -14.33
CA LEU E 135 26.57 -3.91 -15.75
C LEU E 135 27.50 -3.06 -16.59
N ASN E 136 28.11 -3.68 -17.59
CA ASN E 136 29.02 -2.96 -18.46
C ASN E 136 28.23 -2.10 -19.44
N GLU E 137 28.90 -1.06 -19.95
CA GLU E 137 28.20 -0.04 -20.75
C GLU E 137 27.53 -0.65 -21.98
N SER E 138 28.19 -1.60 -22.63
CA SER E 138 27.61 -2.23 -23.81
C SER E 138 26.38 -3.05 -23.46
N GLU E 139 26.35 -3.70 -22.29
CA GLU E 139 25.27 -4.60 -21.94
C GLU E 139 23.93 -3.88 -21.78
N PHE E 140 23.94 -2.56 -21.61
CA PHE E 140 22.72 -1.77 -21.68
C PHE E 140 22.90 -0.60 -22.64
N ARG E 141 23.65 -0.82 -23.72
CA ARG E 141 23.92 0.22 -24.69
C ARG E 141 22.63 0.76 -25.30
N ASN E 142 21.74 -0.15 -25.72
CA ASN E 142 20.46 0.27 -26.28
C ASN E 142 19.67 1.13 -25.31
N ASP E 143 19.92 0.98 -24.01
CA ASP E 143 19.23 1.82 -23.04
C ASP E 143 19.70 3.27 -23.10
N TRP E 144 21.01 3.49 -23.22
CA TRP E 144 21.52 4.86 -23.18
C TRP E 144 21.73 5.46 -24.56
N ILE E 145 21.48 4.71 -25.64
CA ILE E 145 21.44 5.32 -26.96
C ILE E 145 20.15 6.11 -27.14
N ILE E 146 19.01 5.42 -27.06
CA ILE E 146 17.73 6.09 -27.30
C ILE E 146 17.53 7.23 -26.31
N GLU E 147 17.88 7.00 -25.04
CA GLU E 147 17.81 8.06 -24.04
C GLU E 147 18.54 9.30 -24.52
N SER E 148 19.79 9.13 -24.96
CA SER E 148 20.53 10.24 -25.53
C SER E 148 19.76 10.88 -26.67
N ASP E 149 19.31 10.05 -27.62
CA ASP E 149 18.47 10.55 -28.70
C ASP E 149 17.28 11.31 -28.14
N HIS E 150 16.58 10.70 -27.18
CA HIS E 150 15.41 11.35 -26.60
C HIS E 150 15.79 12.70 -26.03
N LEU E 151 16.92 12.78 -25.32
CA LEU E 151 17.37 14.05 -24.78
C LEU E 151 17.44 15.10 -25.88
N LEU E 152 18.12 14.76 -26.98
CA LEU E 152 18.21 15.70 -28.10
C LEU E 152 16.83 16.06 -28.60
N SER E 153 15.96 15.05 -28.77
CA SER E 153 14.60 15.33 -29.21
C SER E 153 13.89 16.24 -28.22
N GLU E 154 14.08 15.99 -26.92
CA GLU E 154 13.49 16.87 -25.92
C GLU E 154 14.02 18.29 -26.08
N MET E 155 15.33 18.42 -26.32
CA MET E 155 15.91 19.74 -26.51
C MET E 155 15.38 20.40 -27.78
N LEU E 156 14.86 19.62 -28.72
CA LEU E 156 14.23 20.15 -29.92
C LEU E 156 12.72 20.23 -29.80
N ASN E 157 12.14 19.75 -28.71
CA ASN E 157 10.71 19.83 -28.50
C ASN E 157 10.31 20.88 -27.48
N LYS E 158 11.18 21.19 -26.53
CA LYS E 158 10.89 22.26 -25.57
C LYS E 158 10.90 23.63 -26.25
N GLU E 159 11.74 23.80 -27.27
CA GLU E 159 11.80 25.08 -27.97
C GLU E 159 10.47 25.42 -28.63
N TYR E 160 9.84 24.42 -29.27
CA TYR E 160 8.53 24.65 -29.88
C TYR E 160 7.48 25.00 -28.83
N ILE E 161 7.50 24.29 -27.70
CA ILE E 161 6.51 24.54 -26.65
C ILE E 161 6.76 25.91 -26.01
N ASP E 162 8.03 26.27 -25.82
CA ASP E 162 8.34 27.56 -25.23
C ASP E 162 7.83 28.71 -26.09
N ARG E 163 8.04 28.62 -27.41
CA ARG E 163 7.51 29.64 -28.31
C ARG E 163 5.98 29.62 -28.33
N GLN E 164 5.39 28.42 -28.35
CA GLN E 164 3.94 28.32 -28.34
C GLN E 164 3.33 28.83 -27.05
N GLY E 165 4.06 28.75 -25.94
CA GLY E 165 3.56 29.27 -24.68
C GLY E 165 3.42 30.78 -24.69
N LYS E 166 4.33 31.48 -25.37
CA LYS E 166 4.32 32.93 -25.39
C LYS E 166 3.43 33.49 -26.49
N THR E 167 3.55 32.96 -27.71
CA THR E 167 2.80 33.49 -28.85
C THR E 167 1.48 32.74 -29.00
N PRO E 168 0.36 33.44 -29.04
CA PRO E 168 -0.94 32.78 -29.22
C PRO E 168 -1.13 32.31 -30.66
N LEU E 169 -2.14 31.46 -30.84
CA LEU E 169 -2.44 30.94 -32.17
C LEU E 169 -3.00 32.02 -33.09
N THR E 170 -3.63 33.05 -32.52
CA THR E 170 -4.21 34.11 -33.34
C THR E 170 -3.14 34.87 -34.10
N LEU E 171 -1.98 35.10 -33.47
CA LEU E 171 -0.89 35.80 -34.15
C LEU E 171 -0.39 35.03 -35.36
N VAL E 172 -0.32 33.69 -35.24
CA VAL E 172 0.12 32.88 -36.36
C VAL E 172 -0.90 32.93 -37.50
N ASP E 173 -2.19 32.98 -37.16
CA ASP E 173 -3.22 33.05 -38.18
C ASP E 173 -3.13 34.35 -38.98
N ILE E 174 -2.81 35.45 -38.31
CA ILE E 174 -2.69 36.74 -39.00
C ILE E 174 -1.54 36.69 -40.00
N CYS E 175 -0.43 36.05 -39.63
CA CYS E 175 0.71 35.95 -40.54
C CYS E 175 0.36 35.15 -41.79
N PHE E 176 -0.52 34.15 -41.67
CA PHE E 176 -0.94 33.38 -42.83
C PHE E 176 -1.66 34.25 -43.86
N TRP E 177 -2.54 35.13 -43.38
CA TRP E 177 -3.28 36.01 -44.28
C TRP E 177 -2.54 37.32 -44.50
N GLY F 18 5.40 -3.78 -30.97
CA GLY F 18 5.10 -3.73 -29.55
C GLY F 18 5.07 -5.10 -28.89
N TYR F 19 4.69 -5.13 -27.62
CA TYR F 19 4.62 -6.39 -26.90
C TYR F 19 3.52 -7.27 -27.47
N CYS F 20 3.83 -8.53 -27.74
CA CYS F 20 2.90 -9.42 -28.42
C CYS F 20 2.56 -10.59 -27.50
N LEU F 21 1.28 -10.92 -27.43
CA LEU F 21 0.80 -11.90 -26.48
C LEU F 21 0.96 -13.31 -27.03
N GLU F 22 1.24 -14.25 -26.14
CA GLU F 22 1.35 -15.65 -26.52
C GLU F 22 -0.02 -16.24 -26.82
N ARG F 23 -0.02 -17.36 -27.52
CA ARG F 23 -1.28 -18.01 -27.89
C ARG F 23 -2.06 -18.47 -26.66
N TRP F 24 -1.35 -19.02 -25.67
CA TRP F 24 -2.03 -19.52 -24.48
C TRP F 24 -2.59 -18.40 -23.61
N MET F 25 -2.11 -17.17 -23.80
CA MET F 25 -2.62 -16.05 -23.00
C MET F 25 -4.07 -15.75 -23.34
N LEU F 26 -4.44 -15.84 -24.61
CA LEU F 26 -5.77 -15.48 -25.09
C LEU F 26 -6.57 -16.73 -25.42
N VAL F 27 -7.82 -16.52 -25.85
CA VAL F 27 -8.72 -17.60 -26.21
C VAL F 27 -9.16 -17.53 -27.67
N THR F 28 -8.66 -16.56 -28.44
CA THR F 28 -9.07 -16.39 -29.82
C THR F 28 -8.24 -17.21 -30.81
N SER F 29 -7.20 -17.89 -30.34
CA SER F 29 -6.33 -18.71 -31.20
C SER F 29 -5.74 -17.87 -32.33
N ASP F 30 -5.37 -16.63 -32.02
CA ASP F 30 -4.77 -15.73 -33.00
C ASP F 30 -3.65 -14.94 -32.34
N LEU F 31 -2.74 -14.46 -33.17
CA LEU F 31 -1.62 -13.66 -32.69
C LEU F 31 -2.05 -12.21 -32.54
N LYS F 32 -1.82 -11.64 -31.35
CA LYS F 32 -2.22 -10.27 -31.06
C LYS F 32 -1.01 -9.53 -30.49
N CYS F 33 -0.48 -8.60 -31.27
CA CYS F 33 0.65 -7.78 -30.86
C CYS F 33 0.17 -6.35 -30.68
N PHE F 34 0.41 -5.78 -29.49
CA PHE F 34 0.03 -4.42 -29.19
C PHE F 34 1.25 -3.52 -29.29
N GLY F 35 1.11 -2.40 -29.99
CA GLY F 35 2.22 -1.51 -30.20
C GLY F 35 2.68 -0.82 -28.92
N ASN F 36 3.95 -0.39 -28.93
CA ASN F 36 4.51 0.29 -27.76
C ASN F 36 3.87 1.66 -27.55
N THR F 37 3.34 2.27 -28.61
CA THR F 37 2.70 3.57 -28.47
C THR F 37 1.48 3.50 -27.58
N ALA F 38 0.65 2.47 -27.74
CA ALA F 38 -0.51 2.30 -26.88
C ALA F 38 -0.11 1.81 -25.49
N LEU F 39 0.86 0.91 -25.42
CA LEU F 39 1.27 0.34 -24.14
C LEU F 39 2.08 1.30 -23.29
N ALA F 40 2.53 2.43 -23.85
CA ALA F 40 3.28 3.40 -23.07
C ALA F 40 2.41 4.10 -22.03
N LYS F 41 1.09 4.06 -22.20
CA LYS F 41 0.18 4.68 -21.24
C LYS F 41 -0.02 3.85 -19.98
N CYS F 42 0.53 2.63 -19.94
CA CYS F 42 0.31 1.76 -18.79
C CYS F 42 0.98 2.31 -17.54
N ASN F 43 2.18 2.87 -17.67
CA ASN F 43 2.92 3.32 -16.49
C ASN F 43 2.22 4.50 -15.81
N LEU F 44 1.68 5.43 -16.59
CA LEU F 44 1.02 6.58 -15.98
C LEU F 44 -0.33 6.21 -15.40
N ASP F 45 -1.08 5.35 -16.08
CA ASP F 45 -2.42 5.00 -15.65
C ASP F 45 -2.39 4.06 -14.44
N HIS F 46 -3.33 4.27 -13.53
CA HIS F 46 -3.49 3.39 -12.37
C HIS F 46 -4.89 2.78 -12.29
N ASP F 47 -5.75 3.05 -13.27
CA ASP F 47 -7.09 2.49 -13.31
C ASP F 47 -7.28 1.53 -14.48
N SER F 48 -6.19 1.07 -15.08
CA SER F 48 -6.23 0.17 -16.23
C SER F 48 -6.02 -1.26 -15.75
N GLU F 49 -7.09 -2.05 -15.76
CA GLU F 49 -6.99 -3.45 -15.40
C GLU F 49 -6.22 -4.24 -16.47
N PHE F 50 -6.25 -3.77 -17.71
CA PHE F 50 -5.54 -4.43 -18.79
C PHE F 50 -4.03 -4.41 -18.55
N CYS F 51 -3.52 -3.29 -18.05
CA CYS F 51 -2.08 -3.21 -17.76
C CYS F 51 -1.70 -4.15 -16.63
N ASP F 52 -2.56 -4.27 -15.62
CA ASP F 52 -2.33 -5.25 -14.55
C ASP F 52 -2.32 -6.67 -15.09
N MET F 53 -3.23 -6.98 -16.01
CA MET F 53 -3.25 -8.30 -16.62
C MET F 53 -1.97 -8.55 -17.43
N LEU F 54 -1.50 -7.52 -18.16
CA LEU F 54 -0.25 -7.66 -18.89
C LEU F 54 0.92 -7.90 -17.96
N LYS F 55 0.96 -7.20 -16.83
CA LYS F 55 2.04 -7.41 -15.87
C LYS F 55 2.01 -8.84 -15.31
N LEU F 56 0.83 -9.34 -14.97
CA LEU F 56 0.73 -10.73 -14.52
C LEU F 56 1.20 -11.69 -15.59
N PHE F 57 0.77 -11.48 -16.83
CA PHE F 57 1.15 -12.42 -17.90
C PHE F 57 2.64 -12.38 -18.17
N GLU F 58 3.24 -11.19 -18.14
CA GLU F 58 4.68 -11.08 -18.35
C GLU F 58 5.45 -11.76 -17.22
N PHE F 59 5.02 -11.57 -15.97
CA PHE F 59 5.67 -12.24 -14.85
C PHE F 59 5.55 -13.75 -14.98
N ASN F 60 4.36 -14.25 -15.32
CA ASN F 60 4.16 -15.68 -15.48
C ASN F 60 5.02 -16.23 -16.62
N LYS F 61 5.08 -15.52 -17.74
CA LYS F 61 5.85 -16.00 -18.88
C LYS F 61 7.34 -16.07 -18.54
N LYS F 62 7.87 -15.01 -17.93
CA LYS F 62 9.28 -15.02 -17.58
C LYS F 62 9.58 -16.01 -16.45
N ALA F 63 8.59 -16.38 -15.65
CA ALA F 63 8.80 -17.42 -14.65
C ALA F 63 8.78 -18.81 -15.27
N ILE F 64 7.95 -19.02 -16.30
CA ILE F 64 7.82 -20.34 -16.91
C ILE F 64 9.10 -20.70 -17.66
N GLU F 65 9.62 -19.78 -18.46
CA GLU F 65 10.82 -20.05 -19.24
C GLU F 65 12.06 -20.06 -18.35
N LYS F 74 12.05 -25.83 -8.45
CA LYS F 74 11.42 -24.66 -9.02
C LYS F 74 10.53 -23.96 -8.00
N VAL F 75 10.78 -22.68 -7.77
CA VAL F 75 10.07 -21.88 -6.78
C VAL F 75 9.20 -20.87 -7.51
N ASN F 76 7.92 -20.81 -7.13
CA ASN F 76 6.99 -19.82 -7.66
C ASN F 76 6.99 -18.60 -6.76
N LEU F 77 7.19 -17.43 -7.34
CA LEU F 77 7.31 -16.19 -6.59
C LEU F 77 6.13 -15.26 -6.82
N LEU F 78 4.99 -15.79 -7.28
CA LEU F 78 3.85 -14.95 -7.60
C LEU F 78 3.27 -14.25 -6.38
N THR F 79 3.32 -14.90 -5.21
CA THR F 79 2.80 -14.27 -4.00
C THR F 79 3.68 -13.13 -3.51
N HIS F 80 4.97 -13.12 -3.87
CA HIS F 80 5.84 -12.02 -3.49
C HIS F 80 5.61 -10.78 -4.35
N SER F 81 5.14 -10.96 -5.59
CA SER F 81 4.99 -9.85 -6.52
C SER F 81 3.54 -9.57 -6.90
N ILE F 82 2.58 -10.25 -6.28
CA ILE F 82 1.18 -10.04 -6.64
C ILE F 82 0.75 -8.61 -6.33
N ASN F 83 1.26 -8.01 -5.26
CA ASN F 83 0.98 -6.61 -4.96
C ASN F 83 1.57 -5.69 -6.02
N ALA F 84 2.79 -6.00 -6.49
CA ALA F 84 3.43 -5.15 -7.49
C ALA F 84 2.81 -5.30 -8.87
N LEU F 85 2.17 -6.43 -9.16
CA LEU F 85 1.52 -6.62 -10.45
C LEU F 85 0.04 -6.26 -10.45
N ILE F 86 -0.65 -6.50 -9.34
CA ILE F 86 -2.08 -6.25 -9.24
C ILE F 86 -2.30 -5.12 -8.24
N SER F 87 -3.02 -4.08 -8.68
CA SER F 87 -3.42 -3.01 -7.79
C SER F 87 -4.58 -3.50 -6.91
N ASP F 88 -4.34 -3.56 -5.60
CA ASP F 88 -5.41 -3.97 -4.69
C ASP F 88 -6.54 -2.94 -4.67
N ASN F 89 -6.22 -1.67 -4.88
CA ASN F 89 -7.26 -0.64 -4.89
C ASN F 89 -8.18 -0.77 -6.09
N LEU F 90 -7.61 -1.02 -7.26
CA LEU F 90 -8.44 -1.20 -8.47
C LEU F 90 -9.31 -2.45 -8.34
N LEU F 91 -8.74 -3.55 -7.85
CA LEU F 91 -9.51 -4.77 -7.65
C LEU F 91 -10.61 -4.57 -6.63
N MET F 92 -10.32 -3.86 -5.53
CA MET F 92 -11.33 -3.60 -4.52
C MET F 92 -12.45 -2.71 -5.07
N LYS F 93 -12.08 -1.70 -5.85
CA LYS F 93 -13.10 -0.84 -6.46
C LYS F 93 -14.00 -1.63 -7.40
N ASN F 94 -13.42 -2.51 -8.22
CA ASN F 94 -14.24 -3.31 -9.13
C ASN F 94 -15.13 -4.29 -8.37
N ARG F 95 -14.61 -4.90 -7.30
CA ARG F 95 -15.43 -5.79 -6.50
C ARG F 95 -16.58 -5.04 -5.84
N LEU F 96 -16.31 -3.84 -5.34
CA LEU F 96 -17.36 -3.06 -4.70
C LEU F 96 -18.42 -2.63 -5.70
N LYS F 97 -18.01 -2.29 -6.92
CA LYS F 97 -19.00 -2.03 -7.97
C LYS F 97 -19.81 -3.28 -8.29
N GLU F 98 -19.18 -4.45 -8.28
CA GLU F 98 -19.91 -5.69 -8.51
C GLU F 98 -20.94 -5.94 -7.41
N LEU F 99 -20.57 -5.68 -6.16
CA LEU F 99 -21.49 -5.94 -5.05
C LEU F 99 -22.69 -5.00 -5.05
N LEU F 100 -22.57 -3.83 -5.67
CA LEU F 100 -23.65 -2.84 -5.69
C LEU F 100 -24.47 -2.91 -6.98
N ASN F 101 -24.27 -3.94 -7.79
CA ASN F 101 -25.03 -4.15 -9.03
C ASN F 101 -24.85 -3.02 -10.03
N THR F 102 -23.67 -2.44 -10.05
CA THR F 102 -23.06 -1.43 -10.91
C THR F 102 -22.15 -2.10 -11.93
N PRO F 103 -22.07 -1.59 -13.16
CA PRO F 103 -21.12 -2.17 -14.12
C PRO F 103 -19.70 -2.14 -13.58
N TYR F 104 -18.98 -3.23 -13.80
CA TYR F 104 -17.68 -3.44 -13.18
C TYR F 104 -16.80 -4.26 -14.10
N CYS F 105 -15.50 -4.23 -13.82
CA CYS F 105 -14.53 -5.00 -14.57
C CYS F 105 -14.28 -6.33 -13.85
N ASN F 106 -14.47 -7.44 -14.57
CA ASN F 106 -14.14 -8.76 -14.03
C ASN F 106 -12.90 -9.35 -14.67
N TYR F 107 -12.06 -8.49 -15.26
CA TYR F 107 -10.67 -8.80 -15.62
C TYR F 107 -10.56 -9.92 -16.65
N THR F 108 -11.55 -10.03 -17.53
CA THR F 108 -11.58 -11.11 -18.51
C THR F 108 -11.53 -10.60 -19.94
N LYS F 109 -12.40 -9.67 -20.31
CA LYS F 109 -12.50 -9.17 -21.68
C LYS F 109 -12.18 -7.68 -21.71
N PHE F 110 -11.39 -7.28 -22.71
CA PHE F 110 -10.97 -5.89 -22.86
C PHE F 110 -11.18 -5.47 -24.31
N TRP F 111 -11.75 -4.28 -24.50
CA TRP F 111 -12.03 -3.74 -25.82
C TRP F 111 -11.07 -2.61 -26.15
N TYR F 112 -10.79 -2.44 -27.44
CA TYR F 112 -9.94 -1.36 -27.90
C TYR F 112 -10.40 -0.92 -29.28
N VAL F 113 -10.01 0.30 -29.64
CA VAL F 113 -10.33 0.88 -30.95
C VAL F 113 -9.10 0.71 -31.83
N ASN F 114 -9.29 0.08 -32.99
CA ASN F 114 -8.19 -0.23 -33.90
C ASN F 114 -8.42 0.49 -35.23
N HIS F 115 -7.44 1.27 -35.66
CA HIS F 115 -7.45 1.92 -36.97
C HIS F 115 -6.97 0.88 -37.99
N THR F 116 -7.92 0.27 -38.70
CA THR F 116 -7.59 -0.90 -39.51
C THR F 116 -6.60 -0.57 -40.62
N ALA F 117 -6.77 0.58 -41.27
CA ALA F 117 -5.90 0.93 -42.39
C ALA F 117 -4.46 1.10 -41.95
N SER F 118 -4.23 1.74 -40.81
CA SER F 118 -2.87 2.02 -40.34
C SER F 118 -2.36 1.02 -39.32
N GLY F 119 -3.25 0.35 -38.60
CA GLY F 119 -2.85 -0.58 -37.56
C GLY F 119 -2.69 0.04 -36.19
N GLU F 120 -2.73 1.36 -36.07
CA GLU F 120 -2.66 1.99 -34.77
C GLU F 120 -3.93 1.72 -33.98
N HIS F 121 -3.78 1.66 -32.65
CA HIS F 121 -4.89 1.29 -31.78
C HIS F 121 -4.73 1.96 -30.44
N SER F 122 -5.83 2.05 -29.71
CA SER F 122 -5.82 2.59 -28.36
C SER F 122 -5.43 1.50 -27.36
N LEU F 123 -5.11 1.94 -26.15
CA LEU F 123 -4.90 1.00 -25.07
C LEU F 123 -6.20 0.28 -24.74
N PRO F 124 -6.22 -1.05 -24.68
CA PRO F 124 -7.47 -1.75 -24.39
C PRO F 124 -8.04 -1.38 -23.04
N ARG F 125 -9.36 -1.26 -22.99
CA ARG F 125 -10.11 -0.93 -21.78
C ARG F 125 -11.07 -2.06 -21.47
N CYS F 126 -11.38 -2.22 -20.18
CA CYS F 126 -12.18 -3.35 -19.74
C CYS F 126 -13.60 -3.28 -20.28
N TRP F 127 -14.10 -4.43 -20.73
CA TRP F 127 -15.50 -4.59 -21.12
C TRP F 127 -16.30 -4.86 -19.87
N LEU F 128 -17.18 -3.93 -19.49
CA LEU F 128 -17.87 -4.02 -18.21
C LEU F 128 -18.95 -5.11 -18.22
N VAL F 129 -19.36 -5.50 -17.01
CA VAL F 129 -20.29 -6.61 -16.79
C VAL F 129 -21.42 -6.14 -15.88
N ARG F 130 -22.64 -6.52 -16.22
CA ARG F 130 -23.79 -6.32 -15.35
C ARG F 130 -24.67 -7.57 -15.39
N ASN F 131 -25.19 -7.96 -14.21
CA ASN F 131 -26.09 -9.11 -14.08
C ASN F 131 -25.47 -10.38 -14.69
N ASN F 132 -24.16 -10.56 -14.46
CA ASN F 132 -23.42 -11.69 -15.03
C ASN F 132 -23.55 -11.73 -16.56
N SER F 133 -23.59 -10.55 -17.16
CA SER F 133 -23.72 -10.42 -18.61
C SER F 133 -22.83 -9.29 -19.09
N TYR F 134 -22.12 -9.52 -20.19
CA TYR F 134 -21.27 -8.48 -20.73
C TYR F 134 -22.11 -7.30 -21.21
N LEU F 135 -21.61 -6.10 -20.95
CA LEU F 135 -22.32 -4.88 -21.32
C LEU F 135 -22.42 -4.77 -22.83
N ASN F 136 -23.56 -4.28 -23.31
CA ASN F 136 -23.76 -4.18 -24.74
C ASN F 136 -23.04 -2.96 -25.30
N GLU F 137 -22.72 -3.02 -26.60
CA GLU F 137 -21.90 -1.97 -27.22
C GLU F 137 -22.55 -0.59 -27.09
N SER F 138 -23.87 -0.52 -27.23
CA SER F 138 -24.55 0.77 -27.12
C SER F 138 -24.47 1.32 -25.70
N GLU F 139 -24.54 0.46 -24.69
CA GLU F 139 -24.58 0.94 -23.31
C GLU F 139 -23.32 1.70 -22.92
N PHE F 140 -22.23 1.51 -23.64
CA PHE F 140 -21.04 2.33 -23.42
C PHE F 140 -20.54 2.91 -24.74
N ARG F 141 -21.49 3.29 -25.60
CA ARG F 141 -21.14 3.87 -26.90
C ARG F 141 -20.25 5.10 -26.75
N ASN F 142 -20.63 6.01 -25.83
CA ASN F 142 -19.84 7.22 -25.63
C ASN F 142 -18.41 6.89 -25.23
N ASP F 143 -18.19 5.72 -24.63
CA ASP F 143 -16.83 5.35 -24.24
C ASP F 143 -15.96 5.08 -25.46
N TRP F 144 -16.51 4.50 -26.52
CA TRP F 144 -15.69 4.14 -27.67
C TRP F 144 -15.90 5.04 -28.87
N ILE F 145 -16.91 5.91 -28.87
CA ILE F 145 -16.96 7.00 -29.84
C ILE F 145 -15.81 7.96 -29.60
N ILE F 146 -15.83 8.62 -28.44
CA ILE F 146 -14.82 9.63 -28.13
C ILE F 146 -13.42 9.01 -28.17
N GLU F 147 -13.27 7.82 -27.59
CA GLU F 147 -11.98 7.12 -27.66
C GLU F 147 -11.49 7.03 -29.10
N SER F 148 -12.37 6.59 -30.01
CA SER F 148 -11.98 6.50 -31.41
C SER F 148 -11.52 7.86 -31.92
N ASP F 149 -12.28 8.92 -31.61
CA ASP F 149 -11.87 10.26 -31.98
C ASP F 149 -10.46 10.54 -31.49
N HIS F 150 -10.20 10.26 -30.21
CA HIS F 150 -8.87 10.51 -29.66
C HIS F 150 -7.81 9.81 -30.49
N LEU F 151 -8.06 8.55 -30.87
CA LEU F 151 -7.09 7.83 -31.68
C LEU F 151 -6.73 8.62 -32.92
N LEU F 152 -7.75 9.05 -33.67
CA LEU F 152 -7.49 9.84 -34.86
C LEU F 152 -6.72 11.11 -34.50
N SER F 153 -7.16 11.80 -33.45
CA SER F 153 -6.45 12.99 -33.01
C SER F 153 -5.01 12.66 -32.66
N GLU F 154 -4.79 11.53 -31.97
CA GLU F 154 -3.44 11.13 -31.66
C GLU F 154 -2.65 10.87 -32.94
N MET F 155 -3.28 10.24 -33.92
CA MET F 155 -2.61 9.99 -35.19
C MET F 155 -2.30 11.29 -35.92
N LEU F 156 -3.02 12.36 -35.61
CA LEU F 156 -2.74 13.67 -36.18
C LEU F 156 -1.89 14.54 -35.26
N ASN F 157 -1.59 14.07 -34.05
CA ASN F 157 -0.74 14.83 -33.13
C ASN F 157 0.67 14.28 -33.05
N LYS F 158 0.86 12.98 -33.29
CA LYS F 158 2.20 12.42 -33.30
C LYS F 158 3.01 12.91 -34.50
N GLU F 159 2.34 13.18 -35.62
CA GLU F 159 3.05 13.66 -36.81
C GLU F 159 3.70 15.00 -36.55
N TYR F 160 3.00 15.92 -35.88
CA TYR F 160 3.58 17.21 -35.55
C TYR F 160 4.78 17.06 -34.62
N ILE F 161 4.64 16.20 -33.60
CA ILE F 161 5.73 16.01 -32.64
C ILE F 161 6.92 15.33 -33.30
N ASP F 162 6.66 14.38 -34.20
CA ASP F 162 7.75 13.70 -34.88
C ASP F 162 8.56 14.68 -35.74
N ARG F 163 7.88 15.56 -36.48
CA ARG F 163 8.59 16.57 -37.24
C ARG F 163 9.31 17.56 -36.33
N GLN F 164 8.66 17.96 -35.24
CA GLN F 164 9.28 18.89 -34.30
C GLN F 164 10.49 18.26 -33.61
N GLY F 165 10.48 16.94 -33.44
CA GLY F 165 11.62 16.27 -32.83
C GLY F 165 12.87 16.34 -33.69
N LYS F 166 12.70 16.28 -35.01
CA LYS F 166 13.83 16.26 -35.93
C LYS F 166 14.30 17.67 -36.31
N THR F 167 13.36 18.55 -36.64
CA THR F 167 13.72 19.90 -37.09
C THR F 167 13.71 20.87 -35.92
N PRO F 168 14.79 21.62 -35.71
CA PRO F 168 14.82 22.59 -34.62
C PRO F 168 14.00 23.83 -34.94
N LEU F 169 13.74 24.63 -33.90
CA LEU F 169 12.97 25.85 -34.07
C LEU F 169 13.74 26.90 -34.87
N THR F 170 15.07 26.85 -34.84
CA THR F 170 15.87 27.83 -35.56
C THR F 170 15.65 27.73 -37.07
N LEU F 171 15.51 26.51 -37.58
CA LEU F 171 15.27 26.33 -39.01
C LEU F 171 13.94 26.96 -39.44
N VAL F 172 12.92 26.84 -38.60
CA VAL F 172 11.63 27.45 -38.91
C VAL F 172 11.73 28.97 -38.91
N ASP F 173 12.53 29.51 -38.00
CA ASP F 173 12.71 30.96 -37.94
C ASP F 173 13.35 31.50 -39.21
N ILE F 174 14.33 30.77 -39.75
CA ILE F 174 15.00 31.20 -40.96
C ILE F 174 14.02 31.25 -42.13
N CYS F 175 13.13 30.27 -42.21
CA CYS F 175 12.14 30.24 -43.28
C CYS F 175 11.19 31.44 -43.20
N PHE F 176 10.90 31.92 -41.99
CA PHE F 176 10.03 33.08 -41.85
C PHE F 176 10.67 34.32 -42.48
N TRP F 177 11.97 34.51 -42.26
CA TRP F 177 12.68 35.66 -42.82
C TRP F 177 13.25 35.33 -44.19
C1 NAG G . -7.88 23.57 9.18
C2 NAG G . -9.01 23.09 10.12
C3 NAG G . -10.07 24.17 10.22
C4 NAG G . -9.44 25.46 10.71
C5 NAG G . -8.22 25.82 9.84
C6 NAG G . -7.47 27.02 10.36
C7 NAG G . -9.17 20.65 10.24
C8 NAG G . -9.82 19.43 9.65
N2 NAG G . -9.53 21.82 9.68
O3 NAG G . -11.07 23.72 11.08
O4 NAG G . -10.42 26.47 10.66
O5 NAG G . -7.32 24.73 9.74
O6 NAG G . -6.20 27.09 9.75
O7 NAG G . -8.37 20.57 11.16
C1 NAG G . -10.74 26.92 11.99
C2 NAG G . -11.32 28.33 11.88
C3 NAG G . -11.84 28.82 13.24
C4 NAG G . -12.76 27.78 13.86
C5 NAG G . -12.03 26.45 13.92
C6 NAG G . -12.82 25.34 14.57
C7 NAG G . -10.32 29.75 10.13
C8 NAG G . -9.18 30.70 9.86
N2 NAG G . -10.34 29.25 11.38
O3 NAG G . -12.49 30.05 13.04
O4 NAG G . -13.11 28.24 15.15
O5 NAG G . -11.69 26.06 12.60
O6 NAG G . -12.00 24.21 14.78
O7 NAG G . -11.14 29.47 9.28
C1 NAG H . -8.51 -12.63 30.72
C2 NAG H . -8.98 -12.01 32.03
C3 NAG H . -7.93 -12.15 33.11
C4 NAG H . -7.48 -13.60 33.22
C5 NAG H . -7.04 -14.11 31.84
C6 NAG H . -6.62 -15.57 31.81
C7 NAG H . -10.59 -10.19 31.68
C8 NAG H . -10.73 -8.70 31.45
N2 NAG H . -9.32 -10.62 31.81
O3 NAG H . -8.49 -11.70 34.32
O4 NAG H . -6.41 -13.62 34.14
O5 NAG H . -8.12 -13.97 30.94
O6 NAG H . -6.62 -16.03 30.49
O7 NAG H . -11.56 -10.92 31.76
C1 NAG H . -6.68 -14.59 35.17
C2 NAG H . -5.36 -14.80 35.93
C3 NAG H . -5.58 -15.77 37.08
C4 NAG H . -6.74 -15.30 37.94
C5 NAG H . -7.98 -15.08 37.07
C6 NAG H . -9.20 -14.59 37.82
C7 NAG H . -3.33 -14.53 34.57
C8 NAG H . -2.40 -15.25 33.62
N2 NAG H . -4.36 -15.28 35.02
O3 NAG H . -4.39 -15.86 37.80
O4 NAG H . -6.98 -16.29 38.92
O5 NAG H . -7.66 -14.13 36.07
O6 NAG H . -8.90 -13.38 38.46
O7 NAG H . -3.15 -13.37 34.89
C1 BMA H . -6.56 -15.78 40.20
C2 BMA H . -7.26 -16.64 41.25
C3 BMA H . -6.84 -16.17 42.66
C4 BMA H . -5.36 -15.72 42.79
C5 BMA H . -4.49 -15.98 41.55
C6 BMA H . -3.74 -17.32 41.56
O2 BMA H . -6.96 -17.99 41.00
O3 BMA H . -7.21 -17.20 43.55
O4 BMA H . -5.43 -14.33 43.04
O5 BMA H . -5.15 -15.85 40.30
O6 BMA H . -3.28 -17.50 40.24
C1 MAN H . -8.63 -17.08 43.76
C2 MAN H . -8.87 -16.70 45.23
C3 MAN H . -8.45 -17.85 46.15
C4 MAN H . -9.16 -19.14 45.74
C5 MAN H . -8.89 -19.42 44.27
C6 MAN H . -9.69 -20.61 43.76
O2 MAN H . -10.23 -16.39 45.36
O3 MAN H . -8.77 -17.46 47.47
O4 MAN H . -8.66 -20.16 46.57
O5 MAN H . -9.27 -18.30 43.47
O6 MAN H . -10.26 -20.29 42.52
C1 MAN H . -1.99 -18.15 40.25
C2 MAN H . -0.95 -17.18 40.81
C3 MAN H . -0.76 -15.99 39.88
C4 MAN H . -0.45 -16.45 38.46
C5 MAN H . -1.52 -17.45 38.01
C6 MAN H . -1.18 -18.05 36.66
O2 MAN H . 0.24 -17.91 40.98
O3 MAN H . 0.29 -15.21 40.42
O4 MAN H . -0.44 -15.30 37.65
O5 MAN H . -1.62 -18.51 38.94
O6 MAN H . -2.26 -17.81 35.78
C1 NAG I . -20.38 7.78 37.17
C2 NAG I . -20.47 8.41 35.76
C3 NAG I . -20.51 9.93 35.86
C4 NAG I . -21.56 10.41 36.86
C5 NAG I . -21.39 9.66 38.19
C6 NAG I . -22.43 9.99 39.22
C7 NAG I . -19.43 7.20 33.89
C8 NAG I . -20.82 6.71 33.57
N2 NAG I . -19.34 8.00 34.96
O3 NAG I . -20.76 10.42 34.58
O4 NAG I . -21.36 11.80 37.02
O5 NAG I . -21.44 8.28 37.94
O6 NAG I . -23.70 9.62 38.75
O7 NAG I . -18.46 6.87 33.21
C1 NAG I . -22.54 12.52 36.64
C2 NAG I . -22.39 13.97 37.11
C3 NAG I . -23.61 14.80 36.69
C4 NAG I . -23.90 14.64 35.21
C5 NAG I . -23.94 13.15 34.84
C6 NAG I . -24.13 12.90 33.36
C7 NAG I . -22.68 13.80 39.68
C8 NAG I . -24.06 13.19 39.67
N2 NAG I . -22.04 14.10 38.52
O3 NAG I . -23.35 16.14 37.04
O4 NAG I . -25.14 15.26 34.96
O5 NAG I . -22.75 12.52 35.25
O6 NAG I . -23.08 13.52 32.65
O7 NAG I . -22.13 14.01 40.76
C1 BMA I . -24.93 16.47 34.19
C2 BMA I . -26.14 16.63 33.27
C3 BMA I . -25.96 17.90 32.40
C4 BMA I . -25.06 18.99 33.02
C5 BMA I . -24.92 18.91 34.54
C6 BMA I . -26.03 19.64 35.28
O2 BMA I . -27.29 16.68 34.07
O3 BMA I . -27.26 18.36 32.11
O4 BMA I . -23.80 18.85 32.39
O5 BMA I . -24.79 17.58 35.04
O6 BMA I . -25.86 19.37 36.67
C1 NAG J . -18.52 3.15 31.58
C2 NAG J . -20.04 3.31 31.51
C3 NAG J . -20.65 2.90 32.85
C4 NAG J . -20.17 1.53 33.29
C5 NAG J . -18.65 1.47 33.20
C6 NAG J . -18.02 0.15 33.61
C7 NAG J . -20.71 5.11 29.95
C8 NAG J . -21.05 6.58 29.87
N2 NAG J . -20.39 4.66 31.18
O3 NAG J . -22.05 2.96 32.71
O4 NAG J . -20.61 1.37 34.61
O5 NAG J . -18.22 1.82 31.90
O6 NAG J . -18.19 -0.81 32.59
O7 NAG J . -20.73 4.40 28.96
C1 NAG J . -21.53 0.26 34.73
C2 NAG J . -21.36 -0.30 36.15
C3 NAG J . -22.45 -1.33 36.47
C4 NAG J . -23.83 -0.81 36.10
C5 NAG J . -23.79 -0.39 34.63
C6 NAG J . -25.10 0.10 34.04
C7 NAG J . -19.15 -0.60 37.20
C8 NAG J . -17.85 -1.33 37.04
N2 NAG J . -20.05 -0.87 36.24
O3 NAG J . -22.35 -1.65 37.83
O4 NAG J . -24.74 -1.85 36.35
O5 NAG J . -22.85 0.66 34.51
O6 NAG J . -24.91 0.53 32.71
O7 NAG J . -19.36 0.16 38.13
C1 BMA J . -25.88 -1.35 37.09
C2 BMA J . -27.03 -2.33 36.86
C3 BMA J . -28.30 -1.80 37.55
C4 BMA J . -28.05 -0.91 38.79
C5 BMA J . -26.66 -1.08 39.41
C6 BMA J . -26.60 -2.20 40.46
O2 BMA J . -26.64 -3.60 37.31
O3 BMA J . -29.09 -2.92 37.84
O4 BMA J . -28.23 0.43 38.34
O5 BMA J . -25.60 -1.27 38.49
O6 BMA J . -25.27 -2.31 40.89
C1 MAN J . -30.43 -2.71 37.35
C2 MAN J . -31.36 -3.68 38.07
C3 MAN J . -31.00 -5.12 37.70
C4 MAN J . -31.04 -5.30 36.18
C5 MAN J . -30.14 -4.25 35.51
C6 MAN J . -30.31 -4.26 34.01
O2 MAN J . -32.67 -3.36 37.68
O3 MAN J . -31.91 -5.97 38.35
O4 MAN J . -30.58 -6.61 35.91
O5 MAN J . -30.49 -2.94 35.96
O6 MAN J . -31.34 -3.38 33.64
C1 MAN J . -25.25 -3.03 42.14
C2 MAN J . -23.84 -2.88 42.73
C3 MAN J . -23.76 -3.66 44.05
C4 MAN J . -24.24 -5.11 43.89
C5 MAN J . -25.56 -5.21 43.09
C6 MAN J . -26.77 -4.81 43.91
O2 MAN J . -23.62 -1.51 42.92
O3 MAN J . -24.49 -2.95 45.01
O4 MAN J . -23.19 -5.82 43.27
O5 MAN J . -25.52 -4.38 41.93
O6 MAN J . -26.54 -5.12 45.25
C1 NAG K . -5.90 18.39 29.50
C2 NAG K . -5.38 18.99 30.82
C3 NAG K . -5.87 18.15 32.00
C4 NAG K . -7.37 17.93 31.94
C5 NAG K . -7.73 17.36 30.56
C6 NAG K . -9.21 17.10 30.36
C7 NAG K . -3.24 20.20 30.70
C8 NAG K . -1.74 20.03 30.73
N2 NAG K . -3.95 19.06 30.82
O3 NAG K . -5.47 18.82 33.17
O4 NAG K . -7.72 17.04 32.97
O5 NAG K . -7.30 18.26 29.57
O6 NAG K . -9.94 18.26 30.69
O7 NAG K . -3.76 21.30 30.57
C1 NAG K . -8.41 17.78 33.99
C2 NAG K . -9.48 16.88 34.63
C3 NAG K . -10.20 17.65 35.73
C4 NAG K . -9.22 18.26 36.73
C5 NAG K . -8.13 19.03 35.97
C6 NAG K . -7.05 19.61 36.85
C7 NAG K . -10.45 15.16 33.14
C8 NAG K . -9.40 14.20 33.66
N2 NAG K . -10.41 16.41 33.64
O3 NAG K . -11.10 16.76 36.34
O4 NAG K . -9.95 19.13 37.57
O5 NAG K . -7.53 18.19 35.01
O6 NAG K . -6.02 20.15 36.06
O7 NAG K . -11.27 14.80 32.30
C1 BMA K . -10.24 18.48 38.82
C2 BMA K . -8.99 18.58 39.70
C3 BMA K . -9.25 17.86 41.05
C4 BMA K . -10.73 17.81 41.48
C5 BMA K . -11.63 18.86 40.81
C6 BMA K . -11.72 20.18 41.59
O2 BMA K . -8.66 19.93 39.85
O3 BMA K . -8.43 18.51 41.99
O4 BMA K . -11.17 16.50 41.17
O5 BMA K . -11.33 19.12 39.45
O6 BMA K . -10.46 20.80 41.57
C1 NAG L . -12.03 32.50 -0.07
C2 NAG L . -11.37 33.74 0.54
C3 NAG L . -12.39 34.67 1.21
C4 NAG L . -13.64 34.88 0.36
C5 NAG L . -14.15 33.51 -0.10
C6 NAG L . -15.40 33.57 -0.96
C7 NAG L . -9.14 33.79 1.64
C8 NAG L . -8.74 34.83 0.62
N2 NAG L . -10.41 33.34 1.54
O3 NAG L . -11.76 35.88 1.50
O4 NAG L . -14.57 35.52 1.19
O5 NAG L . -13.14 32.88 -0.85
O6 NAG L . -15.81 32.26 -1.29
O7 NAG L . -8.37 33.42 2.50
C1 NAG L . -14.99 36.77 0.61
C2 NAG L . -16.33 37.13 1.25
C3 NAG L . -16.81 38.49 0.73
C4 NAG L . -15.72 39.53 0.94
C5 NAG L . -14.43 39.04 0.29
C6 NAG L . -13.26 40.00 0.43
C7 NAG L . -17.64 35.15 1.89
C8 NAG L . -18.69 34.17 1.42
N2 NAG L . -17.31 36.10 1.01
O3 NAG L . -17.99 38.82 1.43
O4 NAG L . -16.17 40.73 0.34
O5 NAG L . -14.06 37.80 0.86
O6 NAG L . -13.05 40.28 1.80
O7 NAG L . -17.15 35.06 3.00
C1 NAG M . 5.13 -0.07 34.78
C2 NAG M . 4.87 -0.78 36.11
C3 NAG M . 5.86 -0.30 37.16
C4 NAG M . 7.30 -0.31 36.67
C5 NAG M . 7.40 0.29 35.26
C6 NAG M . 8.76 0.16 34.61
C7 NAG M . 2.44 -1.27 36.22
C8 NAG M . 1.14 -0.80 36.81
N2 NAG M . 3.52 -0.53 36.54
O3 NAG M . 5.69 -1.13 38.28
O4 NAG M . 8.01 0.47 37.60
O5 NAG M . 6.46 -0.30 34.40
O6 NAG M . 9.20 -1.18 34.71
O7 NAG M . 2.50 -2.25 35.49
C1 NAG M . 9.17 -0.23 38.09
C2 NAG M . 10.10 0.81 38.73
C3 NAG M . 11.32 0.12 39.35
C4 NAG M . 10.89 -1.01 40.27
C5 NAG M . 9.93 -1.95 39.52
C6 NAG M . 9.42 -3.09 40.37
C7 NAG M . 10.16 3.09 37.80
C8 NAG M . 10.71 3.94 36.69
N2 NAG M . 10.50 1.79 37.77
O3 NAG M . 12.07 1.10 40.03
O4 NAG M . 12.06 -1.67 40.68
O5 NAG M . 8.83 -1.20 39.06
O6 NAG M . 8.47 -3.83 39.64
O7 NAG M . 9.46 3.59 38.68
C1 BMA M . 12.24 -1.47 42.10
C2 BMA M . 13.08 -2.62 42.63
C3 BMA M . 13.29 -2.46 44.15
C4 BMA M . 13.18 -1.01 44.68
C5 BMA M . 13.44 0.05 43.61
C6 BMA M . 14.93 0.40 43.44
O2 BMA M . 14.29 -2.65 41.91
O3 BMA M . 14.53 -3.05 44.45
O4 BMA M . 11.88 -0.88 45.20
O5 BMA M . 12.89 -0.23 42.34
O6 BMA M . 15.05 1.27 42.35
C1 NAG N . 6.18 -18.07 28.50
C2 NAG N . 7.42 -18.79 29.04
C3 NAG N . 7.23 -20.30 29.07
C4 NAG N . 5.90 -20.65 29.73
C5 NAG N . 4.76 -19.88 29.07
C6 NAG N . 3.40 -20.12 29.67
C7 NAG N . 9.49 -17.53 28.69
C8 NAG N . 10.62 -17.27 27.73
N2 NAG N . 8.57 -18.42 28.27
O3 NAG N . 8.31 -20.87 29.74
O4 NAG N . 5.75 -22.04 29.57
O5 NAG N . 5.04 -18.50 29.18
O6 NAG N . 2.55 -19.03 29.40
O7 NAG N . 9.42 -16.97 29.77
C1 NAG N . 5.50 -22.64 30.87
C2 NAG N . 4.95 -24.05 30.60
C3 NAG N . 4.74 -24.77 31.92
C4 NAG N . 6.01 -24.73 32.76
C5 NAG N . 6.46 -23.27 32.91
C6 NAG N . 7.73 -23.10 33.72
C7 NAG N . 3.60 -24.27 28.55
C8 NAG N . 2.22 -24.09 27.98
N2 NAG N . 3.73 -23.95 29.85
O3 NAG N . 4.35 -26.09 31.63
O4 NAG N . 5.71 -25.30 34.00
O5 NAG N . 6.69 -22.74 31.62
O6 NAG N . 8.78 -23.82 33.11
O7 NAG N . 4.53 -24.68 27.87
C1 BMA N . 6.39 -26.57 34.10
C2 BMA N . 6.46 -26.92 35.57
C3 BMA N . 7.15 -28.29 35.76
C4 BMA N . 6.82 -29.33 34.67
C5 BMA N . 5.72 -28.93 33.68
C6 BMA N . 4.30 -29.37 34.07
O2 BMA N . 5.16 -26.88 36.11
O3 BMA N . 6.87 -28.70 37.07
O4 BMA N . 8.03 -29.54 33.97
O5 BMA N . 5.69 -27.55 33.36
O6 BMA N . 3.43 -28.64 33.22
C1 MAN N . 7.74 -27.96 37.95
C2 MAN N . 8.73 -28.95 38.58
C3 MAN N . 8.01 -29.90 39.51
C4 MAN N . 7.20 -29.13 40.55
C5 MAN N . 6.25 -28.16 39.83
C6 MAN N . 5.53 -27.27 40.80
O2 MAN N . 9.70 -28.18 39.26
O3 MAN N . 8.98 -30.72 40.12
O4 MAN N . 6.48 -30.08 41.32
O5 MAN N . 7.00 -27.33 38.96
O6 MAN N . 5.64 -25.93 40.36
C1 MAN N . 2.29 -29.45 32.86
C2 MAN N . 2.76 -30.59 31.96
C3 MAN N . 3.26 -30.05 30.63
C4 MAN N . 2.23 -29.14 29.97
C5 MAN N . 1.80 -28.05 30.98
C6 MAN N . 0.67 -27.20 30.43
O2 MAN N . 1.66 -31.45 31.79
O3 MAN N . 3.56 -31.16 29.80
O4 MAN N . 2.83 -28.57 28.83
O5 MAN N . 1.35 -28.67 32.18
O6 MAN N . 1.03 -25.85 30.54
C1 NAG O . 30.34 -15.73 26.18
C2 NAG O . 30.37 -14.67 25.07
C3 NAG O . 31.63 -14.83 24.22
C4 NAG O . 32.88 -14.89 25.08
C5 NAG O . 32.69 -15.94 26.19
C6 NAG O . 33.84 -16.03 27.17
C7 NAG O . 28.20 -13.85 24.25
C8 NAG O . 28.40 -12.70 25.20
N2 NAG O . 29.20 -14.76 24.25
O3 NAG O . 31.67 -13.76 23.32
O4 NAG O . 33.94 -15.24 24.22
O5 NAG O . 31.53 -15.63 26.93
O6 NAG O . 34.03 -14.79 27.80
O7 NAG O . 27.21 -13.95 23.54
C1 NAG O . 34.97 -14.23 24.24
C2 NAG O . 36.18 -14.75 23.45
C3 NAG O . 37.31 -13.71 23.43
C4 NAG O . 36.78 -12.35 22.99
C5 NAG O . 35.51 -11.99 23.77
C6 NAG O . 34.86 -10.70 23.30
C7 NAG O . 37.13 -16.62 24.98
C8 NAG O . 37.37 -15.74 26.19
N2 NAG O . 36.61 -16.09 23.84
O3 NAG O . 38.32 -14.19 22.60
O4 NAG O . 37.81 -11.41 23.22
O5 NAG O . 34.55 -13.02 23.66
O6 NAG O . 34.54 -10.79 21.93
O7 NAG O . 37.41 -17.80 25.04
C1 BMA O . 38.31 -10.93 21.95
C2 BMA O . 38.66 -9.46 22.13
C3 BMA O . 39.20 -8.88 20.80
C4 BMA O . 39.86 -9.92 19.87
C5 BMA O . 40.34 -11.19 20.57
C6 BMA O . 41.75 -11.05 21.15
O2 BMA O . 39.57 -9.35 23.19
O3 BMA O . 40.07 -7.83 21.15
O4 BMA O . 38.89 -10.23 18.88
O5 BMA O . 39.47 -11.67 21.58
O6 BMA O . 42.03 -12.23 21.87
C1 NAG P . 23.77 -12.68 25.10
C2 NAG P . 24.54 -11.64 25.89
C3 NAG P . 25.06 -12.27 27.17
C4 NAG P . 23.93 -12.95 27.96
C5 NAG P . 23.15 -13.88 27.01
C6 NAG P . 21.96 -14.58 27.64
C7 NAG P . 25.60 -10.02 24.34
C8 NAG P . 26.89 -9.68 23.63
N2 NAG P . 25.64 -11.12 25.11
O3 NAG P . 25.69 -11.28 27.93
O4 NAG P . 24.55 -13.67 28.99
O5 NAG P . 22.70 -13.15 25.89
O6 NAG P . 20.91 -13.67 27.86
O7 NAG P . 24.60 -9.32 24.22
C1 NAG P . 24.15 -13.15 30.27
C2 NAG P . 24.20 -14.32 31.26
C3 NAG P . 24.03 -13.84 32.70
C4 NAG P . 24.98 -12.69 33.01
C5 NAG P . 24.72 -11.59 31.96
C6 NAG P . 25.52 -10.32 32.14
C7 NAG P . 23.32 -16.55 30.65
C8 NAG P . 22.06 -17.27 30.25
N2 NAG P . 23.16 -15.24 30.88
O3 NAG P . 24.25 -14.94 33.55
O4 NAG P . 24.71 -12.28 34.33
O5 NAG P . 25.03 -12.12 30.69
O6 NAG P . 25.22 -9.43 31.09
O7 NAG P . 24.39 -17.13 30.75
C1 BMA P . 25.94 -12.14 35.06
C2 BMA P . 25.67 -11.23 36.24
C3 BMA P . 26.99 -10.97 37.01
C4 BMA P . 28.03 -12.11 36.90
C5 BMA P . 27.44 -13.47 36.50
C6 BMA P . 26.97 -14.29 37.69
O2 BMA P . 24.68 -11.80 37.04
O3 BMA P . 26.62 -10.68 38.33
O4 BMA P . 28.98 -11.67 35.95
O5 BMA P . 26.40 -13.40 35.53
O6 BMA P . 26.39 -15.47 37.17
C1 MAN P . 27.25 -9.44 38.74
C2 MAN P . 27.22 -9.38 40.27
C3 MAN P . 25.77 -9.30 40.75
C4 MAN P . 25.08 -8.11 40.12
C5 MAN P . 25.21 -8.18 38.60
C6 MAN P . 24.69 -6.92 37.93
O2 MAN P . 27.96 -8.25 40.64
O3 MAN P . 25.81 -9.21 42.16
O4 MAN P . 23.72 -8.16 40.53
O5 MAN P . 26.57 -8.33 38.22
O6 MAN P . 25.74 -5.99 37.84
C1 MAN P . 26.30 -16.45 38.24
C2 MAN P . 25.98 -17.80 37.61
C3 MAN P . 25.84 -18.86 38.70
C4 MAN P . 24.87 -18.42 39.81
C5 MAN P . 25.10 -16.96 40.24
C6 MAN P . 26.31 -16.80 41.15
O2 MAN P . 27.04 -18.10 36.73
O3 MAN P . 27.14 -19.13 39.20
O4 MAN P . 23.56 -18.60 39.29
O5 MAN P . 25.27 -16.11 39.13
O6 MAN P . 26.49 -17.99 41.89
C1 NAG Q . 28.59 -19.31 6.97
C2 NAG Q . 29.33 -20.65 6.96
C3 NAG Q . 29.40 -21.23 8.37
C4 NAG Q . 29.92 -20.21 9.36
C5 NAG Q . 29.11 -18.93 9.24
C6 NAG Q . 29.55 -17.82 10.18
C7 NAG Q . 29.18 -21.96 4.87
C8 NAG Q . 28.32 -22.95 4.12
N2 NAG Q . 28.69 -21.58 6.06
O3 NAG Q . 30.20 -22.38 8.30
O4 NAG Q . 29.82 -20.77 10.65
O5 NAG Q . 29.19 -18.45 7.90
O6 NAG Q . 30.93 -17.63 10.07
O7 NAG Q . 30.23 -21.55 4.41
C1 NAG Q . 31.13 -21.14 11.12
C2 NAG Q . 31.18 -20.96 12.64
C3 NAG Q . 32.56 -21.37 13.15
C4 NAG Q . 32.94 -22.77 12.66
C5 NAG Q . 32.74 -22.86 11.14
C6 NAG Q . 32.99 -24.23 10.56
C7 NAG Q . 29.73 -19.19 13.57
C8 NAG Q . 28.68 -20.26 13.79
N2 NAG Q . 30.88 -19.61 13.01
O3 NAG Q . 32.54 -21.27 14.55
O4 NAG Q . 34.30 -22.98 12.99
O5 NAG Q . 31.41 -22.49 10.82
O6 NAG Q . 32.61 -24.26 9.21
O7 NAG Q . 29.51 -18.03 13.87
C1 BMA Q . 34.41 -23.78 14.19
C2 BMA Q . 34.17 -25.23 13.82
C3 BMA Q . 34.24 -26.12 15.09
C4 BMA Q . 35.11 -25.54 16.22
C5 BMA Q . 36.14 -24.50 15.78
C6 BMA Q . 37.50 -25.08 15.39
O2 BMA Q . 35.11 -25.61 12.85
O3 BMA Q . 34.67 -27.39 14.66
O4 BMA Q . 34.20 -24.99 17.16
O5 BMA Q . 35.69 -23.62 14.76
O6 BMA Q . 37.33 -25.88 14.23
C1 NAG R . 31.26 7.17 -13.05
C2 NAG R . 32.13 6.26 -13.94
C3 NAG R . 33.62 6.38 -13.60
C4 NAG R . 34.06 7.83 -13.40
C5 NAG R . 33.09 8.54 -12.46
C6 NAG R . 33.42 9.98 -12.19
C7 NAG R . 31.50 3.99 -14.73
C8 NAG R . 31.70 4.51 -16.14
N2 NAG R . 31.72 4.89 -13.76
O3 NAG R . 34.34 5.75 -14.61
O4 NAG R . 35.35 7.76 -12.84
O5 NAG R . 31.80 8.47 -13.03
O6 NAG R . 32.46 10.53 -11.31
O7 NAG R . 31.15 2.84 -14.51
C1 NAG R . 36.31 8.44 -13.67
C2 NAG R . 37.51 8.78 -12.78
C3 NAG R . 38.61 9.44 -13.62
C4 NAG R . 38.95 8.56 -14.82
C5 NAG R . 37.66 8.26 -15.61
C6 NAG R . 37.87 7.39 -16.83
C7 NAG R . 36.84 9.20 -10.46
C8 NAG R . 36.43 10.27 -9.47
N2 NAG R . 37.11 9.64 -11.70
O3 NAG R . 39.72 9.64 -12.79
O4 NAG R . 39.88 9.27 -15.61
O5 NAG R . 36.73 7.62 -14.74
O6 NAG R . 38.50 6.19 -16.44
O7 NAG R . 36.91 8.02 -10.13
C1 NAG S . 10.87 -30.11 14.57
C2 NAG S . 10.98 -30.95 15.83
C3 NAG S . 11.29 -32.39 15.47
C4 NAG S . 10.37 -32.95 14.38
C5 NAG S . 10.23 -31.94 13.23
C6 NAG S . 9.18 -32.31 12.20
C7 NAG S . 11.79 -29.48 17.65
C8 NAG S . 13.02 -29.09 18.43
N2 NAG S . 11.99 -30.41 16.70
O3 NAG S . 11.20 -33.15 16.66
O4 NAG S . 11.00 -34.13 13.94
O5 NAG S . 9.88 -30.67 13.74
O6 NAG S . 7.97 -32.62 12.83
O7 NAG S . 10.71 -28.97 17.88
C1 NAG S . 10.08 -35.24 13.92
C2 NAG S . 10.69 -36.34 13.04
C3 NAG S . 9.80 -37.57 13.05
C4 NAG S . 9.46 -38.00 14.47
C5 NAG S . 8.91 -36.80 15.25
C6 NAG S . 8.59 -37.11 16.70
C7 NAG S . 12.10 -35.67 11.14
C8 NAG S . 12.07 -35.16 9.71
N2 NAG S . 10.90 -35.86 11.71
O3 NAG S . 10.45 -38.59 12.34
O4 NAG S . 8.52 -39.04 14.39
O5 NAG S . 9.86 -35.75 15.22
O6 NAG S . 8.21 -35.93 17.36
O7 NAG S . 13.16 -35.88 11.71
C1 BMA S . 9.13 -40.26 14.86
C2 BMA S . 8.01 -41.17 15.34
C3 BMA S . 8.61 -42.49 15.90
C4 BMA S . 9.99 -42.86 15.32
C5 BMA S . 10.29 -42.23 13.96
C6 BMA S . 9.77 -43.05 12.78
O2 BMA S . 7.11 -41.39 14.29
O3 BMA S . 7.63 -43.49 15.68
O4 BMA S . 10.93 -42.46 16.29
O5 BMA S . 9.86 -40.89 13.83
O6 BMA S . 9.97 -42.30 11.61
C1 NAG T . -6.13 -25.56 22.03
C2 NAG T . -7.08 -26.76 22.02
C3 NAG T . -8.17 -26.62 23.08
C4 NAG T . -7.55 -26.31 24.43
C5 NAG T . -6.61 -25.09 24.31
C6 NAG T . -5.90 -24.72 25.59
C7 NAG T . -7.24 -27.82 19.83
C8 NAG T . -7.94 -27.81 18.50
N2 NAG T . -7.65 -26.91 20.71
O3 NAG T . -8.90 -27.81 23.10
O4 NAG T . -8.62 -26.05 25.30
O5 NAG T . -5.63 -25.38 23.34
O6 NAG T . -4.77 -23.94 25.30
O7 NAG T . -6.34 -28.61 20.06
C1 NAG T . -8.55 -26.93 26.44
C2 NAG T . -9.43 -26.34 27.53
C3 NAG T . -9.37 -27.22 28.76
C4 NAG T . -9.73 -28.66 28.38
C5 NAG T . -8.88 -29.14 27.19
C6 NAG T . -9.25 -30.52 26.71
C7 NAG T . -9.71 -23.90 27.42
C8 NAG T . -9.10 -22.57 27.83
N2 NAG T . -9.04 -24.99 27.82
O3 NAG T . -10.25 -26.71 29.71
O4 NAG T . -9.49 -29.45 29.52
O5 NAG T . -9.01 -28.22 26.13
O6 NAG T . -8.62 -30.77 25.48
O7 NAG T . -10.76 -23.94 26.79
C1 BMA T . -10.76 -29.93 30.03
C2 BMA T . -10.44 -31.10 30.94
C3 BMA T . -11.76 -31.65 31.53
C4 BMA T . -12.82 -30.58 31.87
C5 BMA T . -12.36 -29.13 31.76
C6 BMA T . -11.81 -28.51 33.04
O2 BMA T . -9.53 -30.67 31.91
O3 BMA T . -11.39 -32.46 32.62
O4 BMA T . -13.88 -30.83 30.97
O5 BMA T . -11.42 -28.88 30.70
O6 BMA T . -11.17 -27.31 32.65
C1 MAN T . -10.86 -33.70 32.08
C2 MAN T . -11.87 -34.82 32.38
C3 MAN T . -11.93 -35.09 33.88
C4 MAN T . -10.53 -35.38 34.43
C5 MAN T . -9.60 -34.22 34.06
C6 MAN T . -8.17 -34.50 34.44
O2 MAN T . -11.45 -35.95 31.66
O3 MAN T . -12.80 -36.18 34.08
O4 MAN T . -10.65 -35.53 35.82
O5 MAN T . -9.61 -34.01 32.66
O6 MAN T . -7.35 -34.38 33.30
C1 MAN T . -11.41 -26.28 33.63
C2 MAN T . -12.89 -25.88 33.60
C3 MAN T . -13.23 -25.21 32.26
C4 MAN T . -12.29 -24.05 31.98
C5 MAN T . -10.84 -24.54 32.08
C6 MAN T . -9.85 -23.40 31.95
O2 MAN T . -13.10 -25.02 34.68
O3 MAN T . -14.57 -24.79 32.34
O4 MAN T . -12.59 -23.58 30.68
O5 MAN T . -10.62 -25.15 33.35
O6 MAN T . -8.90 -23.72 30.95
C1 NAG U . -17.12 -39.21 4.95
C2 NAG U . -16.69 -38.40 3.72
C3 NAG U . -17.72 -38.54 2.60
C4 NAG U . -18.07 -39.99 2.32
C5 NAG U . -18.41 -40.70 3.64
C6 NAG U . -18.67 -42.18 3.50
C7 NAG U . -15.30 -36.40 4.09
C8 NAG U . -14.13 -37.29 3.77
N2 NAG U . -16.50 -37.02 4.05
O3 NAG U . -17.20 -37.91 1.46
O4 NAG U . -19.17 -39.97 1.44
O5 NAG U . -17.34 -40.54 4.55
O6 NAG U . -17.52 -42.82 3.02
O7 NAG U . -15.16 -35.22 4.37
C1 NAG U . -18.85 -40.69 0.22
C2 NAG U . -20.15 -40.86 -0.58
C3 NAG U . -19.88 -41.58 -1.91
C4 NAG U . -18.73 -40.90 -2.66
C5 NAG U . -17.52 -40.70 -1.73
C6 NAG U . -16.39 -39.94 -2.37
C7 NAG U . -21.46 -42.63 0.78
C8 NAG U . -20.41 -43.72 0.70
N2 NAG U . -21.25 -41.43 0.19
O3 NAG U . -21.06 -41.57 -2.65
O4 NAG U . -18.40 -41.75 -3.74
O5 NAG U . -17.93 -39.99 -0.56
O6 NAG U . -16.83 -38.68 -2.80
O7 NAG U . -22.50 -42.86 1.37
C1 BMA U . -18.76 -41.12 -4.98
C2 BMA U . -17.71 -41.50 -6.01
C3 BMA U . -18.04 -40.84 -7.37
C4 BMA U . -19.54 -40.52 -7.60
C5 BMA U . -20.49 -41.34 -6.73
C6 BMA U . -20.85 -42.69 -7.36
O2 BMA U . -17.66 -42.90 -6.09
O3 BMA U . -17.51 -41.68 -8.36
O4 BMA U . -19.68 -39.13 -7.32
O5 BMA U . -20.05 -41.55 -5.39
O6 BMA U . -21.62 -43.40 -6.42
C1 NAG V . -11.85 -34.22 6.42
C2 NAG V . -11.13 -35.34 5.67
C3 NAG V . -11.35 -36.66 6.40
C4 NAG V . -10.99 -36.55 7.88
C5 NAG V . -11.67 -35.32 8.49
C6 NAG V . -11.35 -35.06 9.95
C7 NAG V . -11.03 -34.92 3.23
C8 NAG V . -11.75 -35.15 1.93
N2 NAG V . -11.62 -35.43 4.32
O3 NAG V . -10.59 -37.65 5.76
O4 NAG V . -11.47 -37.73 8.47
O5 NAG V . -11.33 -34.17 7.73
O6 NAG V . -10.07 -34.51 10.08
O7 NAG V . -9.97 -34.31 3.26
C1 NAG V . -10.38 -38.50 9.04
C2 NAG V . -10.94 -39.25 10.24
C3 NAG V . -9.95 -40.27 10.79
C4 NAG V . -9.39 -41.13 9.66
C5 NAG V . -8.80 -40.19 8.60
C6 NAG V . -8.11 -40.87 7.43
C7 NAG V . -12.47 -38.18 11.87
C8 NAG V . -12.55 -37.05 12.87
N2 NAG V . -11.28 -38.27 11.25
O3 NAG V . -10.59 -41.04 11.76
O4 NAG V . -8.41 -41.98 10.25
O5 NAG V . -9.85 -39.40 8.10
O6 NAG V . -7.65 -39.90 6.52
O7 NAG V . -13.40 -38.93 11.67
C1 BMA V . -8.62 -43.35 9.81
C2 BMA V . -7.31 -44.08 10.00
C3 BMA V . -7.45 -45.52 9.45
C4 BMA V . -8.88 -46.09 9.49
C5 BMA V . -9.82 -45.39 10.47
C6 BMA V . -9.77 -45.98 11.88
O2 BMA V . -6.97 -44.04 11.35
O3 BMA V . -6.52 -46.31 10.16
O4 BMA V . -9.37 -45.99 8.16
O5 BMA V . -9.64 -43.98 10.55
O6 BMA V . -10.62 -45.21 12.70
C1 MAN V . -5.73 -47.07 9.23
C2 MAN V . -5.09 -48.23 9.99
C3 MAN V . -4.11 -47.68 11.03
C4 MAN V . -3.08 -46.79 10.36
C5 MAN V . -3.78 -45.69 9.54
C6 MAN V . -2.80 -44.90 8.70
O2 MAN V . -4.45 -49.04 9.03
O3 MAN V . -3.52 -48.79 11.67
O4 MAN V . -2.28 -46.24 11.38
O5 MAN V . -4.72 -46.27 8.65
O6 MAN V . -2.71 -45.49 7.42
C1 MAN V . -10.91 -45.95 13.90
C2 MAN V . -12.07 -45.26 14.61
C3 MAN V . -12.38 -46.00 15.91
C4 MAN V . -11.14 -46.21 16.78
C5 MAN V . -9.93 -46.70 15.95
C6 MAN V . -10.02 -48.17 15.61
O2 MAN V . -13.15 -45.27 13.72
O3 MAN V . -13.02 -47.21 15.57
O4 MAN V . -10.86 -44.97 17.40
O5 MAN V . -9.79 -45.97 14.75
O6 MAN V . -10.73 -48.85 16.61
C1 NAG W . -26.43 -23.25 -1.51
C2 NAG W . -27.84 -23.68 -1.07
C3 NAG W . -27.75 -24.82 -0.06
C4 NAG W . -26.84 -25.93 -0.54
C5 NAG W . -25.49 -25.34 -0.94
C6 NAG W . -24.49 -26.35 -1.45
C7 NAG W . -29.56 -21.92 -1.14
C8 NAG W . -30.17 -20.79 -0.37
N2 NAG W . -28.57 -22.58 -0.52
O3 NAG W . -29.06 -25.27 0.19
O4 NAG W . -26.70 -26.86 0.52
O5 NAG W . -25.72 -24.38 -1.96
O6 NAG W . -25.09 -27.16 -2.43
O7 NAG W . -29.96 -22.22 -2.27
C1 NAG W . -27.44 -28.05 0.21
C2 NAG W . -26.74 -29.26 0.83
C3 NAG W . -27.53 -30.52 0.53
C4 NAG W . -28.99 -30.37 0.93
C5 NAG W . -29.56 -29.07 0.34
C6 NAG W . -30.99 -28.77 0.75
C7 NAG W . -24.28 -29.12 1.06
C8 NAG W . -24.50 -28.67 2.48
N2 NAG W . -25.38 -29.38 0.35
O3 NAG W . -26.89 -31.59 1.19
O4 NAG W . -29.70 -31.49 0.42
O5 NAG W . -28.74 -27.98 0.74
O6 NAG W . -31.36 -27.50 0.29
O7 NAG W . -23.14 -29.24 0.61
C1 BMA W . -29.91 -32.47 1.47
C2 BMA W . -31.08 -32.01 2.32
C3 BMA W . -31.31 -33.02 3.47
C4 BMA W . -30.84 -34.46 3.17
C5 BMA W . -30.69 -34.79 1.68
C6 BMA W . -31.97 -35.35 1.03
O2 BMA W . -32.20 -31.85 1.49
O3 BMA W . -32.68 -32.95 3.79
O4 BMA W . -29.60 -34.60 3.84
O5 BMA W . -30.18 -33.74 0.89
O6 BMA W . -32.95 -34.34 1.05
C1 NAG X . -14.72 -9.95 -29.78
C2 NAG X . -16.20 -9.84 -30.17
C3 NAG X . -16.68 -11.07 -30.95
C4 NAG X . -15.69 -11.51 -32.02
C5 NAG X . -14.29 -11.61 -31.40
C6 NAG X . -13.21 -12.04 -32.36
C7 NAG X . -17.99 -8.81 -28.79
C8 NAG X . -18.26 -7.88 -29.94
N2 NAG X . -17.00 -9.71 -28.98
O3 NAG X . -17.94 -10.77 -31.49
O4 NAG X . -16.14 -12.77 -32.45
O5 NAG X . -13.96 -10.33 -30.90
O6 NAG X . -11.98 -12.12 -31.68
O7 NAG X . -18.63 -8.75 -27.75
C1 NAG X . -16.40 -12.75 -33.87
C2 NAG X . -16.38 -14.21 -34.35
C3 NAG X . -16.73 -14.28 -35.83
C4 NAG X . -18.04 -13.56 -36.10
C5 NAG X . -17.96 -12.14 -35.53
C6 NAG X . -19.21 -11.32 -35.74
C7 NAG X . -14.83 -15.60 -33.03
C8 NAG X . -13.42 -16.11 -32.94
N2 NAG X . -15.10 -14.81 -34.08
O3 NAG X . -16.79 -15.64 -36.20
O4 NAG X . -18.25 -13.56 -37.49
O5 NAG X . -17.67 -12.19 -34.15
O6 NAG X . -20.32 -12.01 -35.17
O7 NAG X . -15.67 -15.89 -32.18
C1 NAG Y . -23.24 -17.70 19.62
C2 NAG Y . -23.46 -18.72 20.74
C3 NAG Y . -24.88 -18.59 21.29
C4 NAG Y . -25.28 -17.14 21.60
C5 NAG Y . -24.86 -16.21 20.45
C6 NAG Y . -25.04 -14.74 20.74
C7 NAG Y . -22.04 -20.67 20.23
C8 NAG Y . -22.07 -22.07 19.67
N2 NAG Y . -23.23 -20.04 20.25
O3 NAG Y . -24.95 -19.40 22.43
O4 NAG Y . -26.67 -17.17 21.74
O5 NAG Y . -23.50 -16.41 20.14
O6 NAG Y . -24.55 -14.43 22.02
O7 NAG Y . -21.01 -20.18 20.63
C1 NAG Y . -27.09 -16.55 22.98
C2 NAG Y . -28.60 -16.25 22.86
C3 NAG Y . -29.11 -15.67 24.17
C4 NAG Y . -28.72 -16.56 25.35
C5 NAG Y . -27.21 -16.82 25.31
C6 NAG Y . -26.73 -17.72 26.43
C7 NAG Y . -29.49 -15.68 20.64
C8 NAG Y . -29.65 -14.56 19.63
N2 NAG Y . -28.85 -15.35 21.77
O3 NAG Y . -30.51 -15.53 24.07
O4 NAG Y . -29.11 -15.88 26.52
O5 NAG Y . -26.88 -17.41 24.07
O6 NAG Y . -25.36 -17.98 26.28
O7 NAG Y . -29.94 -16.80 20.41
C1 BMA Y . -30.17 -16.61 27.16
C2 BMA Y . -30.16 -16.26 28.65
C3 BMA Y . -31.28 -17.05 29.38
C4 BMA Y . -32.46 -17.47 28.50
C5 BMA Y . -32.64 -16.63 27.23
C6 BMA Y . -33.47 -15.37 27.46
O2 BMA Y . -30.30 -14.87 28.77
O3 BMA Y . -31.66 -16.25 30.47
O4 BMA Y . -32.24 -18.84 28.16
O5 BMA Y . -31.42 -16.28 26.58
O6 BMA Y . -33.43 -14.60 26.28
C1 NAG Z . 25.80 -2.49 -5.37
C2 NAG Z . 26.36 -2.49 -3.94
C3 NAG Z . 27.76 -1.90 -3.94
C4 NAG Z . 28.65 -2.71 -4.89
C5 NAG Z . 27.98 -2.84 -6.26
C6 NAG Z . 28.74 -3.76 -7.19
C7 NAG Z . 24.61 -2.44 -2.24
C8 NAG Z . 23.76 -1.56 -1.36
N2 NAG Z . 25.47 -1.80 -3.04
O3 NAG Z . 28.24 -1.91 -2.63
O4 NAG Z . 29.89 -2.05 -4.96
O5 NAG Z . 26.64 -3.31 -6.15
O6 NAG Z . 27.92 -4.14 -8.26
O7 NAG Z . 24.50 -3.66 -2.20
C1 NAG Z . 30.93 -2.87 -4.38
C2 NAG Z . 32.26 -2.42 -4.98
C3 NAG Z . 33.43 -3.12 -4.29
C4 NAG Z . 33.32 -3.00 -2.78
C5 NAG Z . 31.95 -3.52 -2.36
C6 NAG Z . 31.73 -3.52 -0.85
C7 NAG Z . 32.22 -1.74 -7.35
C8 NAG Z . 32.27 -2.27 -8.75
N2 NAG Z . 32.30 -2.68 -6.39
O3 NAG Z . 34.62 -2.55 -4.77
O4 NAG Z . 34.37 -3.76 -2.21
O5 NAG Z . 30.96 -2.73 -2.97
O6 NAG Z . 30.65 -4.37 -0.54
O7 NAG Z . 32.11 -0.55 -7.11
C1 NAG AA . -16.64 -12.28 -16.58
C2 NAG AA . -16.35 -13.73 -16.19
C3 NAG AA . -16.58 -14.64 -17.38
C4 NAG AA . -18.01 -14.47 -17.88
C5 NAG AA . -18.32 -12.98 -18.11
C6 NAG AA . -19.77 -12.74 -18.46
C7 NAG AA . -14.79 -13.91 -14.31
C8 NAG AA . -13.34 -14.03 -13.91
N2 NAG AA . -15.03 -13.85 -15.63
O3 NAG AA . -16.32 -15.95 -16.98
O4 NAG AA . -18.13 -15.22 -19.07
O5 NAG AA . -17.99 -12.20 -16.96
O6 NAG AA . -20.07 -11.37 -18.35
O7 NAG AA . -15.67 -13.86 -13.46
C1 NAG AA . -19.09 -16.28 -18.89
C2 NAG AA . -19.63 -16.67 -20.28
C3 NAG AA . -20.50 -17.91 -20.20
C4 NAG AA . -19.79 -19.03 -19.46
C5 NAG AA . -19.36 -18.49 -18.09
C6 NAG AA . -18.70 -19.53 -17.21
C7 NAG AA . -19.98 -14.80 -21.85
C8 NAG AA . -20.97 -13.75 -22.26
N2 NAG AA . -20.39 -15.58 -20.84
O3 NAG AA . -20.83 -18.29 -21.52
O4 NAG AA . -20.70 -20.10 -19.35
O5 NAG AA . -18.48 -17.41 -18.29
O6 NAG AA . -18.63 -19.05 -15.89
O7 NAG AA . -18.90 -14.92 -22.40
C1 NAG BA . -1.48 39.09 4.99
C2 NAG BA . -1.34 40.05 6.18
C3 NAG BA . -2.08 41.36 5.87
C4 NAG BA . -1.63 41.91 4.52
C5 NAG BA . -1.76 40.83 3.45
C6 NAG BA . -1.37 41.28 2.06
C7 NAG BA . -1.12 39.19 8.48
C8 NAG BA . -1.88 38.57 9.63
N2 NAG BA . -1.85 39.46 7.38
O3 NAG BA . -1.86 42.26 6.93
O4 NAG BA . -2.45 43.03 4.24
O5 NAG BA . -0.98 39.71 3.82
O6 NAG BA . -1.58 40.25 1.13
O7 NAG BA . 0.07 39.44 8.57
C1 NAG CA . -14.16 31.44 -12.49
C2 NAG CA . -15.19 30.52 -11.82
C3 NAG CA . -16.54 30.61 -12.54
C4 NAG CA . -16.97 32.06 -12.71
C5 NAG CA . -15.84 32.82 -13.42
C6 NAG CA . -16.15 34.28 -13.66
C7 NAG CA . -14.55 28.43 -10.68
C8 NAG CA . -14.08 27.02 -10.91
N2 NAG CA . -14.75 29.16 -11.80
O3 NAG CA . -17.47 29.87 -11.80
O4 NAG CA . -18.15 32.05 -13.48
O5 NAG CA . -14.68 32.74 -12.62
O6 NAG CA . -16.36 34.94 -12.43
O7 NAG CA . -14.74 28.87 -9.56
C1 NAG DA . 2.40 29.91 16.64
C2 NAG DA . 3.48 30.23 17.70
C3 NAG DA . 2.80 30.56 19.03
C4 NAG DA . 1.78 31.67 18.83
C5 NAG DA . 0.84 31.33 17.67
C6 NAG DA . -0.17 32.41 17.35
C7 NAG DA . 4.24 27.89 18.19
C8 NAG DA . 5.47 27.03 18.23
N2 NAG DA . 4.45 29.17 17.82
O3 NAG DA . 3.79 30.92 19.94
O4 NAG DA . 1.07 31.81 20.04
O5 NAG DA . 1.61 31.06 16.51
O6 NAG DA . 0.49 33.64 17.16
O7 NAG DA . 3.13 27.43 18.49
ZN ZN EA . 0.91 6.53 -9.41
C1 NAG FA . -28.62 12.41 14.94
C2 NAG FA . -29.52 11.70 13.92
C3 NAG FA . -30.23 12.74 13.04
C4 NAG FA . -30.94 13.77 13.93
C5 NAG FA . -29.95 14.36 14.93
C6 NAG FA . -30.56 15.36 15.88
C7 NAG FA . -28.77 9.45 13.31
C8 NAG FA . -27.90 8.65 12.36
N2 NAG FA . -28.77 10.78 13.12
O3 NAG FA . -31.12 12.07 12.20
O4 NAG FA . -31.46 14.75 13.06
O5 NAG FA . -29.40 13.31 15.70
O6 NAG FA . -31.62 14.77 16.59
O7 NAG FA . -29.42 8.89 14.18
C1 NAG GA . 29.46 6.48 16.90
C2 NAG GA . 28.94 7.85 17.36
C3 NAG GA . 29.76 8.96 16.70
C4 NAG GA . 31.25 8.73 16.93
C5 NAG GA . 31.62 7.32 16.48
C6 NAG GA . 33.08 6.97 16.69
C7 NAG GA . 26.57 7.85 17.99
C8 NAG GA . 25.16 8.04 17.48
N2 NAG GA . 27.54 8.00 17.08
O3 NAG GA . 29.32 10.19 17.21
O4 NAG GA . 31.94 9.71 16.19
O5 NAG GA . 30.83 6.39 17.19
O6 NAG GA . 33.41 7.10 18.05
O7 NAG GA . 26.78 7.59 19.17
C1 NAG HA . -2.80 -31.89 -13.09
C2 NAG HA . -1.30 -31.91 -13.40
C3 NAG HA . -1.09 -31.90 -14.91
C4 NAG HA . -1.88 -33.02 -15.56
C5 NAG HA . -3.35 -32.93 -15.14
C6 NAG HA . -4.22 -34.03 -15.70
C7 NAG HA . 0.11 -30.91 -11.64
C8 NAG HA . 0.71 -29.62 -11.15
N2 NAG HA . -0.64 -30.80 -12.76
O3 NAG HA . 0.29 -32.01 -15.15
O4 NAG HA . -1.73 -32.89 -16.95
O5 NAG HA . -3.42 -32.99 -13.73
O6 NAG HA . -3.73 -35.28 -15.29
O7 NAG HA . 0.29 -31.97 -11.06
C1 NAG IA . 33.23 -3.49 -21.00
C2 NAG IA . 34.34 -4.54 -21.14
C3 NAG IA . 35.59 -3.89 -21.73
C4 NAG IA . 35.26 -3.13 -23.01
C5 NAG IA . 34.09 -2.17 -22.75
C6 NAG IA . 33.65 -1.40 -23.97
C7 NAG IA . 34.44 -6.47 -19.61
C8 NAG IA . 34.80 -6.89 -18.20
N2 NAG IA . 34.62 -5.16 -19.88
O3 NAG IA . 36.55 -4.90 -21.95
O4 NAG IA . 36.42 -2.44 -23.40
O5 NAG IA . 32.98 -2.90 -22.25
O6 NAG IA . 32.59 -0.52 -23.63
O7 NAG IA . 34.00 -7.27 -20.41
C1 NAG JA . 26.79 18.22 -17.56
C2 NAG JA . 26.84 18.38 -16.03
C3 NAG JA . 27.29 19.79 -15.64
C4 NAG JA . 28.57 20.16 -16.37
C5 NAG JA . 28.37 19.98 -17.88
C6 NAG JA . 29.57 20.32 -18.71
C7 NAG JA . 25.35 17.09 -14.56
C8 NAG JA . 23.93 16.98 -14.06
N2 NAG JA . 25.57 18.09 -15.44
O3 NAG JA . 27.45 19.82 -14.25
O4 NAG JA . 28.86 21.51 -16.05
O5 NAG JA . 28.02 18.63 -18.13
O6 NAG JA . 30.65 19.49 -18.34
O7 NAG JA . 26.21 16.32 -14.19
C1 NAG KA . 28.58 -14.88 -11.59
C2 NAG KA . 28.70 -16.39 -11.90
C3 NAG KA . 29.83 -16.99 -11.06
C4 NAG KA . 31.12 -16.21 -11.28
C5 NAG KA . 30.86 -14.71 -11.08
C6 NAG KA . 32.07 -13.83 -11.33
C7 NAG KA . 26.74 -17.24 -10.59
C8 NAG KA . 25.47 -18.04 -10.76
N2 NAG KA . 27.45 -17.09 -11.74
O3 NAG KA . 29.97 -18.34 -11.44
O4 NAG KA . 32.07 -16.70 -10.35
O5 NAG KA . 29.82 -14.30 -11.94
O6 NAG KA . 32.61 -14.13 -12.60
O7 NAG KA . 27.07 -16.78 -9.52
C1 NAG LA . -27.15 -4.83 -28.26
C2 NAG LA . -28.54 -5.47 -28.34
C3 NAG LA . -28.84 -5.85 -29.80
C4 NAG LA . -28.61 -4.66 -30.72
C5 NAG LA . -27.21 -4.09 -30.47
C6 NAG LA . -26.85 -2.92 -31.36
C7 NAG LA . -29.46 -6.71 -26.42
C8 NAG LA . -29.39 -8.02 -25.68
N2 NAG LA . -28.64 -6.62 -27.49
O3 NAG LA . -30.16 -6.34 -29.87
O4 NAG LA . -28.77 -5.10 -32.05
O5 NAG LA . -27.07 -3.72 -29.12
O6 NAG LA . -25.55 -2.46 -31.10
O7 NAG LA . -30.20 -5.81 -26.07
C1 NAG MA . -5.80 -3.84 -36.27
C2 NAG MA . -5.06 -5.02 -35.62
C3 NAG MA . -4.02 -5.60 -36.58
C4 NAG MA . -4.64 -5.90 -37.93
C5 NAG MA . -5.33 -4.64 -38.46
C6 NAG MA . -6.00 -4.82 -39.80
C7 NAG MA . -4.71 -5.20 -33.19
C8 NAG MA . -3.92 -4.65 -32.03
N2 NAG MA . -4.43 -4.65 -34.38
O3 NAG MA . -3.48 -6.75 -35.98
O4 NAG MA . -3.60 -6.32 -38.78
O5 NAG MA . -6.31 -4.24 -37.51
O6 NAG MA . -7.01 -5.78 -39.70
O7 NAG MA . -5.52 -6.11 -33.03
C1 NAG NA . -30.13 -9.02 -13.69
C2 NAG NA . -31.48 -8.86 -12.99
C3 NAG NA . -32.16 -10.21 -12.88
C4 NAG NA . -32.25 -10.88 -14.25
C5 NAG NA . -30.87 -10.87 -14.92
C6 NAG NA . -30.86 -11.45 -16.32
C7 NAG NA . -30.69 -8.61 -10.62
C8 NAG NA . -30.77 -7.68 -9.45
N2 NAG NA . -31.37 -8.19 -11.71
O3 NAG NA . -33.43 -10.03 -12.32
O4 NAG NA . -32.72 -12.19 -14.06
O5 NAG NA . -30.38 -9.54 -14.97
O6 NAG NA . -31.85 -10.81 -17.10
O7 NAG NA . -30.05 -9.65 -10.57
#